data_2APL
# 
_entry.id   2APL 
# 
_audit_conform.dict_name       mmcif_pdbx.dic 
_audit_conform.dict_version    5.399 
_audit_conform.dict_location   http://mmcif.pdb.org/dictionaries/ascii/mmcif_pdbx.dic 
# 
loop_
_database_2.database_id 
_database_2.database_code 
_database_2.pdbx_database_accession 
_database_2.pdbx_DOI 
PDB   2APL         pdb_00002apl 10.2210/pdb2apl/pdb 
RCSB  RCSB034165   ?            ?                   
WWPDB D_1000034165 ?            ?                   
# 
loop_
_pdbx_audit_revision_history.ordinal 
_pdbx_audit_revision_history.data_content_type 
_pdbx_audit_revision_history.major_revision 
_pdbx_audit_revision_history.minor_revision 
_pdbx_audit_revision_history.revision_date 
1 'Structure model' 1 0 2005-09-27 
2 'Structure model' 1 1 2008-04-30 
3 'Structure model' 1 2 2011-07-13 
4 'Structure model' 1 3 2024-11-20 
# 
_pdbx_audit_revision_details.ordinal             1 
_pdbx_audit_revision_details.revision_ordinal    1 
_pdbx_audit_revision_details.data_content_type   'Structure model' 
_pdbx_audit_revision_details.provider            repository 
_pdbx_audit_revision_details.type                'Initial release' 
_pdbx_audit_revision_details.description         ? 
_pdbx_audit_revision_details.details             ? 
# 
loop_
_pdbx_audit_revision_group.ordinal 
_pdbx_audit_revision_group.revision_ordinal 
_pdbx_audit_revision_group.data_content_type 
_pdbx_audit_revision_group.group 
1 2 'Structure model' 'Version format compliance' 
2 3 'Structure model' Advisory                    
3 3 'Structure model' 'Source and taxonomy'       
4 3 'Structure model' 'Version format compliance' 
5 4 'Structure model' 'Data collection'           
6 4 'Structure model' 'Database references'       
7 4 'Structure model' 'Derived calculations'      
8 4 'Structure model' 'Structure summary'         
# 
loop_
_pdbx_audit_revision_category.ordinal 
_pdbx_audit_revision_category.revision_ordinal 
_pdbx_audit_revision_category.data_content_type 
_pdbx_audit_revision_category.category 
1 4 'Structure model' chem_comp_atom            
2 4 'Structure model' chem_comp_bond            
3 4 'Structure model' database_2                
4 4 'Structure model' pdbx_entry_details        
5 4 'Structure model' pdbx_modification_feature 
6 4 'Structure model' struct_conn               
7 4 'Structure model' struct_ref_seq_dif        
# 
loop_
_pdbx_audit_revision_item.ordinal 
_pdbx_audit_revision_item.revision_ordinal 
_pdbx_audit_revision_item.data_content_type 
_pdbx_audit_revision_item.item 
1 4 'Structure model' '_database_2.pdbx_DOI'                
2 4 'Structure model' '_database_2.pdbx_database_accession' 
3 4 'Structure model' '_struct_conn.pdbx_leaving_atom_flag' 
4 4 'Structure model' '_struct_ref_seq_dif.details'         
# 
_pdbx_database_status.status_code                     REL 
_pdbx_database_status.entry_id                        2APL 
_pdbx_database_status.recvd_initial_deposition_date   2005-08-16 
_pdbx_database_status.deposit_site                    RCSB 
_pdbx_database_status.process_site                    RCSB 
_pdbx_database_status.status_code_sf                  REL 
_pdbx_database_status.status_code_mr                  ? 
_pdbx_database_status.SG_entry                        Y 
_pdbx_database_status.pdb_format_compatible           Y 
_pdbx_database_status.status_code_cs                  ? 
_pdbx_database_status.status_code_nmr_data            ? 
_pdbx_database_status.methods_development_category    ? 
# 
_pdbx_database_related.db_name        TargetDB 
_pdbx_database_related.db_id          APC80873 
_pdbx_database_related.details        . 
_pdbx_database_related.content_type   unspecified 
# 
loop_
_audit_author.name 
_audit_author.pdbx_ordinal 
'Chang, C.'                                     1 
'Quartey, P.'                                   2 
'Moy, S.'                                       3 
'Collart, F.'                                   4 
'Joachimiak, A.'                                5 
'Midwest Center for Structural Genomics (MCSG)' 6 
# 
_citation.id                        primary 
_citation.title                     'Crystal structure of protein PG0816 from Porphyromonas gingivalis' 
_citation.journal_abbrev            'To be Published' 
_citation.journal_volume            ? 
_citation.page_first                ? 
_citation.page_last                 ? 
_citation.year                      ? 
_citation.journal_id_ASTM           ? 
_citation.country                   ? 
_citation.journal_id_ISSN           ? 
_citation.journal_id_CSD            0353 
_citation.book_publisher            ? 
_citation.pdbx_database_id_PubMed   ? 
_citation.pdbx_database_id_DOI      ? 
# 
loop_
_citation_author.citation_id 
_citation_author.name 
_citation_author.ordinal 
_citation_author.identifier_ORCID 
primary 'Chang, C.'      1 ? 
primary 'Quartey, P.'    2 ? 
primary 'Moy, S.'        3 ? 
primary 'Collart, F.'    4 ? 
primary 'Joachimiak, A.' 5 ? 
# 
loop_
_entity.id 
_entity.type 
_entity.src_method 
_entity.pdbx_description 
_entity.formula_weight 
_entity.pdbx_number_of_molecules 
_entity.pdbx_ec 
_entity.pdbx_mutation 
_entity.pdbx_fragment 
_entity.details 
1 polymer man 'hypothetical protein PG0816' 17885.484 1  ? ? ? ? 
2 water   nat water                         18.015    80 ? ? ? ? 
# 
_entity_poly.entity_id                      1 
_entity_poly.type                           'polypeptide(L)' 
_entity_poly.nstd_linkage                   no 
_entity_poly.nstd_monomer                   yes 
_entity_poly.pdbx_seq_one_letter_code       
;(MSE)KSTEKKELSHFRLKLETYLNEHFPE(MSE)SGNNPFITARSDEALTAYCDAVAQGFSHPEAES(MSE)ASEVLYQ
GLHFSRYDTLVSVLEREFEQELPSPLPERLAPILLKNKAIQSVFAKYDLTDDFEASPEYEHLYTELTGTIVLLIESNHLP
TIGGGNDTV
;
_entity_poly.pdbx_seq_one_letter_code_can   
;MKSTEKKELSHFRLKLETYLNEHFPEMSGNNPFITARSDEALTAYCDAVAQGFSHPEAESMASEVLYQGLHFSRYDTLVS
VLEREFEQELPSPLPERLAPILLKNKAIQSVFAKYDLTDDFEASPEYEHLYTELTGTIVLLIESNHLPTIGGGNDTV
;
_entity_poly.pdbx_strand_id                 A 
_entity_poly.pdbx_target_identifier         APC80873 
# 
_pdbx_entity_nonpoly.entity_id   2 
_pdbx_entity_nonpoly.name        water 
_pdbx_entity_nonpoly.comp_id     HOH 
# 
loop_
_entity_poly_seq.entity_id 
_entity_poly_seq.num 
_entity_poly_seq.mon_id 
_entity_poly_seq.hetero 
1 1   MSE n 
1 2   LYS n 
1 3   SER n 
1 4   THR n 
1 5   GLU n 
1 6   LYS n 
1 7   LYS n 
1 8   GLU n 
1 9   LEU n 
1 10  SER n 
1 11  HIS n 
1 12  PHE n 
1 13  ARG n 
1 14  LEU n 
1 15  LYS n 
1 16  LEU n 
1 17  GLU n 
1 18  THR n 
1 19  TYR n 
1 20  LEU n 
1 21  ASN n 
1 22  GLU n 
1 23  HIS n 
1 24  PHE n 
1 25  PRO n 
1 26  GLU n 
1 27  MSE n 
1 28  SER n 
1 29  GLY n 
1 30  ASN n 
1 31  ASN n 
1 32  PRO n 
1 33  PHE n 
1 34  ILE n 
1 35  THR n 
1 36  ALA n 
1 37  ARG n 
1 38  SER n 
1 39  ASP n 
1 40  GLU n 
1 41  ALA n 
1 42  LEU n 
1 43  THR n 
1 44  ALA n 
1 45  TYR n 
1 46  CYS n 
1 47  ASP n 
1 48  ALA n 
1 49  VAL n 
1 50  ALA n 
1 51  GLN n 
1 52  GLY n 
1 53  PHE n 
1 54  SER n 
1 55  HIS n 
1 56  PRO n 
1 57  GLU n 
1 58  ALA n 
1 59  GLU n 
1 60  SER n 
1 61  MSE n 
1 62  ALA n 
1 63  SER n 
1 64  GLU n 
1 65  VAL n 
1 66  LEU n 
1 67  TYR n 
1 68  GLN n 
1 69  GLY n 
1 70  LEU n 
1 71  HIS n 
1 72  PHE n 
1 73  SER n 
1 74  ARG n 
1 75  TYR n 
1 76  ASP n 
1 77  THR n 
1 78  LEU n 
1 79  VAL n 
1 80  SER n 
1 81  VAL n 
1 82  LEU n 
1 83  GLU n 
1 84  ARG n 
1 85  GLU n 
1 86  PHE n 
1 87  GLU n 
1 88  GLN n 
1 89  GLU n 
1 90  LEU n 
1 91  PRO n 
1 92  SER n 
1 93  PRO n 
1 94  LEU n 
1 95  PRO n 
1 96  GLU n 
1 97  ARG n 
1 98  LEU n 
1 99  ALA n 
1 100 PRO n 
1 101 ILE n 
1 102 LEU n 
1 103 LEU n 
1 104 LYS n 
1 105 ASN n 
1 106 LYS n 
1 107 ALA n 
1 108 ILE n 
1 109 GLN n 
1 110 SER n 
1 111 VAL n 
1 112 PHE n 
1 113 ALA n 
1 114 LYS n 
1 115 TYR n 
1 116 ASP n 
1 117 LEU n 
1 118 THR n 
1 119 ASP n 
1 120 ASP n 
1 121 PHE n 
1 122 GLU n 
1 123 ALA n 
1 124 SER n 
1 125 PRO n 
1 126 GLU n 
1 127 TYR n 
1 128 GLU n 
1 129 HIS n 
1 130 LEU n 
1 131 TYR n 
1 132 THR n 
1 133 GLU n 
1 134 LEU n 
1 135 THR n 
1 136 GLY n 
1 137 THR n 
1 138 ILE n 
1 139 VAL n 
1 140 LEU n 
1 141 LEU n 
1 142 ILE n 
1 143 GLU n 
1 144 SER n 
1 145 ASN n 
1 146 HIS n 
1 147 LEU n 
1 148 PRO n 
1 149 THR n 
1 150 ILE n 
1 151 GLY n 
1 152 GLY n 
1 153 GLY n 
1 154 ASN n 
1 155 ASP n 
1 156 THR n 
1 157 VAL n 
# 
_entity_src_gen.entity_id                          1 
_entity_src_gen.pdbx_src_id                        1 
_entity_src_gen.pdbx_alt_source_flag               sample 
_entity_src_gen.pdbx_seq_type                      ? 
_entity_src_gen.pdbx_beg_seq_num                   ? 
_entity_src_gen.pdbx_end_seq_num                   ? 
_entity_src_gen.gene_src_common_name               ? 
_entity_src_gen.gene_src_genus                     Porphyromonas 
_entity_src_gen.pdbx_gene_src_gene                 ? 
_entity_src_gen.gene_src_species                   'Porphyromonas gingivalis' 
_entity_src_gen.gene_src_strain                    W83 
_entity_src_gen.gene_src_tissue                    ? 
_entity_src_gen.gene_src_tissue_fraction           ? 
_entity_src_gen.gene_src_details                   ? 
_entity_src_gen.pdbx_gene_src_fragment             ? 
_entity_src_gen.pdbx_gene_src_scientific_name      'Porphyromonas gingivalis' 
_entity_src_gen.pdbx_gene_src_ncbi_taxonomy_id     242619 
_entity_src_gen.pdbx_gene_src_variant              ? 
_entity_src_gen.pdbx_gene_src_cell_line            ? 
_entity_src_gen.pdbx_gene_src_atcc                 ? 
_entity_src_gen.pdbx_gene_src_organ                ? 
_entity_src_gen.pdbx_gene_src_organelle            ? 
_entity_src_gen.pdbx_gene_src_cell                 ? 
_entity_src_gen.pdbx_gene_src_cellular_location    ? 
_entity_src_gen.host_org_common_name               ? 
_entity_src_gen.pdbx_host_org_scientific_name      'Escherichia coli' 
_entity_src_gen.pdbx_host_org_ncbi_taxonomy_id     562 
_entity_src_gen.host_org_genus                     Escherichia 
_entity_src_gen.pdbx_host_org_gene                 ? 
_entity_src_gen.pdbx_host_org_organ                ? 
_entity_src_gen.host_org_species                   ? 
_entity_src_gen.pdbx_host_org_tissue               ? 
_entity_src_gen.pdbx_host_org_tissue_fraction      ? 
_entity_src_gen.pdbx_host_org_strain               ? 
_entity_src_gen.pdbx_host_org_variant              ? 
_entity_src_gen.pdbx_host_org_cell_line            ? 
_entity_src_gen.pdbx_host_org_atcc                 ? 
_entity_src_gen.pdbx_host_org_culture_collection   ? 
_entity_src_gen.pdbx_host_org_cell                 ? 
_entity_src_gen.pdbx_host_org_organelle            ? 
_entity_src_gen.pdbx_host_org_cellular_location    ? 
_entity_src_gen.pdbx_host_org_vector_type          plasmid 
_entity_src_gen.pdbx_host_org_vector               ? 
_entity_src_gen.host_org_details                   ? 
_entity_src_gen.expression_system_id               ? 
_entity_src_gen.plasmid_name                       ? 
_entity_src_gen.plasmid_details                    pMCSG 
_entity_src_gen.pdbx_description                   ? 
# 
loop_
_chem_comp.id 
_chem_comp.type 
_chem_comp.mon_nstd_flag 
_chem_comp.name 
_chem_comp.pdbx_synonyms 
_chem_comp.formula 
_chem_comp.formula_weight 
ALA 'L-peptide linking' y ALANINE          ? 'C3 H7 N O2'     89.093  
ARG 'L-peptide linking' y ARGININE         ? 'C6 H15 N4 O2 1' 175.209 
ASN 'L-peptide linking' y ASPARAGINE       ? 'C4 H8 N2 O3'    132.118 
ASP 'L-peptide linking' y 'ASPARTIC ACID'  ? 'C4 H7 N O4'     133.103 
CYS 'L-peptide linking' y CYSTEINE         ? 'C3 H7 N O2 S'   121.158 
GLN 'L-peptide linking' y GLUTAMINE        ? 'C5 H10 N2 O3'   146.144 
GLU 'L-peptide linking' y 'GLUTAMIC ACID'  ? 'C5 H9 N O4'     147.129 
GLY 'peptide linking'   y GLYCINE          ? 'C2 H5 N O2'     75.067  
HIS 'L-peptide linking' y HISTIDINE        ? 'C6 H10 N3 O2 1' 156.162 
HOH non-polymer         . WATER            ? 'H2 O'           18.015  
ILE 'L-peptide linking' y ISOLEUCINE       ? 'C6 H13 N O2'    131.173 
LEU 'L-peptide linking' y LEUCINE          ? 'C6 H13 N O2'    131.173 
LYS 'L-peptide linking' y LYSINE           ? 'C6 H15 N2 O2 1' 147.195 
MET 'L-peptide linking' y METHIONINE       ? 'C5 H11 N O2 S'  149.211 
MSE 'L-peptide linking' n SELENOMETHIONINE ? 'C5 H11 N O2 Se' 196.106 
PHE 'L-peptide linking' y PHENYLALANINE    ? 'C9 H11 N O2'    165.189 
PRO 'L-peptide linking' y PROLINE          ? 'C5 H9 N O2'     115.130 
SER 'L-peptide linking' y SERINE           ? 'C3 H7 N O3'     105.093 
THR 'L-peptide linking' y THREONINE        ? 'C4 H9 N O3'     119.119 
TYR 'L-peptide linking' y TYROSINE         ? 'C9 H11 N O3'    181.189 
VAL 'L-peptide linking' y VALINE           ? 'C5 H11 N O2'    117.146 
# 
loop_
_pdbx_poly_seq_scheme.asym_id 
_pdbx_poly_seq_scheme.entity_id 
_pdbx_poly_seq_scheme.seq_id 
_pdbx_poly_seq_scheme.mon_id 
_pdbx_poly_seq_scheme.ndb_seq_num 
_pdbx_poly_seq_scheme.pdb_seq_num 
_pdbx_poly_seq_scheme.auth_seq_num 
_pdbx_poly_seq_scheme.pdb_mon_id 
_pdbx_poly_seq_scheme.auth_mon_id 
_pdbx_poly_seq_scheme.pdb_strand_id 
_pdbx_poly_seq_scheme.pdb_ins_code 
_pdbx_poly_seq_scheme.hetero 
A 1 1   MSE 1   1   ?   ?   ?   A . n 
A 1 2   LYS 2   2   2   LYS ALA A . n 
A 1 3   SER 3   3   3   SER SER A . n 
A 1 4   THR 4   4   4   THR THR A . n 
A 1 5   GLU 5   5   5   GLU GLU A . n 
A 1 6   LYS 6   6   6   LYS LYS A . n 
A 1 7   LYS 7   7   7   LYS LYS A . n 
A 1 8   GLU 8   8   8   GLU GLU A . n 
A 1 9   LEU 9   9   9   LEU LEU A . n 
A 1 10  SER 10  10  10  SER SER A . n 
A 1 11  HIS 11  11  11  HIS HIS A . n 
A 1 12  PHE 12  12  12  PHE PHE A . n 
A 1 13  ARG 13  13  13  ARG ARG A . n 
A 1 14  LEU 14  14  14  LEU LEU A . n 
A 1 15  LYS 15  15  15  LYS LYS A . n 
A 1 16  LEU 16  16  16  LEU LEU A . n 
A 1 17  GLU 17  17  17  GLU GLU A . n 
A 1 18  THR 18  18  18  THR THR A . n 
A 1 19  TYR 19  19  19  TYR TYR A . n 
A 1 20  LEU 20  20  20  LEU LEU A . n 
A 1 21  ASN 21  21  21  ASN ASN A . n 
A 1 22  GLU 22  22  22  GLU GLU A . n 
A 1 23  HIS 23  23  23  HIS HIS A . n 
A 1 24  PHE 24  24  24  PHE PHE A . n 
A 1 25  PRO 25  25  25  PRO PRO A . n 
A 1 26  GLU 26  26  26  GLU GLU A . n 
A 1 27  MSE 27  27  27  MSE MSE A . n 
A 1 28  SER 28  28  28  SER SER A . n 
A 1 29  GLY 29  29  29  GLY GLY A . n 
A 1 30  ASN 30  30  30  ASN ASN A . n 
A 1 31  ASN 31  31  31  ASN ASN A . n 
A 1 32  PRO 32  32  32  PRO PRO A . n 
A 1 33  PHE 33  33  33  PHE PHE A . n 
A 1 34  ILE 34  34  34  ILE ILE A . n 
A 1 35  THR 35  35  35  THR THR A . n 
A 1 36  ALA 36  36  36  ALA ALA A . n 
A 1 37  ARG 37  37  37  ARG ARG A . n 
A 1 38  SER 38  38  38  SER SER A . n 
A 1 39  ASP 39  39  39  ASP ASP A . n 
A 1 40  GLU 40  40  40  GLU GLU A . n 
A 1 41  ALA 41  41  41  ALA ALA A . n 
A 1 42  LEU 42  42  42  LEU LEU A . n 
A 1 43  THR 43  43  43  THR THR A . n 
A 1 44  ALA 44  44  44  ALA ALA A . n 
A 1 45  TYR 45  45  45  TYR TYR A . n 
A 1 46  CYS 46  46  46  CYS CYS A . n 
A 1 47  ASP 47  47  47  ASP ASP A . n 
A 1 48  ALA 48  48  48  ALA ALA A . n 
A 1 49  VAL 49  49  49  VAL VAL A . n 
A 1 50  ALA 50  50  50  ALA ALA A . n 
A 1 51  GLN 51  51  51  GLN GLN A . n 
A 1 52  GLY 52  52  52  GLY GLY A . n 
A 1 53  PHE 53  53  53  PHE PHE A . n 
A 1 54  SER 54  54  54  SER SER A . n 
A 1 55  HIS 55  55  55  HIS HIS A . n 
A 1 56  PRO 56  56  56  PRO PRO A . n 
A 1 57  GLU 57  57  57  GLU GLU A . n 
A 1 58  ALA 58  58  58  ALA ALA A . n 
A 1 59  GLU 59  59  59  GLU GLU A . n 
A 1 60  SER 60  60  60  SER SER A . n 
A 1 61  MSE 61  61  61  MSE MSE A . n 
A 1 62  ALA 62  62  62  ALA ALA A . n 
A 1 63  SER 63  63  63  SER SER A . n 
A 1 64  GLU 64  64  64  GLU GLU A . n 
A 1 65  VAL 65  65  65  VAL VAL A . n 
A 1 66  LEU 66  66  66  LEU LEU A . n 
A 1 67  TYR 67  67  67  TYR TYR A . n 
A 1 68  GLN 68  68  68  GLN GLN A . n 
A 1 69  GLY 69  69  69  GLY GLY A . n 
A 1 70  LEU 70  70  70  LEU LEU A . n 
A 1 71  HIS 71  71  71  HIS HIS A . n 
A 1 72  PHE 72  72  72  PHE PHE A . n 
A 1 73  SER 73  73  73  SER SER A . n 
A 1 74  ARG 74  74  74  ARG ARG A . n 
A 1 75  TYR 75  75  75  TYR TYR A . n 
A 1 76  ASP 76  76  76  ASP ASP A . n 
A 1 77  THR 77  77  77  THR THR A . n 
A 1 78  LEU 78  78  78  LEU LEU A . n 
A 1 79  VAL 79  79  79  VAL VAL A . n 
A 1 80  SER 80  80  80  SER SER A . n 
A 1 81  VAL 81  81  81  VAL VAL A . n 
A 1 82  LEU 82  82  82  LEU LEU A . n 
A 1 83  GLU 83  83  83  GLU GLU A . n 
A 1 84  ARG 84  84  84  ARG ARG A . n 
A 1 85  GLU 85  85  85  GLU GLU A . n 
A 1 86  PHE 86  86  86  PHE PHE A . n 
A 1 87  GLU 87  87  87  GLU GLU A . n 
A 1 88  GLN 88  88  88  GLN GLN A . n 
A 1 89  GLU 89  89  89  GLU GLU A . n 
A 1 90  LEU 90  90  90  LEU LEU A . n 
A 1 91  PRO 91  91  91  PRO PRO A . n 
A 1 92  SER 92  92  92  SER SER A . n 
A 1 93  PRO 93  93  93  PRO PRO A . n 
A 1 94  LEU 94  94  94  LEU LEU A . n 
A 1 95  PRO 95  95  95  PRO PRO A . n 
A 1 96  GLU 96  96  96  GLU GLU A . n 
A 1 97  ARG 97  97  97  ARG ARG A . n 
A 1 98  LEU 98  98  98  LEU LEU A . n 
A 1 99  ALA 99  99  99  ALA ALA A . n 
A 1 100 PRO 100 100 100 PRO PRO A . n 
A 1 101 ILE 101 101 101 ILE ILE A . n 
A 1 102 LEU 102 102 102 LEU LEU A . n 
A 1 103 LEU 103 103 103 LEU LEU A . n 
A 1 104 LYS 104 104 104 LYS LYS A . n 
A 1 105 ASN 105 105 105 ASN ASN A . n 
A 1 106 LYS 106 106 106 LYS LYS A . n 
A 1 107 ALA 107 107 107 ALA ALA A . n 
A 1 108 ILE 108 108 108 ILE ILE A . n 
A 1 109 GLN 109 109 109 GLN GLN A . n 
A 1 110 SER 110 110 110 SER SER A . n 
A 1 111 VAL 111 111 111 VAL VAL A . n 
A 1 112 PHE 112 112 112 PHE PHE A . n 
A 1 113 ALA 113 113 113 ALA ALA A . n 
A 1 114 LYS 114 114 114 LYS LYS A . n 
A 1 115 TYR 115 115 115 TYR TYR A . n 
A 1 116 ASP 116 116 116 ASP ASP A . n 
A 1 117 LEU 117 117 117 LEU LEU A . n 
A 1 118 THR 118 118 118 THR THR A . n 
A 1 119 ASP 119 119 119 ASP ASP A . n 
A 1 120 ASP 120 120 120 ASP ASP A . n 
A 1 121 PHE 121 121 121 PHE PHE A . n 
A 1 122 GLU 122 122 122 GLU GLU A . n 
A 1 123 ALA 123 123 123 ALA ALA A . n 
A 1 124 SER 124 124 124 SER SER A . n 
A 1 125 PRO 125 125 125 PRO PRO A . n 
A 1 126 GLU 126 126 126 GLU GLU A . n 
A 1 127 TYR 127 127 127 TYR TYR A . n 
A 1 128 GLU 128 128 128 GLU GLU A . n 
A 1 129 HIS 129 129 129 HIS HIS A . n 
A 1 130 LEU 130 130 130 LEU LEU A . n 
A 1 131 TYR 131 131 131 TYR TYR A . n 
A 1 132 THR 132 132 132 THR THR A . n 
A 1 133 GLU 133 133 133 GLU GLU A . n 
A 1 134 LEU 134 134 134 LEU LEU A . n 
A 1 135 THR 135 135 135 THR THR A . n 
A 1 136 GLY 136 136 136 GLY GLY A . n 
A 1 137 THR 137 137 137 THR THR A . n 
A 1 138 ILE 138 138 138 ILE ILE A . n 
A 1 139 VAL 139 139 139 VAL VAL A . n 
A 1 140 LEU 140 140 140 LEU LEU A . n 
A 1 141 LEU 141 141 141 LEU LEU A . n 
A 1 142 ILE 142 142 142 ILE ILE A . n 
A 1 143 GLU 143 143 143 GLU GLU A . n 
A 1 144 SER 144 144 144 SER SER A . n 
A 1 145 ASN 145 145 145 ASN ASN A . n 
A 1 146 HIS 146 146 146 HIS HIS A . n 
A 1 147 LEU 147 147 147 LEU LEU A . n 
A 1 148 PRO 148 148 148 PRO PRO A . n 
A 1 149 THR 149 149 149 THR THR A . n 
A 1 150 ILE 150 150 150 ILE ALA A . n 
A 1 151 GLY 151 151 ?   ?   ?   A . n 
A 1 152 GLY 152 152 ?   ?   ?   A . n 
A 1 153 GLY 153 153 ?   ?   ?   A . n 
A 1 154 ASN 154 154 ?   ?   ?   A . n 
A 1 155 ASP 155 155 ?   ?   ?   A . n 
A 1 156 THR 156 156 ?   ?   ?   A . n 
A 1 157 VAL 157 157 ?   ?   ?   A . n 
# 
loop_
_pdbx_nonpoly_scheme.asym_id 
_pdbx_nonpoly_scheme.entity_id 
_pdbx_nonpoly_scheme.mon_id 
_pdbx_nonpoly_scheme.ndb_seq_num 
_pdbx_nonpoly_scheme.pdb_seq_num 
_pdbx_nonpoly_scheme.auth_seq_num 
_pdbx_nonpoly_scheme.pdb_mon_id 
_pdbx_nonpoly_scheme.auth_mon_id 
_pdbx_nonpoly_scheme.pdb_strand_id 
_pdbx_nonpoly_scheme.pdb_ins_code 
B 2 HOH 1  158 1  HOH HOH A . 
B 2 HOH 2  159 2  HOH HOH A . 
B 2 HOH 3  160 3  HOH HOH A . 
B 2 HOH 4  161 4  HOH HOH A . 
B 2 HOH 5  162 5  HOH HOH A . 
B 2 HOH 6  163 6  HOH HOH A . 
B 2 HOH 7  164 7  HOH HOH A . 
B 2 HOH 8  165 8  HOH HOH A . 
B 2 HOH 9  166 9  HOH HOH A . 
B 2 HOH 10 167 10 HOH HOH A . 
B 2 HOH 11 168 11 HOH HOH A . 
B 2 HOH 12 169 12 HOH HOH A . 
B 2 HOH 13 170 13 HOH HOH A . 
B 2 HOH 14 171 14 HOH HOH A . 
B 2 HOH 15 172 15 HOH HOH A . 
B 2 HOH 16 173 16 HOH HOH A . 
B 2 HOH 17 174 17 HOH HOH A . 
B 2 HOH 18 175 18 HOH HOH A . 
B 2 HOH 19 176 19 HOH HOH A . 
B 2 HOH 20 177 20 HOH HOH A . 
B 2 HOH 21 178 21 HOH HOH A . 
B 2 HOH 22 179 22 HOH HOH A . 
B 2 HOH 23 180 23 HOH HOH A . 
B 2 HOH 24 181 24 HOH HOH A . 
B 2 HOH 25 182 25 HOH HOH A . 
B 2 HOH 26 183 26 HOH HOH A . 
B 2 HOH 27 184 27 HOH HOH A . 
B 2 HOH 28 185 29 HOH HOH A . 
B 2 HOH 29 186 30 HOH HOH A . 
B 2 HOH 30 187 31 HOH HOH A . 
B 2 HOH 31 188 32 HOH HOH A . 
B 2 HOH 32 189 33 HOH HOH A . 
B 2 HOH 33 190 34 HOH HOH A . 
B 2 HOH 34 191 35 HOH HOH A . 
B 2 HOH 35 192 36 HOH HOH A . 
B 2 HOH 36 193 37 HOH HOH A . 
B 2 HOH 37 194 38 HOH HOH A . 
B 2 HOH 38 195 39 HOH HOH A . 
B 2 HOH 39 196 40 HOH HOH A . 
B 2 HOH 40 197 41 HOH HOH A . 
B 2 HOH 41 198 42 HOH HOH A . 
B 2 HOH 42 199 43 HOH HOH A . 
B 2 HOH 43 200 44 HOH HOH A . 
B 2 HOH 44 201 45 HOH HOH A . 
B 2 HOH 45 202 46 HOH HOH A . 
B 2 HOH 46 203 47 HOH HOH A . 
B 2 HOH 47 204 48 HOH HOH A . 
B 2 HOH 48 205 49 HOH HOH A . 
B 2 HOH 49 206 50 HOH HOH A . 
B 2 HOH 50 207 51 HOH HOH A . 
B 2 HOH 51 208 52 HOH HOH A . 
B 2 HOH 52 209 53 HOH HOH A . 
B 2 HOH 53 210 54 HOH HOH A . 
B 2 HOH 54 211 55 HOH HOH A . 
B 2 HOH 55 212 56 HOH HOH A . 
B 2 HOH 56 213 57 HOH HOH A . 
B 2 HOH 57 214 58 HOH HOH A . 
B 2 HOH 58 215 59 HOH HOH A . 
B 2 HOH 59 216 60 HOH HOH A . 
B 2 HOH 60 217 61 HOH HOH A . 
B 2 HOH 61 218 62 HOH HOH A . 
B 2 HOH 62 219 63 HOH HOH A . 
B 2 HOH 63 220 64 HOH HOH A . 
B 2 HOH 64 221 65 HOH HOH A . 
B 2 HOH 65 222 66 HOH HOH A . 
B 2 HOH 66 223 67 HOH HOH A . 
B 2 HOH 67 224 68 HOH HOH A . 
B 2 HOH 68 225 69 HOH HOH A . 
B 2 HOH 69 226 70 HOH HOH A . 
B 2 HOH 70 227 71 HOH HOH A . 
B 2 HOH 71 228 72 HOH HOH A . 
B 2 HOH 72 229 73 HOH HOH A . 
B 2 HOH 73 230 74 HOH HOH A . 
B 2 HOH 74 231 75 HOH HOH A . 
B 2 HOH 75 232 76 HOH HOH A . 
B 2 HOH 76 233 77 HOH HOH A . 
B 2 HOH 77 234 78 HOH HOH A . 
B 2 HOH 78 235 79 HOH HOH A . 
B 2 HOH 79 236 80 HOH HOH A . 
B 2 HOH 80 237 81 HOH HOH A . 
# 
loop_
_pdbx_unobs_or_zero_occ_atoms.id 
_pdbx_unobs_or_zero_occ_atoms.PDB_model_num 
_pdbx_unobs_or_zero_occ_atoms.polymer_flag 
_pdbx_unobs_or_zero_occ_atoms.occupancy_flag 
_pdbx_unobs_or_zero_occ_atoms.auth_asym_id 
_pdbx_unobs_or_zero_occ_atoms.auth_comp_id 
_pdbx_unobs_or_zero_occ_atoms.auth_seq_id 
_pdbx_unobs_or_zero_occ_atoms.PDB_ins_code 
_pdbx_unobs_or_zero_occ_atoms.auth_atom_id 
_pdbx_unobs_or_zero_occ_atoms.label_alt_id 
_pdbx_unobs_or_zero_occ_atoms.label_asym_id 
_pdbx_unobs_or_zero_occ_atoms.label_comp_id 
_pdbx_unobs_or_zero_occ_atoms.label_seq_id 
_pdbx_unobs_or_zero_occ_atoms.label_atom_id 
1 1 Y 1 A LYS 2   ? CG  ? A LYS 2   CG  
2 1 Y 1 A LYS 2   ? CD  ? A LYS 2   CD  
3 1 Y 1 A LYS 2   ? CE  ? A LYS 2   CE  
4 1 Y 1 A LYS 2   ? NZ  ? A LYS 2   NZ  
5 1 Y 1 A ILE 150 ? CG1 ? A ILE 150 CG1 
6 1 Y 1 A ILE 150 ? CG2 ? A ILE 150 CG2 
7 1 Y 1 A ILE 150 ? CD1 ? A ILE 150 CD1 
# 
loop_
_software.name 
_software.classification 
_software.version 
_software.citation_id 
_software.pdbx_ordinal 
REFMAC    refinement       5.2.0005 ? 1 
HKL-2000  'data reduction' .        ? 2 
SCALEPACK 'data scaling'   .        ? 3 
HKL-3000  phasing          .        ? 4 
# 
_cell.entry_id           2APL 
_cell.length_a           40.947 
_cell.length_b           55.159 
_cell.length_c           80.984 
_cell.angle_alpha        90.00 
_cell.angle_beta         90.00 
_cell.angle_gamma        90.00 
_cell.Z_PDB              4 
_cell.pdbx_unique_axis   ? 
_cell.length_a_esd       ? 
_cell.length_b_esd       ? 
_cell.length_c_esd       ? 
_cell.angle_alpha_esd    ? 
_cell.angle_beta_esd     ? 
_cell.angle_gamma_esd    ? 
# 
_symmetry.entry_id                         2APL 
_symmetry.space_group_name_H-M             'P 21 21 21' 
_symmetry.pdbx_full_space_group_name_H-M   ? 
_symmetry.cell_setting                     ? 
_symmetry.Int_Tables_number                19 
_symmetry.space_group_name_Hall            ? 
# 
_exptl.entry_id          2APL 
_exptl.method            'X-RAY DIFFRACTION' 
_exptl.crystals_number   1 
# 
_exptl_crystal.id                    1 
_exptl_crystal.density_meas          ? 
_exptl_crystal.density_Matthews      2.6 
_exptl_crystal.density_percent_sol   51.9 
_exptl_crystal.description           ? 
_exptl_crystal.F_000                 ? 
_exptl_crystal.preparation           ? 
# 
_exptl_crystal_grow.crystal_id      1 
_exptl_crystal_grow.method          'VAPOR DIFFUSION, HANGING DROP' 
_exptl_crystal_grow.temp            298 
_exptl_crystal_grow.temp_details    ? 
_exptl_crystal_grow.pH              6.5 
_exptl_crystal_grow.pdbx_details    'Ammonium Acetate, Bis-Tris, PEG 3350, pH 6.5, VAPOR DIFFUSION, HANGING DROP, temperature 298K' 
_exptl_crystal_grow.pdbx_pH_range   . 
# 
_diffrn.id                     1 
_diffrn.ambient_temp           100 
_diffrn.ambient_temp_details   ? 
_diffrn.crystal_id             1 
# 
_diffrn_detector.diffrn_id              1 
_diffrn_detector.detector               CCD 
_diffrn_detector.type                   'ADSC QUANTUM 4' 
_diffrn_detector.pdbx_collection_date   2005-08-02 
_diffrn_detector.details                ? 
# 
_diffrn_radiation.diffrn_id                        1 
_diffrn_radiation.wavelength_id                    1 
_diffrn_radiation.pdbx_monochromatic_or_laue_m_l   M 
_diffrn_radiation.monochromator                    'double crystal' 
_diffrn_radiation.pdbx_diffrn_protocol             'SINGLE WAVELENGTH' 
_diffrn_radiation.pdbx_scattering_type             x-ray 
# 
_diffrn_radiation_wavelength.id           1 
_diffrn_radiation_wavelength.wavelength   0.97954 
_diffrn_radiation_wavelength.wt           1.0 
# 
_diffrn_source.diffrn_id                   1 
_diffrn_source.source                      SYNCHROTRON 
_diffrn_source.type                        'APS BEAMLINE 19-ID' 
_diffrn_source.pdbx_synchrotron_site       APS 
_diffrn_source.pdbx_synchrotron_beamline   19-ID 
_diffrn_source.pdbx_wavelength             ? 
_diffrn_source.pdbx_wavelength_list        0.97954 
# 
_reflns.entry_id                     2APL 
_reflns.observed_criterion_sigma_F   ? 
_reflns.observed_criterion_sigma_I   -3 
_reflns.d_resolution_high            2.0 
_reflns.d_resolution_low             50 
_reflns.number_all                   ? 
_reflns.number_obs                   12416 
_reflns.percent_possible_obs         95.8 
_reflns.pdbx_Rmerge_I_obs            0.066 
_reflns.pdbx_Rsym_value              ? 
_reflns.pdbx_netI_over_sigmaI        52.4 
_reflns.B_iso_Wilson_estimate        ? 
_reflns.pdbx_redundancy              6.7 
_reflns.R_free_details               ? 
_reflns.limit_h_max                  ? 
_reflns.limit_h_min                  ? 
_reflns.limit_k_max                  ? 
_reflns.limit_k_min                  ? 
_reflns.limit_l_max                  ? 
_reflns.limit_l_min                  ? 
_reflns.observed_criterion_F_max     ? 
_reflns.observed_criterion_F_min     ? 
_reflns.pdbx_chi_squared             ? 
_reflns.pdbx_scaling_rejects         ? 
_reflns.pdbx_ordinal                 1 
_reflns.pdbx_diffrn_id               1 
# 
_reflns_shell.d_res_high             2.00 
_reflns_shell.d_res_low              2.07 
_reflns_shell.percent_possible_all   71.9 
_reflns_shell.Rmerge_I_obs           0.157 
_reflns_shell.pdbx_Rsym_value        ? 
_reflns_shell.meanI_over_sigI_obs    11.2 
_reflns_shell.pdbx_redundancy        5.4 
_reflns_shell.percent_possible_obs   ? 
_reflns_shell.number_unique_all      ? 
_reflns_shell.number_measured_all    ? 
_reflns_shell.number_measured_obs    ? 
_reflns_shell.number_unique_obs      ? 
_reflns_shell.pdbx_chi_squared       ? 
_reflns_shell.pdbx_ordinal           1 
_reflns_shell.pdbx_diffrn_id         1 
# 
_refine.entry_id                                 2APL 
_refine.ls_number_reflns_obs                     12374 
_refine.ls_number_reflns_all                     12374 
_refine.pdbx_ls_sigma_I                          ? 
_refine.pdbx_ls_sigma_F                          0 
_refine.pdbx_data_cutoff_high_absF               ? 
_refine.pdbx_data_cutoff_low_absF                ? 
_refine.pdbx_data_cutoff_high_rms_absF           ? 
_refine.ls_d_res_low                             45.60 
_refine.ls_d_res_high                            2.01 
_refine.ls_percent_reflns_obs                    96.86 
_refine.ls_R_factor_obs                          0.1987 
_refine.ls_R_factor_all                          0.1987 
_refine.ls_R_factor_R_work                       0.19692 
_refine.ls_R_factor_R_free                       0.23367 
_refine.ls_R_factor_R_free_error                 ? 
_refine.ls_R_factor_R_free_error_details         ? 
_refine.ls_percent_reflns_R_free                 4.9 
_refine.ls_number_reflns_R_free                  605 
_refine.ls_number_parameters                     ? 
_refine.ls_number_restraints                     ? 
_refine.occupancy_min                            ? 
_refine.occupancy_max                            ? 
_refine.correlation_coeff_Fo_to_Fc               0.949 
_refine.correlation_coeff_Fo_to_Fc_free          0.938 
_refine.B_iso_mean                               38.682 
_refine.aniso_B[1][1]                            2.35 
_refine.aniso_B[2][2]                            -0.92 
_refine.aniso_B[3][3]                            -1.43 
_refine.aniso_B[1][2]                            0.00 
_refine.aniso_B[1][3]                            0.00 
_refine.aniso_B[2][3]                            0.00 
_refine.solvent_model_details                    MASK 
_refine.solvent_model_param_ksol                 ? 
_refine.solvent_model_param_bsol                 ? 
_refine.pdbx_solvent_vdw_probe_radii             1.20 
_refine.pdbx_solvent_ion_probe_radii             0.80 
_refine.pdbx_solvent_shrinkage_radii             0.80 
_refine.pdbx_ls_cross_valid_method               THROUGHOUT 
_refine.details                                  'HYDROGENS HAVE BEEN ADDED IN THE RIDING POSITIONS.' 
_refine.pdbx_starting_model                      ? 
_refine.pdbx_method_to_determine_struct          SAD 
_refine.pdbx_isotropic_thermal_model             ? 
_refine.pdbx_stereochemistry_target_values       'MAXIMUM LIKELIHOOD' 
_refine.pdbx_stereochem_target_val_spec_case     ? 
_refine.pdbx_R_Free_selection_details            RANDOM 
_refine.pdbx_overall_ESU_R                       0.177 
_refine.pdbx_overall_ESU_R_Free                  0.159 
_refine.overall_SU_ML                            0.107 
_refine.overall_SU_B                             7.426 
_refine.ls_redundancy_reflns_obs                 ? 
_refine.B_iso_min                                ? 
_refine.B_iso_max                                ? 
_refine.overall_SU_R_Cruickshank_DPI             ? 
_refine.overall_SU_R_free                        ? 
_refine.ls_wR_factor_R_free                      ? 
_refine.ls_wR_factor_R_work                      ? 
_refine.overall_FOM_free_R_set                   ? 
_refine.overall_FOM_work_R_set                   ? 
_refine.pdbx_refine_id                           'X-RAY DIFFRACTION' 
_refine.pdbx_TLS_residual_ADP_flag               'LIKELY RESIDUAL' 
_refine.pdbx_diffrn_id                           1 
_refine.pdbx_overall_phase_error                 ? 
_refine.pdbx_overall_SU_R_free_Cruickshank_DPI   ? 
_refine.pdbx_overall_SU_R_Blow_DPI               ? 
_refine.pdbx_overall_SU_R_free_Blow_DPI          ? 
# 
_refine_hist.pdbx_refine_id                   'X-RAY DIFFRACTION' 
_refine_hist.cycle_id                         LAST 
_refine_hist.pdbx_number_atoms_protein        1192 
_refine_hist.pdbx_number_atoms_nucleic_acid   0 
_refine_hist.pdbx_number_atoms_ligand         0 
_refine_hist.number_atoms_solvent             80 
_refine_hist.number_atoms_total               1272 
_refine_hist.d_res_high                       2.01 
_refine_hist.d_res_low                        45.60 
# 
loop_
_refine_ls_restr.type 
_refine_ls_restr.dev_ideal 
_refine_ls_restr.dev_ideal_target 
_refine_ls_restr.weight 
_refine_ls_restr.number 
_refine_ls_restr.pdbx_refine_id 
_refine_ls_restr.pdbx_restraint_function 
r_bond_refined_d             0.020  0.022  ? 1221 'X-RAY DIFFRACTION' ? 
r_bond_other_d               ?      ?      ? ?    'X-RAY DIFFRACTION' ? 
r_angle_refined_deg          1.600  1.976  ? 1660 'X-RAY DIFFRACTION' ? 
r_angle_other_deg            ?      ?      ? ?    'X-RAY DIFFRACTION' ? 
r_dihedral_angle_1_deg       5.418  5.000  ? 148  'X-RAY DIFFRACTION' ? 
r_dihedral_angle_2_deg       30.887 24.833 ? 60   'X-RAY DIFFRACTION' ? 
r_dihedral_angle_3_deg       15.728 15.000 ? 203  'X-RAY DIFFRACTION' ? 
r_dihedral_angle_4_deg       20.696 15.000 ? 5    'X-RAY DIFFRACTION' ? 
r_chiral_restr               0.118  0.200  ? 186  'X-RAY DIFFRACTION' ? 
r_gen_planes_refined         0.008  0.020  ? 937  'X-RAY DIFFRACTION' ? 
r_gen_planes_other           ?      ?      ? ?    'X-RAY DIFFRACTION' ? 
r_nbd_refined                0.216  0.200  ? 573  'X-RAY DIFFRACTION' ? 
r_nbd_other                  ?      ?      ? ?    'X-RAY DIFFRACTION' ? 
r_nbtor_refined              0.302  0.200  ? 855  'X-RAY DIFFRACTION' ? 
r_nbtor_other                ?      ?      ? ?    'X-RAY DIFFRACTION' ? 
r_xyhbond_nbd_refined        0.153  0.200  ? 71   'X-RAY DIFFRACTION' ? 
r_xyhbond_nbd_other          ?      ?      ? ?    'X-RAY DIFFRACTION' ? 
r_metal_ion_refined          ?      ?      ? ?    'X-RAY DIFFRACTION' ? 
r_metal_ion_other            ?      ?      ? ?    'X-RAY DIFFRACTION' ? 
r_symmetry_vdw_refined       0.144  0.200  ? 31   'X-RAY DIFFRACTION' ? 
r_symmetry_vdw_other         ?      ?      ? ?    'X-RAY DIFFRACTION' ? 
r_symmetry_hbond_refined     0.114  0.200  ? 8    'X-RAY DIFFRACTION' ? 
r_symmetry_hbond_other       ?      ?      ? ?    'X-RAY DIFFRACTION' ? 
r_symmetry_metal_ion_refined ?      ?      ? ?    'X-RAY DIFFRACTION' ? 
r_symmetry_metal_ion_other   ?      ?      ? ?    'X-RAY DIFFRACTION' ? 
r_mcbond_it                  1.233  1.500  ? 773  'X-RAY DIFFRACTION' ? 
r_mcbond_other               ?      ?      ? ?    'X-RAY DIFFRACTION' ? 
r_mcangle_it                 1.715  2.000  ? 1212 'X-RAY DIFFRACTION' ? 
r_scbond_it                  3.121  3.000  ? 502  'X-RAY DIFFRACTION' ? 
r_scangle_it                 4.609  4.500  ? 448  'X-RAY DIFFRACTION' ? 
r_rigid_bond_restr           ?      ?      ? ?    'X-RAY DIFFRACTION' ? 
r_sphericity_free            ?      ?      ? ?    'X-RAY DIFFRACTION' ? 
r_sphericity_bonded          ?      ?      ? ?    'X-RAY DIFFRACTION' ? 
# 
_refine_ls_shell.pdbx_total_number_of_bins_used   20 
_refine_ls_shell.d_res_high                       2.01 
_refine_ls_shell.d_res_low                        2.061 
_refine_ls_shell.number_reflns_R_work             683 
_refine_ls_shell.R_factor_R_work                  0.213 
_refine_ls_shell.percent_reflns_obs               77.93 
_refine_ls_shell.R_factor_R_free                  0.266 
_refine_ls_shell.R_factor_R_free_error            ? 
_refine_ls_shell.percent_reflns_R_free            ? 
_refine_ls_shell.number_reflns_R_free             41 
_refine_ls_shell.number_reflns_obs                ? 
_refine_ls_shell.redundancy_reflns_obs            ? 
_refine_ls_shell.number_reflns_all                ? 
_refine_ls_shell.R_factor_all                     ? 
_refine_ls_shell.pdbx_refine_id                   'X-RAY DIFFRACTION' 
# 
_struct.entry_id                  2APL 
_struct.title                     'Crystal structure of protein PG0816 from Porphyromonas gingivalis' 
_struct.pdbx_model_details        ? 
_struct.pdbx_CASP_flag            ? 
_struct.pdbx_model_type_details   ? 
# 
_struct_keywords.entry_id        2APL 
_struct_keywords.pdbx_keywords   'Structural genomics, unknown function' 
_struct_keywords.text            
;Structural genomics, Porphyromonas gingivalis, PSI, Protein Structure Initiative, Midwest Center for Structural Genomics, MCSG, unknown function
;
# 
loop_
_struct_asym.id 
_struct_asym.pdbx_blank_PDB_chainid_flag 
_struct_asym.pdbx_modified 
_struct_asym.entity_id 
_struct_asym.details 
A N N 1 ? 
B N N 2 ? 
# 
_struct_ref.id                         1 
_struct_ref.db_name                    UNP 
_struct_ref.db_code                    Q7MW33_PORGI 
_struct_ref.pdbx_db_accession          Q7MW33 
_struct_ref.entity_id                  1 
_struct_ref.pdbx_seq_one_letter_code   
;MKSTEKKELSHFRLKLETYLNEHFPEMSGNNPFITARSDEALTAYCDAVAQGFSHPEAESMASEVLYQGLHFSRYDTLVS
VLEREFEQELPSPLPERLAPILLKNKAIQSVFAKYDLTDDFEASPEYEHLYTELTGTIVLLIESNHLPTIGGGNDTV
;
_struct_ref.pdbx_align_begin           1 
_struct_ref.pdbx_db_isoform            ? 
# 
_struct_ref_seq.align_id                      1 
_struct_ref_seq.ref_id                        1 
_struct_ref_seq.pdbx_PDB_id_code              2APL 
_struct_ref_seq.pdbx_strand_id                A 
_struct_ref_seq.seq_align_beg                 1 
_struct_ref_seq.pdbx_seq_align_beg_ins_code   ? 
_struct_ref_seq.seq_align_end                 157 
_struct_ref_seq.pdbx_seq_align_end_ins_code   ? 
_struct_ref_seq.pdbx_db_accession             Q7MW33 
_struct_ref_seq.db_align_beg                  1 
_struct_ref_seq.pdbx_db_align_beg_ins_code    ? 
_struct_ref_seq.db_align_end                  157 
_struct_ref_seq.pdbx_db_align_end_ins_code    ? 
_struct_ref_seq.pdbx_auth_seq_align_beg       1 
_struct_ref_seq.pdbx_auth_seq_align_end       157 
# 
loop_
_struct_ref_seq_dif.align_id 
_struct_ref_seq_dif.pdbx_pdb_id_code 
_struct_ref_seq_dif.mon_id 
_struct_ref_seq_dif.pdbx_pdb_strand_id 
_struct_ref_seq_dif.seq_num 
_struct_ref_seq_dif.pdbx_pdb_ins_code 
_struct_ref_seq_dif.pdbx_seq_db_name 
_struct_ref_seq_dif.pdbx_seq_db_accession_code 
_struct_ref_seq_dif.db_mon_id 
_struct_ref_seq_dif.pdbx_seq_db_seq_num 
_struct_ref_seq_dif.details 
_struct_ref_seq_dif.pdbx_auth_seq_num 
_struct_ref_seq_dif.pdbx_ordinal 
1 2APL MSE A 1  ? UNP Q7MW33 MET 1  'modified residue' 1  1 
1 2APL MSE A 27 ? UNP Q7MW33 MET 27 'modified residue' 27 2 
1 2APL MSE A 61 ? UNP Q7MW33 MET 61 'modified residue' 61 3 
# 
_pdbx_struct_assembly.id                   1 
_pdbx_struct_assembly.details              author_defined_assembly 
_pdbx_struct_assembly.method_details       ? 
_pdbx_struct_assembly.oligomeric_details   monomeric 
_pdbx_struct_assembly.oligomeric_count     1 
# 
_pdbx_struct_assembly_gen.assembly_id       1 
_pdbx_struct_assembly_gen.oper_expression   1 
_pdbx_struct_assembly_gen.asym_id_list      A,B 
# 
_pdbx_struct_oper_list.id                   1 
_pdbx_struct_oper_list.type                 'identity operation' 
_pdbx_struct_oper_list.name                 1_555 
_pdbx_struct_oper_list.symmetry_operation   x,y,z 
_pdbx_struct_oper_list.matrix[1][1]         1.0000000000 
_pdbx_struct_oper_list.matrix[1][2]         0.0000000000 
_pdbx_struct_oper_list.matrix[1][3]         0.0000000000 
_pdbx_struct_oper_list.vector[1]            0.0000000000 
_pdbx_struct_oper_list.matrix[2][1]         0.0000000000 
_pdbx_struct_oper_list.matrix[2][2]         1.0000000000 
_pdbx_struct_oper_list.matrix[2][3]         0.0000000000 
_pdbx_struct_oper_list.vector[2]            0.0000000000 
_pdbx_struct_oper_list.matrix[3][1]         0.0000000000 
_pdbx_struct_oper_list.matrix[3][2]         0.0000000000 
_pdbx_struct_oper_list.matrix[3][3]         1.0000000000 
_pdbx_struct_oper_list.vector[3]            0.0000000000 
# 
_struct_biol.id   1 
# 
loop_
_struct_conf.conf_type_id 
_struct_conf.id 
_struct_conf.pdbx_PDB_helix_id 
_struct_conf.beg_label_comp_id 
_struct_conf.beg_label_asym_id 
_struct_conf.beg_label_seq_id 
_struct_conf.pdbx_beg_PDB_ins_code 
_struct_conf.end_label_comp_id 
_struct_conf.end_label_asym_id 
_struct_conf.end_label_seq_id 
_struct_conf.pdbx_end_PDB_ins_code 
_struct_conf.beg_auth_comp_id 
_struct_conf.beg_auth_asym_id 
_struct_conf.beg_auth_seq_id 
_struct_conf.end_auth_comp_id 
_struct_conf.end_auth_asym_id 
_struct_conf.end_auth_seq_id 
_struct_conf.pdbx_PDB_helix_class 
_struct_conf.details 
_struct_conf.pdbx_PDB_helix_length 
HELX_P HELX_P1 1 LYS A 2   ? PHE A 24  ? LYS A 2   PHE A 24  1 ? 23 
HELX_P HELX_P2 2 PRO A 25  ? SER A 28  ? PRO A 25  SER A 28  5 ? 4  
HELX_P HELX_P3 3 ASN A 30  ? GLY A 52  ? ASN A 30  GLY A 52  1 ? 23 
HELX_P HELX_P4 4 SER A 54  ? GLN A 68  ? SER A 54  GLN A 68  1 ? 15 
HELX_P HELX_P5 5 SER A 73  ? PHE A 86  ? SER A 73  PHE A 86  1 ? 14 
HELX_P HELX_P6 6 PRO A 93  ? LYS A 104 ? PRO A 93  LYS A 104 1 ? 12 
HELX_P HELX_P7 7 ASN A 105 ? ALA A 113 ? ASN A 105 ALA A 113 1 ? 9  
HELX_P HELX_P8 8 ASP A 120 ? SER A 124 ? ASP A 120 SER A 124 5 ? 5  
HELX_P HELX_P9 9 PRO A 125 ? SER A 144 ? PRO A 125 SER A 144 1 ? 20 
# 
_struct_conf_type.id          HELX_P 
_struct_conf_type.criteria    ? 
_struct_conf_type.reference   ? 
# 
loop_
_struct_conn.id 
_struct_conn.conn_type_id 
_struct_conn.pdbx_leaving_atom_flag 
_struct_conn.pdbx_PDB_id 
_struct_conn.ptnr1_label_asym_id 
_struct_conn.ptnr1_label_comp_id 
_struct_conn.ptnr1_label_seq_id 
_struct_conn.ptnr1_label_atom_id 
_struct_conn.pdbx_ptnr1_label_alt_id 
_struct_conn.pdbx_ptnr1_PDB_ins_code 
_struct_conn.pdbx_ptnr1_standard_comp_id 
_struct_conn.ptnr1_symmetry 
_struct_conn.ptnr2_label_asym_id 
_struct_conn.ptnr2_label_comp_id 
_struct_conn.ptnr2_label_seq_id 
_struct_conn.ptnr2_label_atom_id 
_struct_conn.pdbx_ptnr2_label_alt_id 
_struct_conn.pdbx_ptnr2_PDB_ins_code 
_struct_conn.ptnr1_auth_asym_id 
_struct_conn.ptnr1_auth_comp_id 
_struct_conn.ptnr1_auth_seq_id 
_struct_conn.ptnr2_auth_asym_id 
_struct_conn.ptnr2_auth_comp_id 
_struct_conn.ptnr2_auth_seq_id 
_struct_conn.ptnr2_symmetry 
_struct_conn.pdbx_ptnr3_label_atom_id 
_struct_conn.pdbx_ptnr3_label_seq_id 
_struct_conn.pdbx_ptnr3_label_comp_id 
_struct_conn.pdbx_ptnr3_label_asym_id 
_struct_conn.pdbx_ptnr3_label_alt_id 
_struct_conn.pdbx_ptnr3_PDB_ins_code 
_struct_conn.details 
_struct_conn.pdbx_dist_value 
_struct_conn.pdbx_value_order 
_struct_conn.pdbx_role 
covale1 covale both ? A GLU 26 C ? ? ? 1_555 A MSE 27 N ? ? A GLU 26 A MSE 27 1_555 ? ? ? ? ? ? ? 1.339 ? ? 
covale2 covale both ? A MSE 27 C ? ? ? 1_555 A SER 28 N ? ? A MSE 27 A SER 28 1_555 ? ? ? ? ? ? ? 1.340 ? ? 
covale3 covale both ? A SER 60 C ? ? ? 1_555 A MSE 61 N ? ? A SER 60 A MSE 61 1_555 ? ? ? ? ? ? ? 1.324 ? ? 
covale4 covale both ? A MSE 61 C ? ? ? 1_555 A ALA 62 N ? ? A MSE 61 A ALA 62 1_555 ? ? ? ? ? ? ? 1.331 ? ? 
# 
_struct_conn_type.id          covale 
_struct_conn_type.criteria    ? 
_struct_conn_type.reference   ? 
# 
loop_
_pdbx_modification_feature.ordinal 
_pdbx_modification_feature.label_comp_id 
_pdbx_modification_feature.label_asym_id 
_pdbx_modification_feature.label_seq_id 
_pdbx_modification_feature.label_alt_id 
_pdbx_modification_feature.modified_residue_label_comp_id 
_pdbx_modification_feature.modified_residue_label_asym_id 
_pdbx_modification_feature.modified_residue_label_seq_id 
_pdbx_modification_feature.modified_residue_label_alt_id 
_pdbx_modification_feature.auth_comp_id 
_pdbx_modification_feature.auth_asym_id 
_pdbx_modification_feature.auth_seq_id 
_pdbx_modification_feature.PDB_ins_code 
_pdbx_modification_feature.symmetry 
_pdbx_modification_feature.modified_residue_auth_comp_id 
_pdbx_modification_feature.modified_residue_auth_asym_id 
_pdbx_modification_feature.modified_residue_auth_seq_id 
_pdbx_modification_feature.modified_residue_PDB_ins_code 
_pdbx_modification_feature.modified_residue_symmetry 
_pdbx_modification_feature.comp_id_linking_atom 
_pdbx_modification_feature.modified_residue_id_linking_atom 
_pdbx_modification_feature.modified_residue_id 
_pdbx_modification_feature.ref_pcm_id 
_pdbx_modification_feature.ref_comp_id 
_pdbx_modification_feature.type 
_pdbx_modification_feature.category 
1 MSE A 27 ? . . . . MSE A 27 ? 1_555 . . . . . . . MET 1 MSE Selenomethionine 'Named protein modification' 
2 MSE A 61 ? . . . . MSE A 61 ? 1_555 . . . . . . . MET 1 MSE Selenomethionine 'Named protein modification' 
# 
_struct_mon_prot_cis.pdbx_id                1 
_struct_mon_prot_cis.label_comp_id          SER 
_struct_mon_prot_cis.label_seq_id           92 
_struct_mon_prot_cis.label_asym_id          A 
_struct_mon_prot_cis.label_alt_id           . 
_struct_mon_prot_cis.pdbx_PDB_ins_code      ? 
_struct_mon_prot_cis.auth_comp_id           SER 
_struct_mon_prot_cis.auth_seq_id            92 
_struct_mon_prot_cis.auth_asym_id           A 
_struct_mon_prot_cis.pdbx_label_comp_id_2   PRO 
_struct_mon_prot_cis.pdbx_label_seq_id_2    93 
_struct_mon_prot_cis.pdbx_label_asym_id_2   A 
_struct_mon_prot_cis.pdbx_PDB_ins_code_2    ? 
_struct_mon_prot_cis.pdbx_auth_comp_id_2    PRO 
_struct_mon_prot_cis.pdbx_auth_seq_id_2     93 
_struct_mon_prot_cis.pdbx_auth_asym_id_2    A 
_struct_mon_prot_cis.pdbx_PDB_model_num     1 
_struct_mon_prot_cis.pdbx_omega_angle       6.73 
# 
_pdbx_entry_details.entry_id                   2APL 
_pdbx_entry_details.compound_details           ? 
_pdbx_entry_details.source_details             ? 
_pdbx_entry_details.nonpolymer_details         ? 
_pdbx_entry_details.sequence_details           ? 
_pdbx_entry_details.has_ligand_of_interest     ? 
_pdbx_entry_details.has_protein_modification   Y 
# 
_pdbx_SG_project.id                    1 
_pdbx_SG_project.project_name          'PSI, Protein Structure Initiative' 
_pdbx_SG_project.full_name_of_center   'Midwest Center for Structural Genomics' 
_pdbx_SG_project.initial_of_center     MCSG 
# 
loop_
_pdbx_struct_mod_residue.id 
_pdbx_struct_mod_residue.label_asym_id 
_pdbx_struct_mod_residue.label_comp_id 
_pdbx_struct_mod_residue.label_seq_id 
_pdbx_struct_mod_residue.auth_asym_id 
_pdbx_struct_mod_residue.auth_comp_id 
_pdbx_struct_mod_residue.auth_seq_id 
_pdbx_struct_mod_residue.PDB_ins_code 
_pdbx_struct_mod_residue.parent_comp_id 
_pdbx_struct_mod_residue.details 
1 A MSE 27 A MSE 27 ? MET SELENOMETHIONINE 
2 A MSE 61 A MSE 61 ? MET SELENOMETHIONINE 
# 
loop_
_pdbx_refine_tls.id 
_pdbx_refine_tls.details 
_pdbx_refine_tls.method 
_pdbx_refine_tls.origin_x 
_pdbx_refine_tls.origin_y 
_pdbx_refine_tls.origin_z 
_pdbx_refine_tls.T[1][1] 
_pdbx_refine_tls.T[2][2] 
_pdbx_refine_tls.T[3][3] 
_pdbx_refine_tls.T[1][2] 
_pdbx_refine_tls.T[1][3] 
_pdbx_refine_tls.T[2][3] 
_pdbx_refine_tls.L[1][1] 
_pdbx_refine_tls.L[2][2] 
_pdbx_refine_tls.L[3][3] 
_pdbx_refine_tls.L[1][2] 
_pdbx_refine_tls.L[1][3] 
_pdbx_refine_tls.L[2][3] 
_pdbx_refine_tls.S[1][1] 
_pdbx_refine_tls.S[1][2] 
_pdbx_refine_tls.S[1][3] 
_pdbx_refine_tls.S[2][1] 
_pdbx_refine_tls.S[2][2] 
_pdbx_refine_tls.S[2][3] 
_pdbx_refine_tls.S[3][1] 
_pdbx_refine_tls.S[3][2] 
_pdbx_refine_tls.S[3][3] 
_pdbx_refine_tls.pdbx_refine_id 
1 ? refined 10.3017 9.8151  -4.4613 -0.0778 -0.0421 -0.1170 -0.0655 -0.0895 0.0850 5.4635 1.8764 0.6494 1.1514 -0.0730 0.1270  -0.2127 -0.1876 -0.1065 0.0908  -0.0386 -0.1589 0.0257 0.1431  0.2512 'X-RAY DIFFRACTION' 
2 ? refined -9.0041 -8.9602 3.7095  -0.0395 -0.1490 -0.1527 -0.0531 0.0482  0.0458 4.5985 4.4108 3.5450 3.2207 -0.9566 -2.5312 -0.3678 0.1127  -0.2232 -0.6287 0.0475  -0.4078 0.4326 -0.0555 0.3203 'X-RAY DIFFRACTION' 
# 
loop_
_pdbx_refine_tls_group.id 
_pdbx_refine_tls_group.refine_tls_id 
_pdbx_refine_tls_group.beg_auth_asym_id 
_pdbx_refine_tls_group.beg_auth_seq_id 
_pdbx_refine_tls_group.beg_label_asym_id 
_pdbx_refine_tls_group.beg_label_seq_id 
_pdbx_refine_tls_group.end_auth_asym_id 
_pdbx_refine_tls_group.end_auth_seq_id 
_pdbx_refine_tls_group.end_label_asym_id 
_pdbx_refine_tls_group.end_label_seq_id 
_pdbx_refine_tls_group.selection 
_pdbx_refine_tls_group.pdbx_refine_id 
_pdbx_refine_tls_group.selection_details 
1 1 A 3  A 3  A 70  A 70  ? 'X-RAY DIFFRACTION' ? 
2 2 A 71 A 71 A 150 A 150 ? 'X-RAY DIFFRACTION' ? 
# 
loop_
_pdbx_unobs_or_zero_occ_residues.id 
_pdbx_unobs_or_zero_occ_residues.PDB_model_num 
_pdbx_unobs_or_zero_occ_residues.polymer_flag 
_pdbx_unobs_or_zero_occ_residues.occupancy_flag 
_pdbx_unobs_or_zero_occ_residues.auth_asym_id 
_pdbx_unobs_or_zero_occ_residues.auth_comp_id 
_pdbx_unobs_or_zero_occ_residues.auth_seq_id 
_pdbx_unobs_or_zero_occ_residues.PDB_ins_code 
_pdbx_unobs_or_zero_occ_residues.label_asym_id 
_pdbx_unobs_or_zero_occ_residues.label_comp_id 
_pdbx_unobs_or_zero_occ_residues.label_seq_id 
1 1 Y 1 A MSE 1   ? A MSE 1   
2 1 Y 1 A GLY 151 ? A GLY 151 
3 1 Y 1 A GLY 152 ? A GLY 152 
4 1 Y 1 A GLY 153 ? A GLY 153 
5 1 Y 1 A ASN 154 ? A ASN 154 
6 1 Y 1 A ASP 155 ? A ASP 155 
7 1 Y 1 A THR 156 ? A THR 156 
8 1 Y 1 A VAL 157 ? A VAL 157 
# 
loop_
_chem_comp_atom.comp_id 
_chem_comp_atom.atom_id 
_chem_comp_atom.type_symbol 
_chem_comp_atom.pdbx_aromatic_flag 
_chem_comp_atom.pdbx_stereo_config 
_chem_comp_atom.pdbx_ordinal 
ALA N    N  N N 1   
ALA CA   C  N S 2   
ALA C    C  N N 3   
ALA O    O  N N 4   
ALA CB   C  N N 5   
ALA OXT  O  N N 6   
ALA H    H  N N 7   
ALA H2   H  N N 8   
ALA HA   H  N N 9   
ALA HB1  H  N N 10  
ALA HB2  H  N N 11  
ALA HB3  H  N N 12  
ALA HXT  H  N N 13  
ARG N    N  N N 14  
ARG CA   C  N S 15  
ARG C    C  N N 16  
ARG O    O  N N 17  
ARG CB   C  N N 18  
ARG CG   C  N N 19  
ARG CD   C  N N 20  
ARG NE   N  N N 21  
ARG CZ   C  N N 22  
ARG NH1  N  N N 23  
ARG NH2  N  N N 24  
ARG OXT  O  N N 25  
ARG H    H  N N 26  
ARG H2   H  N N 27  
ARG HA   H  N N 28  
ARG HB2  H  N N 29  
ARG HB3  H  N N 30  
ARG HG2  H  N N 31  
ARG HG3  H  N N 32  
ARG HD2  H  N N 33  
ARG HD3  H  N N 34  
ARG HE   H  N N 35  
ARG HH11 H  N N 36  
ARG HH12 H  N N 37  
ARG HH21 H  N N 38  
ARG HH22 H  N N 39  
ARG HXT  H  N N 40  
ASN N    N  N N 41  
ASN CA   C  N S 42  
ASN C    C  N N 43  
ASN O    O  N N 44  
ASN CB   C  N N 45  
ASN CG   C  N N 46  
ASN OD1  O  N N 47  
ASN ND2  N  N N 48  
ASN OXT  O  N N 49  
ASN H    H  N N 50  
ASN H2   H  N N 51  
ASN HA   H  N N 52  
ASN HB2  H  N N 53  
ASN HB3  H  N N 54  
ASN HD21 H  N N 55  
ASN HD22 H  N N 56  
ASN HXT  H  N N 57  
ASP N    N  N N 58  
ASP CA   C  N S 59  
ASP C    C  N N 60  
ASP O    O  N N 61  
ASP CB   C  N N 62  
ASP CG   C  N N 63  
ASP OD1  O  N N 64  
ASP OD2  O  N N 65  
ASP OXT  O  N N 66  
ASP H    H  N N 67  
ASP H2   H  N N 68  
ASP HA   H  N N 69  
ASP HB2  H  N N 70  
ASP HB3  H  N N 71  
ASP HD2  H  N N 72  
ASP HXT  H  N N 73  
CYS N    N  N N 74  
CYS CA   C  N R 75  
CYS C    C  N N 76  
CYS O    O  N N 77  
CYS CB   C  N N 78  
CYS SG   S  N N 79  
CYS OXT  O  N N 80  
CYS H    H  N N 81  
CYS H2   H  N N 82  
CYS HA   H  N N 83  
CYS HB2  H  N N 84  
CYS HB3  H  N N 85  
CYS HG   H  N N 86  
CYS HXT  H  N N 87  
GLN N    N  N N 88  
GLN CA   C  N S 89  
GLN C    C  N N 90  
GLN O    O  N N 91  
GLN CB   C  N N 92  
GLN CG   C  N N 93  
GLN CD   C  N N 94  
GLN OE1  O  N N 95  
GLN NE2  N  N N 96  
GLN OXT  O  N N 97  
GLN H    H  N N 98  
GLN H2   H  N N 99  
GLN HA   H  N N 100 
GLN HB2  H  N N 101 
GLN HB3  H  N N 102 
GLN HG2  H  N N 103 
GLN HG3  H  N N 104 
GLN HE21 H  N N 105 
GLN HE22 H  N N 106 
GLN HXT  H  N N 107 
GLU N    N  N N 108 
GLU CA   C  N S 109 
GLU C    C  N N 110 
GLU O    O  N N 111 
GLU CB   C  N N 112 
GLU CG   C  N N 113 
GLU CD   C  N N 114 
GLU OE1  O  N N 115 
GLU OE2  O  N N 116 
GLU OXT  O  N N 117 
GLU H    H  N N 118 
GLU H2   H  N N 119 
GLU HA   H  N N 120 
GLU HB2  H  N N 121 
GLU HB3  H  N N 122 
GLU HG2  H  N N 123 
GLU HG3  H  N N 124 
GLU HE2  H  N N 125 
GLU HXT  H  N N 126 
GLY N    N  N N 127 
GLY CA   C  N N 128 
GLY C    C  N N 129 
GLY O    O  N N 130 
GLY OXT  O  N N 131 
GLY H    H  N N 132 
GLY H2   H  N N 133 
GLY HA2  H  N N 134 
GLY HA3  H  N N 135 
GLY HXT  H  N N 136 
HIS N    N  N N 137 
HIS CA   C  N S 138 
HIS C    C  N N 139 
HIS O    O  N N 140 
HIS CB   C  N N 141 
HIS CG   C  Y N 142 
HIS ND1  N  Y N 143 
HIS CD2  C  Y N 144 
HIS CE1  C  Y N 145 
HIS NE2  N  Y N 146 
HIS OXT  O  N N 147 
HIS H    H  N N 148 
HIS H2   H  N N 149 
HIS HA   H  N N 150 
HIS HB2  H  N N 151 
HIS HB3  H  N N 152 
HIS HD1  H  N N 153 
HIS HD2  H  N N 154 
HIS HE1  H  N N 155 
HIS HE2  H  N N 156 
HIS HXT  H  N N 157 
HOH O    O  N N 158 
HOH H1   H  N N 159 
HOH H2   H  N N 160 
ILE N    N  N N 161 
ILE CA   C  N S 162 
ILE C    C  N N 163 
ILE O    O  N N 164 
ILE CB   C  N S 165 
ILE CG1  C  N N 166 
ILE CG2  C  N N 167 
ILE CD1  C  N N 168 
ILE OXT  O  N N 169 
ILE H    H  N N 170 
ILE H2   H  N N 171 
ILE HA   H  N N 172 
ILE HB   H  N N 173 
ILE HG12 H  N N 174 
ILE HG13 H  N N 175 
ILE HG21 H  N N 176 
ILE HG22 H  N N 177 
ILE HG23 H  N N 178 
ILE HD11 H  N N 179 
ILE HD12 H  N N 180 
ILE HD13 H  N N 181 
ILE HXT  H  N N 182 
LEU N    N  N N 183 
LEU CA   C  N S 184 
LEU C    C  N N 185 
LEU O    O  N N 186 
LEU CB   C  N N 187 
LEU CG   C  N N 188 
LEU CD1  C  N N 189 
LEU CD2  C  N N 190 
LEU OXT  O  N N 191 
LEU H    H  N N 192 
LEU H2   H  N N 193 
LEU HA   H  N N 194 
LEU HB2  H  N N 195 
LEU HB3  H  N N 196 
LEU HG   H  N N 197 
LEU HD11 H  N N 198 
LEU HD12 H  N N 199 
LEU HD13 H  N N 200 
LEU HD21 H  N N 201 
LEU HD22 H  N N 202 
LEU HD23 H  N N 203 
LEU HXT  H  N N 204 
LYS N    N  N N 205 
LYS CA   C  N S 206 
LYS C    C  N N 207 
LYS O    O  N N 208 
LYS CB   C  N N 209 
LYS CG   C  N N 210 
LYS CD   C  N N 211 
LYS CE   C  N N 212 
LYS NZ   N  N N 213 
LYS OXT  O  N N 214 
LYS H    H  N N 215 
LYS H2   H  N N 216 
LYS HA   H  N N 217 
LYS HB2  H  N N 218 
LYS HB3  H  N N 219 
LYS HG2  H  N N 220 
LYS HG3  H  N N 221 
LYS HD2  H  N N 222 
LYS HD3  H  N N 223 
LYS HE2  H  N N 224 
LYS HE3  H  N N 225 
LYS HZ1  H  N N 226 
LYS HZ2  H  N N 227 
LYS HZ3  H  N N 228 
LYS HXT  H  N N 229 
MET N    N  N N 230 
MET CA   C  N S 231 
MET C    C  N N 232 
MET O    O  N N 233 
MET CB   C  N N 234 
MET CG   C  N N 235 
MET SD   S  N N 236 
MET CE   C  N N 237 
MET OXT  O  N N 238 
MET H    H  N N 239 
MET H2   H  N N 240 
MET HA   H  N N 241 
MET HB2  H  N N 242 
MET HB3  H  N N 243 
MET HG2  H  N N 244 
MET HG3  H  N N 245 
MET HE1  H  N N 246 
MET HE2  H  N N 247 
MET HE3  H  N N 248 
MET HXT  H  N N 249 
MSE N    N  N N 250 
MSE CA   C  N S 251 
MSE C    C  N N 252 
MSE O    O  N N 253 
MSE OXT  O  N N 254 
MSE CB   C  N N 255 
MSE CG   C  N N 256 
MSE SE   SE N N 257 
MSE CE   C  N N 258 
MSE H    H  N N 259 
MSE H2   H  N N 260 
MSE HA   H  N N 261 
MSE HXT  H  N N 262 
MSE HB2  H  N N 263 
MSE HB3  H  N N 264 
MSE HG2  H  N N 265 
MSE HG3  H  N N 266 
MSE HE1  H  N N 267 
MSE HE2  H  N N 268 
MSE HE3  H  N N 269 
PHE N    N  N N 270 
PHE CA   C  N S 271 
PHE C    C  N N 272 
PHE O    O  N N 273 
PHE CB   C  N N 274 
PHE CG   C  Y N 275 
PHE CD1  C  Y N 276 
PHE CD2  C  Y N 277 
PHE CE1  C  Y N 278 
PHE CE2  C  Y N 279 
PHE CZ   C  Y N 280 
PHE OXT  O  N N 281 
PHE H    H  N N 282 
PHE H2   H  N N 283 
PHE HA   H  N N 284 
PHE HB2  H  N N 285 
PHE HB3  H  N N 286 
PHE HD1  H  N N 287 
PHE HD2  H  N N 288 
PHE HE1  H  N N 289 
PHE HE2  H  N N 290 
PHE HZ   H  N N 291 
PHE HXT  H  N N 292 
PRO N    N  N N 293 
PRO CA   C  N S 294 
PRO C    C  N N 295 
PRO O    O  N N 296 
PRO CB   C  N N 297 
PRO CG   C  N N 298 
PRO CD   C  N N 299 
PRO OXT  O  N N 300 
PRO H    H  N N 301 
PRO HA   H  N N 302 
PRO HB2  H  N N 303 
PRO HB3  H  N N 304 
PRO HG2  H  N N 305 
PRO HG3  H  N N 306 
PRO HD2  H  N N 307 
PRO HD3  H  N N 308 
PRO HXT  H  N N 309 
SER N    N  N N 310 
SER CA   C  N S 311 
SER C    C  N N 312 
SER O    O  N N 313 
SER CB   C  N N 314 
SER OG   O  N N 315 
SER OXT  O  N N 316 
SER H    H  N N 317 
SER H2   H  N N 318 
SER HA   H  N N 319 
SER HB2  H  N N 320 
SER HB3  H  N N 321 
SER HG   H  N N 322 
SER HXT  H  N N 323 
THR N    N  N N 324 
THR CA   C  N S 325 
THR C    C  N N 326 
THR O    O  N N 327 
THR CB   C  N R 328 
THR OG1  O  N N 329 
THR CG2  C  N N 330 
THR OXT  O  N N 331 
THR H    H  N N 332 
THR H2   H  N N 333 
THR HA   H  N N 334 
THR HB   H  N N 335 
THR HG1  H  N N 336 
THR HG21 H  N N 337 
THR HG22 H  N N 338 
THR HG23 H  N N 339 
THR HXT  H  N N 340 
TYR N    N  N N 341 
TYR CA   C  N S 342 
TYR C    C  N N 343 
TYR O    O  N N 344 
TYR CB   C  N N 345 
TYR CG   C  Y N 346 
TYR CD1  C  Y N 347 
TYR CD2  C  Y N 348 
TYR CE1  C  Y N 349 
TYR CE2  C  Y N 350 
TYR CZ   C  Y N 351 
TYR OH   O  N N 352 
TYR OXT  O  N N 353 
TYR H    H  N N 354 
TYR H2   H  N N 355 
TYR HA   H  N N 356 
TYR HB2  H  N N 357 
TYR HB3  H  N N 358 
TYR HD1  H  N N 359 
TYR HD2  H  N N 360 
TYR HE1  H  N N 361 
TYR HE2  H  N N 362 
TYR HH   H  N N 363 
TYR HXT  H  N N 364 
VAL N    N  N N 365 
VAL CA   C  N S 366 
VAL C    C  N N 367 
VAL O    O  N N 368 
VAL CB   C  N N 369 
VAL CG1  C  N N 370 
VAL CG2  C  N N 371 
VAL OXT  O  N N 372 
VAL H    H  N N 373 
VAL H2   H  N N 374 
VAL HA   H  N N 375 
VAL HB   H  N N 376 
VAL HG11 H  N N 377 
VAL HG12 H  N N 378 
VAL HG13 H  N N 379 
VAL HG21 H  N N 380 
VAL HG22 H  N N 381 
VAL HG23 H  N N 382 
VAL HXT  H  N N 383 
# 
loop_
_chem_comp_bond.comp_id 
_chem_comp_bond.atom_id_1 
_chem_comp_bond.atom_id_2 
_chem_comp_bond.value_order 
_chem_comp_bond.pdbx_aromatic_flag 
_chem_comp_bond.pdbx_stereo_config 
_chem_comp_bond.pdbx_ordinal 
ALA N   CA   sing N N 1   
ALA N   H    sing N N 2   
ALA N   H2   sing N N 3   
ALA CA  C    sing N N 4   
ALA CA  CB   sing N N 5   
ALA CA  HA   sing N N 6   
ALA C   O    doub N N 7   
ALA C   OXT  sing N N 8   
ALA CB  HB1  sing N N 9   
ALA CB  HB2  sing N N 10  
ALA CB  HB3  sing N N 11  
ALA OXT HXT  sing N N 12  
ARG N   CA   sing N N 13  
ARG N   H    sing N N 14  
ARG N   H2   sing N N 15  
ARG CA  C    sing N N 16  
ARG CA  CB   sing N N 17  
ARG CA  HA   sing N N 18  
ARG C   O    doub N N 19  
ARG C   OXT  sing N N 20  
ARG CB  CG   sing N N 21  
ARG CB  HB2  sing N N 22  
ARG CB  HB3  sing N N 23  
ARG CG  CD   sing N N 24  
ARG CG  HG2  sing N N 25  
ARG CG  HG3  sing N N 26  
ARG CD  NE   sing N N 27  
ARG CD  HD2  sing N N 28  
ARG CD  HD3  sing N N 29  
ARG NE  CZ   sing N N 30  
ARG NE  HE   sing N N 31  
ARG CZ  NH1  sing N N 32  
ARG CZ  NH2  doub N N 33  
ARG NH1 HH11 sing N N 34  
ARG NH1 HH12 sing N N 35  
ARG NH2 HH21 sing N N 36  
ARG NH2 HH22 sing N N 37  
ARG OXT HXT  sing N N 38  
ASN N   CA   sing N N 39  
ASN N   H    sing N N 40  
ASN N   H2   sing N N 41  
ASN CA  C    sing N N 42  
ASN CA  CB   sing N N 43  
ASN CA  HA   sing N N 44  
ASN C   O    doub N N 45  
ASN C   OXT  sing N N 46  
ASN CB  CG   sing N N 47  
ASN CB  HB2  sing N N 48  
ASN CB  HB3  sing N N 49  
ASN CG  OD1  doub N N 50  
ASN CG  ND2  sing N N 51  
ASN ND2 HD21 sing N N 52  
ASN ND2 HD22 sing N N 53  
ASN OXT HXT  sing N N 54  
ASP N   CA   sing N N 55  
ASP N   H    sing N N 56  
ASP N   H2   sing N N 57  
ASP CA  C    sing N N 58  
ASP CA  CB   sing N N 59  
ASP CA  HA   sing N N 60  
ASP C   O    doub N N 61  
ASP C   OXT  sing N N 62  
ASP CB  CG   sing N N 63  
ASP CB  HB2  sing N N 64  
ASP CB  HB3  sing N N 65  
ASP CG  OD1  doub N N 66  
ASP CG  OD2  sing N N 67  
ASP OD2 HD2  sing N N 68  
ASP OXT HXT  sing N N 69  
CYS N   CA   sing N N 70  
CYS N   H    sing N N 71  
CYS N   H2   sing N N 72  
CYS CA  C    sing N N 73  
CYS CA  CB   sing N N 74  
CYS CA  HA   sing N N 75  
CYS C   O    doub N N 76  
CYS C   OXT  sing N N 77  
CYS CB  SG   sing N N 78  
CYS CB  HB2  sing N N 79  
CYS CB  HB3  sing N N 80  
CYS SG  HG   sing N N 81  
CYS OXT HXT  sing N N 82  
GLN N   CA   sing N N 83  
GLN N   H    sing N N 84  
GLN N   H2   sing N N 85  
GLN CA  C    sing N N 86  
GLN CA  CB   sing N N 87  
GLN CA  HA   sing N N 88  
GLN C   O    doub N N 89  
GLN C   OXT  sing N N 90  
GLN CB  CG   sing N N 91  
GLN CB  HB2  sing N N 92  
GLN CB  HB3  sing N N 93  
GLN CG  CD   sing N N 94  
GLN CG  HG2  sing N N 95  
GLN CG  HG3  sing N N 96  
GLN CD  OE1  doub N N 97  
GLN CD  NE2  sing N N 98  
GLN NE2 HE21 sing N N 99  
GLN NE2 HE22 sing N N 100 
GLN OXT HXT  sing N N 101 
GLU N   CA   sing N N 102 
GLU N   H    sing N N 103 
GLU N   H2   sing N N 104 
GLU CA  C    sing N N 105 
GLU CA  CB   sing N N 106 
GLU CA  HA   sing N N 107 
GLU C   O    doub N N 108 
GLU C   OXT  sing N N 109 
GLU CB  CG   sing N N 110 
GLU CB  HB2  sing N N 111 
GLU CB  HB3  sing N N 112 
GLU CG  CD   sing N N 113 
GLU CG  HG2  sing N N 114 
GLU CG  HG3  sing N N 115 
GLU CD  OE1  doub N N 116 
GLU CD  OE2  sing N N 117 
GLU OE2 HE2  sing N N 118 
GLU OXT HXT  sing N N 119 
GLY N   CA   sing N N 120 
GLY N   H    sing N N 121 
GLY N   H2   sing N N 122 
GLY CA  C    sing N N 123 
GLY CA  HA2  sing N N 124 
GLY CA  HA3  sing N N 125 
GLY C   O    doub N N 126 
GLY C   OXT  sing N N 127 
GLY OXT HXT  sing N N 128 
HIS N   CA   sing N N 129 
HIS N   H    sing N N 130 
HIS N   H2   sing N N 131 
HIS CA  C    sing N N 132 
HIS CA  CB   sing N N 133 
HIS CA  HA   sing N N 134 
HIS C   O    doub N N 135 
HIS C   OXT  sing N N 136 
HIS CB  CG   sing N N 137 
HIS CB  HB2  sing N N 138 
HIS CB  HB3  sing N N 139 
HIS CG  ND1  sing Y N 140 
HIS CG  CD2  doub Y N 141 
HIS ND1 CE1  doub Y N 142 
HIS ND1 HD1  sing N N 143 
HIS CD2 NE2  sing Y N 144 
HIS CD2 HD2  sing N N 145 
HIS CE1 NE2  sing Y N 146 
HIS CE1 HE1  sing N N 147 
HIS NE2 HE2  sing N N 148 
HIS OXT HXT  sing N N 149 
HOH O   H1   sing N N 150 
HOH O   H2   sing N N 151 
ILE N   CA   sing N N 152 
ILE N   H    sing N N 153 
ILE N   H2   sing N N 154 
ILE CA  C    sing N N 155 
ILE CA  CB   sing N N 156 
ILE CA  HA   sing N N 157 
ILE C   O    doub N N 158 
ILE C   OXT  sing N N 159 
ILE CB  CG1  sing N N 160 
ILE CB  CG2  sing N N 161 
ILE CB  HB   sing N N 162 
ILE CG1 CD1  sing N N 163 
ILE CG1 HG12 sing N N 164 
ILE CG1 HG13 sing N N 165 
ILE CG2 HG21 sing N N 166 
ILE CG2 HG22 sing N N 167 
ILE CG2 HG23 sing N N 168 
ILE CD1 HD11 sing N N 169 
ILE CD1 HD12 sing N N 170 
ILE CD1 HD13 sing N N 171 
ILE OXT HXT  sing N N 172 
LEU N   CA   sing N N 173 
LEU N   H    sing N N 174 
LEU N   H2   sing N N 175 
LEU CA  C    sing N N 176 
LEU CA  CB   sing N N 177 
LEU CA  HA   sing N N 178 
LEU C   O    doub N N 179 
LEU C   OXT  sing N N 180 
LEU CB  CG   sing N N 181 
LEU CB  HB2  sing N N 182 
LEU CB  HB3  sing N N 183 
LEU CG  CD1  sing N N 184 
LEU CG  CD2  sing N N 185 
LEU CG  HG   sing N N 186 
LEU CD1 HD11 sing N N 187 
LEU CD1 HD12 sing N N 188 
LEU CD1 HD13 sing N N 189 
LEU CD2 HD21 sing N N 190 
LEU CD2 HD22 sing N N 191 
LEU CD2 HD23 sing N N 192 
LEU OXT HXT  sing N N 193 
LYS N   CA   sing N N 194 
LYS N   H    sing N N 195 
LYS N   H2   sing N N 196 
LYS CA  C    sing N N 197 
LYS CA  CB   sing N N 198 
LYS CA  HA   sing N N 199 
LYS C   O    doub N N 200 
LYS C   OXT  sing N N 201 
LYS CB  CG   sing N N 202 
LYS CB  HB2  sing N N 203 
LYS CB  HB3  sing N N 204 
LYS CG  CD   sing N N 205 
LYS CG  HG2  sing N N 206 
LYS CG  HG3  sing N N 207 
LYS CD  CE   sing N N 208 
LYS CD  HD2  sing N N 209 
LYS CD  HD3  sing N N 210 
LYS CE  NZ   sing N N 211 
LYS CE  HE2  sing N N 212 
LYS CE  HE3  sing N N 213 
LYS NZ  HZ1  sing N N 214 
LYS NZ  HZ2  sing N N 215 
LYS NZ  HZ3  sing N N 216 
LYS OXT HXT  sing N N 217 
MET N   CA   sing N N 218 
MET N   H    sing N N 219 
MET N   H2   sing N N 220 
MET CA  C    sing N N 221 
MET CA  CB   sing N N 222 
MET CA  HA   sing N N 223 
MET C   O    doub N N 224 
MET C   OXT  sing N N 225 
MET CB  CG   sing N N 226 
MET CB  HB2  sing N N 227 
MET CB  HB3  sing N N 228 
MET CG  SD   sing N N 229 
MET CG  HG2  sing N N 230 
MET CG  HG3  sing N N 231 
MET SD  CE   sing N N 232 
MET CE  HE1  sing N N 233 
MET CE  HE2  sing N N 234 
MET CE  HE3  sing N N 235 
MET OXT HXT  sing N N 236 
MSE N   CA   sing N N 237 
MSE N   H    sing N N 238 
MSE N   H2   sing N N 239 
MSE CA  C    sing N N 240 
MSE CA  CB   sing N N 241 
MSE CA  HA   sing N N 242 
MSE C   O    doub N N 243 
MSE C   OXT  sing N N 244 
MSE OXT HXT  sing N N 245 
MSE CB  CG   sing N N 246 
MSE CB  HB2  sing N N 247 
MSE CB  HB3  sing N N 248 
MSE CG  SE   sing N N 249 
MSE CG  HG2  sing N N 250 
MSE CG  HG3  sing N N 251 
MSE SE  CE   sing N N 252 
MSE CE  HE1  sing N N 253 
MSE CE  HE2  sing N N 254 
MSE CE  HE3  sing N N 255 
PHE N   CA   sing N N 256 
PHE N   H    sing N N 257 
PHE N   H2   sing N N 258 
PHE CA  C    sing N N 259 
PHE CA  CB   sing N N 260 
PHE CA  HA   sing N N 261 
PHE C   O    doub N N 262 
PHE C   OXT  sing N N 263 
PHE CB  CG   sing N N 264 
PHE CB  HB2  sing N N 265 
PHE CB  HB3  sing N N 266 
PHE CG  CD1  doub Y N 267 
PHE CG  CD2  sing Y N 268 
PHE CD1 CE1  sing Y N 269 
PHE CD1 HD1  sing N N 270 
PHE CD2 CE2  doub Y N 271 
PHE CD2 HD2  sing N N 272 
PHE CE1 CZ   doub Y N 273 
PHE CE1 HE1  sing N N 274 
PHE CE2 CZ   sing Y N 275 
PHE CE2 HE2  sing N N 276 
PHE CZ  HZ   sing N N 277 
PHE OXT HXT  sing N N 278 
PRO N   CA   sing N N 279 
PRO N   CD   sing N N 280 
PRO N   H    sing N N 281 
PRO CA  C    sing N N 282 
PRO CA  CB   sing N N 283 
PRO CA  HA   sing N N 284 
PRO C   O    doub N N 285 
PRO C   OXT  sing N N 286 
PRO CB  CG   sing N N 287 
PRO CB  HB2  sing N N 288 
PRO CB  HB3  sing N N 289 
PRO CG  CD   sing N N 290 
PRO CG  HG2  sing N N 291 
PRO CG  HG3  sing N N 292 
PRO CD  HD2  sing N N 293 
PRO CD  HD3  sing N N 294 
PRO OXT HXT  sing N N 295 
SER N   CA   sing N N 296 
SER N   H    sing N N 297 
SER N   H2   sing N N 298 
SER CA  C    sing N N 299 
SER CA  CB   sing N N 300 
SER CA  HA   sing N N 301 
SER C   O    doub N N 302 
SER C   OXT  sing N N 303 
SER CB  OG   sing N N 304 
SER CB  HB2  sing N N 305 
SER CB  HB3  sing N N 306 
SER OG  HG   sing N N 307 
SER OXT HXT  sing N N 308 
THR N   CA   sing N N 309 
THR N   H    sing N N 310 
THR N   H2   sing N N 311 
THR CA  C    sing N N 312 
THR CA  CB   sing N N 313 
THR CA  HA   sing N N 314 
THR C   O    doub N N 315 
THR C   OXT  sing N N 316 
THR CB  OG1  sing N N 317 
THR CB  CG2  sing N N 318 
THR CB  HB   sing N N 319 
THR OG1 HG1  sing N N 320 
THR CG2 HG21 sing N N 321 
THR CG2 HG22 sing N N 322 
THR CG2 HG23 sing N N 323 
THR OXT HXT  sing N N 324 
TYR N   CA   sing N N 325 
TYR N   H    sing N N 326 
TYR N   H2   sing N N 327 
TYR CA  C    sing N N 328 
TYR CA  CB   sing N N 329 
TYR CA  HA   sing N N 330 
TYR C   O    doub N N 331 
TYR C   OXT  sing N N 332 
TYR CB  CG   sing N N 333 
TYR CB  HB2  sing N N 334 
TYR CB  HB3  sing N N 335 
TYR CG  CD1  doub Y N 336 
TYR CG  CD2  sing Y N 337 
TYR CD1 CE1  sing Y N 338 
TYR CD1 HD1  sing N N 339 
TYR CD2 CE2  doub Y N 340 
TYR CD2 HD2  sing N N 341 
TYR CE1 CZ   doub Y N 342 
TYR CE1 HE1  sing N N 343 
TYR CE2 CZ   sing Y N 344 
TYR CE2 HE2  sing N N 345 
TYR CZ  OH   sing N N 346 
TYR OH  HH   sing N N 347 
TYR OXT HXT  sing N N 348 
VAL N   CA   sing N N 349 
VAL N   H    sing N N 350 
VAL N   H2   sing N N 351 
VAL CA  C    sing N N 352 
VAL CA  CB   sing N N 353 
VAL CA  HA   sing N N 354 
VAL C   O    doub N N 355 
VAL C   OXT  sing N N 356 
VAL CB  CG1  sing N N 357 
VAL CB  CG2  sing N N 358 
VAL CB  HB   sing N N 359 
VAL CG1 HG11 sing N N 360 
VAL CG1 HG12 sing N N 361 
VAL CG1 HG13 sing N N 362 
VAL CG2 HG21 sing N N 363 
VAL CG2 HG22 sing N N 364 
VAL CG2 HG23 sing N N 365 
VAL OXT HXT  sing N N 366 
# 
_atom_sites.entry_id                    2APL 
_atom_sites.fract_transf_matrix[1][1]   -0.01437965 
_atom_sites.fract_transf_matrix[1][2]   0.01786028 
_atom_sites.fract_transf_matrix[1][3]   0.00840656 
_atom_sites.fract_transf_matrix[2][1]   -0.00272400 
_atom_sites.fract_transf_matrix[2][2]   0.00579060 
_atom_sites.fract_transf_matrix[2][3]   -0.01696200 
_atom_sites.fract_transf_matrix[3][1]   -0.00980666 
_atom_sites.fract_transf_matrix[3][2]   -0.00744113 
_atom_sites.fract_transf_matrix[3][3]   -0.00096541 
_atom_sites.fract_transf_vector[1]      0.893144 
_atom_sites.fract_transf_vector[2]      0.763281 
_atom_sites.fract_transf_vector[3]      0.184867 
# 
loop_
_atom_type.symbol 
C  
N  
O  
S  
SE 
# 
loop_
_atom_site.group_PDB 
_atom_site.id 
_atom_site.type_symbol 
_atom_site.label_atom_id 
_atom_site.label_alt_id 
_atom_site.label_comp_id 
_atom_site.label_asym_id 
_atom_site.label_entity_id 
_atom_site.label_seq_id 
_atom_site.pdbx_PDB_ins_code 
_atom_site.Cartn_x 
_atom_site.Cartn_y 
_atom_site.Cartn_z 
_atom_site.occupancy 
_atom_site.B_iso_or_equiv 
_atom_site.pdbx_formal_charge 
_atom_site.auth_seq_id 
_atom_site.auth_comp_id 
_atom_site.auth_asym_id 
_atom_site.auth_atom_id 
_atom_site.pdbx_PDB_model_num 
ATOM   1    N  N   . LYS A 1 2   ? 19.515  22.359  -9.982  1.00 56.84 ? 2   LYS A N   1 
ATOM   2    C  CA  . LYS A 1 2   ? 18.275  23.040  -9.485  1.00 56.88 ? 2   LYS A CA  1 
ATOM   3    C  C   . LYS A 1 2   ? 17.111  23.015  -10.498 1.00 56.54 ? 2   LYS A C   1 
ATOM   4    O  O   . LYS A 1 2   ? 15.928  23.094  -10.106 1.00 56.40 ? 2   LYS A O   1 
ATOM   5    C  CB  . LYS A 1 2   ? 18.583  24.462  -9.048  1.00 57.43 ? 2   LYS A CB  1 
ATOM   6    N  N   . SER A 1 3   ? 17.432  22.929  -11.791 1.00 55.62 ? 3   SER A N   1 
ATOM   7    C  CA  . SER A 1 3   ? 16.422  22.536  -12.772 1.00 54.37 ? 3   SER A CA  1 
ATOM   8    C  C   . SER A 1 3   ? 16.263  21.016  -12.673 1.00 53.14 ? 3   SER A C   1 
ATOM   9    O  O   . SER A 1 3   ? 15.142  20.500  -12.653 1.00 51.58 ? 3   SER A O   1 
ATOM   10   C  CB  . SER A 1 3   ? 16.790  22.955  -14.203 1.00 55.49 ? 3   SER A CB  1 
ATOM   11   O  OG  . SER A 1 3   ? 15.717  22.614  -15.088 1.00 57.07 ? 3   SER A OG  1 
ATOM   12   N  N   . THR A 1 4   ? 17.400  20.322  -12.623 1.00 51.47 ? 4   THR A N   1 
ATOM   13   C  CA  . THR A 1 4   ? 17.451  18.886  -12.368 1.00 51.32 ? 4   THR A CA  1 
ATOM   14   C  C   . THR A 1 4   ? 16.634  18.577  -11.130 1.00 50.29 ? 4   THR A C   1 
ATOM   15   O  O   . THR A 1 4   ? 15.875  17.650  -11.156 1.00 49.47 ? 4   THR A O   1 
ATOM   16   C  CB  . THR A 1 4   ? 18.925  18.351  -12.152 1.00 51.20 ? 4   THR A CB  1 
ATOM   17   O  OG1 . THR A 1 4   ? 19.706  18.648  -13.314 1.00 51.52 ? 4   THR A OG1 1 
ATOM   18   C  CG2 . THR A 1 4   ? 18.952  16.784  -11.886 1.00 51.42 ? 4   THR A CG2 1 
ATOM   19   N  N   . GLU A 1 5   ? 16.842  19.348  -10.051 1.00 49.35 ? 5   GLU A N   1 
ATOM   20   C  CA  . GLU A 1 5   ? 16.144  19.133  -8.791  1.00 48.88 ? 5   GLU A CA  1 
ATOM   21   C  C   . GLU A 1 5   ? 14.612  19.349  -8.861  1.00 47.16 ? 5   GLU A C   1 
ATOM   22   O  O   . GLU A 1 5   ? 13.860  18.629  -8.222  1.00 46.22 ? 5   GLU A O   1 
ATOM   23   C  CB  . GLU A 1 5   ? 16.764  19.967  -7.697  1.00 49.26 ? 5   GLU A CB  1 
ATOM   24   C  CG  . GLU A 1 5   ? 18.206  19.552  -7.406  1.00 53.27 ? 5   GLU A CG  1 
ATOM   25   C  CD  . GLU A 1 5   ? 18.852  20.407  -6.338  1.00 58.11 ? 5   GLU A CD  1 
ATOM   26   O  OE1 . GLU A 1 5   ? 20.110  20.315  -6.175  1.00 58.48 ? 5   GLU A OE1 1 
ATOM   27   O  OE2 . GLU A 1 5   ? 18.087  21.160  -5.664  1.00 59.48 ? 5   GLU A OE2 1 
ATOM   28   N  N   . LYS A 1 6   ? 14.161  20.311  -9.651  1.00 44.87 ? 6   LYS A N   1 
ATOM   29   C  CA  . LYS A 1 6   ? 12.736  20.472  -9.888  1.00 44.14 ? 6   LYS A CA  1 
ATOM   30   C  C   . LYS A 1 6   ? 12.181  19.285  -10.725 1.00 41.96 ? 6   LYS A C   1 
ATOM   31   O  O   . LYS A 1 6   ? 11.077  18.787  -10.466 1.00 41.28 ? 6   LYS A O   1 
ATOM   32   C  CB  . LYS A 1 6   ? 12.472  21.804  -10.596 1.00 43.63 ? 6   LYS A CB  1 
ATOM   33   C  CG  . LYS A 1 6   ? 10.965  22.100  -10.868 1.00 47.06 ? 6   LYS A CG  1 
ATOM   34   C  CD  . LYS A 1 6   ? 10.824  23.174  -11.984 1.00 48.43 ? 6   LYS A CD  1 
ATOM   35   C  CE  . LYS A 1 6   ? 9.843   24.315  -11.648 1.00 55.27 ? 6   LYS A CE  1 
ATOM   36   N  NZ  . LYS A 1 6   ? 8.436   23.886  -11.500 1.00 54.23 ? 6   LYS A NZ  1 
ATOM   37   N  N   . LYS A 1 7   ? 12.924  18.881  -11.752 1.00 39.41 ? 7   LYS A N   1 
ATOM   38   C  CA  . LYS A 1 7   ? 12.498  17.815  -12.645 1.00 38.82 ? 7   LYS A CA  1 
ATOM   39   C  C   . LYS A 1 7   ? 12.438  16.518  -11.856 1.00 37.26 ? 7   LYS A C   1 
ATOM   40   O  O   . LYS A 1 7   ? 11.484  15.759  -11.963 1.00 35.91 ? 7   LYS A O   1 
ATOM   41   C  CB  . LYS A 1 7   ? 13.510  17.660  -13.784 1.00 39.60 ? 7   LYS A CB  1 
ATOM   42   C  CG  . LYS A 1 7   ? 13.158  16.551  -14.742 1.00 42.01 ? 7   LYS A CG  1 
ATOM   43   C  CD  . LYS A 1 7   ? 13.899  16.624  -16.083 1.00 45.64 ? 7   LYS A CD  1 
ATOM   44   C  CE  . LYS A 1 7   ? 15.107  15.667  -16.088 1.00 51.09 ? 7   LYS A CE  1 
ATOM   45   N  NZ  . LYS A 1 7   ? 14.747  14.205  -15.855 1.00 51.12 ? 7   LYS A NZ  1 
ATOM   46   N  N   . GLU A 1 8   ? 13.492  16.263  -11.073 1.00 35.51 ? 8   GLU A N   1 
ATOM   47   C  CA  . GLU A 1 8   ? 13.551  15.033  -10.286 1.00 35.53 ? 8   GLU A CA  1 
ATOM   48   C  C   . GLU A 1 8   ? 12.504  15.027  -9.229  1.00 34.99 ? 8   GLU A C   1 
ATOM   49   O  O   . GLU A 1 8   ? 11.949  13.972  -8.942  1.00 34.68 ? 8   GLU A O   1 
ATOM   50   C  CB  . GLU A 1 8   ? 14.949  14.799  -9.621  1.00 34.55 ? 8   GLU A CB  1 
ATOM   51   C  CG  . GLU A 1 8   ? 16.024  14.466  -10.642 1.00 36.60 ? 8   GLU A CG  1 
ATOM   52   C  CD  . GLU A 1 8   ? 15.758  13.138  -11.357 1.00 39.50 ? 8   GLU A CD  1 
ATOM   53   O  OE1 . GLU A 1 8   ? 15.277  12.167  -10.720 1.00 38.57 ? 8   GLU A OE1 1 
ATOM   54   O  OE2 . GLU A 1 8   ? 16.025  13.062  -12.557 1.00 40.27 ? 8   GLU A OE2 1 
ATOM   55   N  N   . LEU A 1 9   ? 12.289  16.174  -8.584  1.00 34.46 ? 9   LEU A N   1 
ATOM   56   C  CA  . LEU A 1 9   ? 11.290  16.197  -7.521  1.00 35.62 ? 9   LEU A CA  1 
ATOM   57   C  C   . LEU A 1 9   ? 9.889   15.842  -8.095  1.00 34.72 ? 9   LEU A C   1 
ATOM   58   O  O   . LEU A 1 9   ? 9.127   15.049  -7.518  1.00 32.73 ? 9   LEU A O   1 
ATOM   59   C  CB  . LEU A 1 9   ? 11.278  17.557  -6.794  1.00 35.02 ? 9   LEU A CB  1 
ATOM   60   C  CG  . LEU A 1 9   ? 10.153  17.718  -5.756  1.00 37.37 ? 9   LEU A CG  1 
ATOM   61   C  CD1 . LEU A 1 9   ? 10.366  16.739  -4.568  1.00 39.18 ? 9   LEU A CD1 1 
ATOM   62   C  CD2 . LEU A 1 9   ? 10.144  19.185  -5.229  1.00 38.11 ? 9   LEU A CD2 1 
ATOM   63   N  N   . SER A 1 10  ? 9.551   16.452  -9.231  1.00 33.60 ? 10  SER A N   1 
ATOM   64   C  CA  . SER A 1 10  ? 8.277   16.175  -9.878  1.00 34.19 ? 10  SER A CA  1 
ATOM   65   C  C   . SER A 1 10  ? 8.163   14.698  -10.280 1.00 34.85 ? 10  SER A C   1 
ATOM   66   O  O   . SER A 1 10  ? 7.099   14.125  -10.225 1.00 34.20 ? 10  SER A O   1 
ATOM   67   C  CB  . SER A 1 10  ? 8.064   17.097  -11.100 1.00 34.70 ? 10  SER A CB  1 
ATOM   68   O  OG  . SER A 1 10  ? 7.910   18.445  -10.648 1.00 37.75 ? 10  SER A OG  1 
ATOM   69   N  N   . HIS A 1 11  ? 9.277   14.092  -10.683 1.00 34.98 ? 11  HIS A N   1 
ATOM   70   C  CA  . HIS A 1 11  ? 9.304   12.689  -11.077 1.00 35.94 ? 11  HIS A CA  1 
ATOM   71   C  C   . HIS A 1 11  ? 8.989   11.810  -9.839  1.00 35.11 ? 11  HIS A C   1 
ATOM   72   O  O   . HIS A 1 11  ? 8.127   10.935  -9.892  1.00 34.98 ? 11  HIS A O   1 
ATOM   73   C  CB  . HIS A 1 11  ? 10.702  12.375  -11.671 1.00 36.05 ? 11  HIS A CB  1 
ATOM   74   C  CG  . HIS A 1 11  ? 10.932  10.913  -11.906 1.00 39.89 ? 11  HIS A CG  1 
ATOM   75   N  ND1 . HIS A 1 11  ? 10.168  10.172  -12.783 1.00 40.56 ? 11  HIS A ND1 1 
ATOM   76   C  CD2 . HIS A 1 11  ? 11.816  10.049  -11.350 1.00 40.42 ? 11  HIS A CD2 1 
ATOM   77   C  CE1 . HIS A 1 11  ? 10.609  8.926   -12.798 1.00 41.92 ? 11  HIS A CE1 1 
ATOM   78   N  NE2 . HIS A 1 11  ? 11.594  8.819   -11.924 1.00 41.51 ? 11  HIS A NE2 1 
ATOM   79   N  N   . PHE A 1 12  ? 9.655   12.080  -8.714  1.00 35.39 ? 12  PHE A N   1 
ATOM   80   C  CA  . PHE A 1 12  ? 9.433   11.275  -7.510  1.00 34.69 ? 12  PHE A CA  1 
ATOM   81   C  C   . PHE A 1 12  ? 8.012   11.505  -6.993  1.00 34.63 ? 12  PHE A C   1 
ATOM   82   O  O   . PHE A 1 12  ? 7.363   10.555  -6.587  1.00 32.90 ? 12  PHE A O   1 
ATOM   83   C  CB  . PHE A 1 12  ? 10.454  11.603  -6.402  1.00 35.54 ? 12  PHE A CB  1 
ATOM   84   C  CG  . PHE A 1 12  ? 11.870  11.244  -6.781  1.00 37.69 ? 12  PHE A CG  1 
ATOM   85   C  CD1 . PHE A 1 12  ? 12.168  9.950   -7.265  1.00 37.89 ? 12  PHE A CD1 1 
ATOM   86   C  CD2 . PHE A 1 12  ? 12.913  12.193  -6.660  1.00 38.30 ? 12  PHE A CD2 1 
ATOM   87   C  CE1 . PHE A 1 12  ? 13.491  9.614   -7.625  1.00 41.73 ? 12  PHE A CE1 1 
ATOM   88   C  CE2 . PHE A 1 12  ? 14.235  11.881  -7.050  1.00 34.65 ? 12  PHE A CE2 1 
ATOM   89   C  CZ  . PHE A 1 12  ? 14.523  10.602  -7.530  1.00 38.79 ? 12  PHE A CZ  1 
ATOM   90   N  N   . ARG A 1 13  ? 7.559   12.756  -6.961  1.00 33.89 ? 13  ARG A N   1 
ATOM   91   C  CA  . ARG A 1 13  ? 6.167   13.030  -6.577  1.00 36.03 ? 13  ARG A CA  1 
ATOM   92   C  C   . ARG A 1 13  ? 5.114   12.274  -7.417  1.00 34.89 ? 13  ARG A C   1 
ATOM   93   O  O   . ARG A 1 13  ? 4.237   11.639  -6.852  1.00 36.10 ? 13  ARG A O   1 
ATOM   94   C  CB  . ARG A 1 13  ? 5.841   14.530  -6.544  1.00 36.87 ? 13  ARG A CB  1 
ATOM   95   C  CG  . ARG A 1 13  ? 4.386   14.769  -6.028  1.00 37.97 ? 13  ARG A CG  1 
ATOM   96   C  CD  . ARG A 1 13  ? 4.074   16.264  -5.751  1.00 38.35 ? 13  ARG A CD  1 
ATOM   97   N  NE  . ARG A 1 13  ? 2.782   16.308  -5.077  1.00 42.69 ? 13  ARG A NE  1 
ATOM   98   C  CZ  . ARG A 1 13  ? 2.602   16.787  -3.851  1.00 43.60 ? 13  ARG A CZ  1 
ATOM   99   N  NH1 . ARG A 1 13  ? 3.622   17.336  -3.207  1.00 42.93 ? 13  ARG A NH1 1 
ATOM   100  N  NH2 . ARG A 1 13  ? 1.387   16.754  -3.297  1.00 44.91 ? 13  ARG A NH2 1 
ATOM   101  N  N   . LEU A 1 14  ? 5.229   12.316  -8.742  1.00 34.10 ? 14  LEU A N   1 
ATOM   102  C  CA  . LEU A 1 14  ? 4.338   11.588  -9.615  1.00 34.73 ? 14  LEU A CA  1 
ATOM   103  C  C   . LEU A 1 14  ? 4.363   10.062  -9.337  1.00 33.98 ? 14  LEU A C   1 
ATOM   104  O  O   . LEU A 1 14  ? 3.314   9.448   -9.238  1.00 33.03 ? 14  LEU A O   1 
ATOM   105  C  CB  . LEU A 1 14  ? 4.612   11.882  -11.100 1.00 33.44 ? 14  LEU A CB  1 
ATOM   106  C  CG  . LEU A 1 14  ? 3.538   11.327  -12.039 1.00 35.48 ? 14  LEU A CG  1 
ATOM   107  C  CD1 . LEU A 1 14  ? 2.127   11.791  -11.653 1.00 36.65 ? 14  LEU A CD1 1 
ATOM   108  C  CD2 . LEU A 1 14  ? 3.863   11.644  -13.499 1.00 37.32 ? 14  LEU A CD2 1 
ATOM   109  N  N   . LYS A 1 15  ? 5.556   9.479   -9.202  1.00 32.76 ? 15  LYS A N   1 
ATOM   110  C  CA  . LYS A 1 15  ? 5.670   8.049   -8.917  1.00 33.86 ? 15  LYS A CA  1 
ATOM   111  C  C   . LYS A 1 15  ? 4.942   7.679   -7.613  1.00 31.03 ? 15  LYS A C   1 
ATOM   112  O  O   . LYS A 1 15  ? 4.332   6.609   -7.519  1.00 29.07 ? 15  LYS A O   1 
ATOM   113  C  CB  . LYS A 1 15  ? 7.142   7.646   -8.778  1.00 33.37 ? 15  LYS A CB  1 
ATOM   114  C  CG  . LYS A 1 15  ? 7.932   7.622   -10.109 1.00 38.78 ? 15  LYS A CG  1 
ATOM   115  C  CD  . LYS A 1 15  ? 9.402   7.182   -9.848  1.00 38.37 ? 15  LYS A CD  1 
ATOM   116  C  CE  . LYS A 1 15  ? 9.504   5.720   -9.469  1.00 43.82 ? 15  LYS A CE  1 
ATOM   117  N  NZ  . LYS A 1 15  ? 10.933  5.401   -9.336  1.00 44.77 ? 15  LYS A NZ  1 
ATOM   118  N  N   . LEU A 1 16  ? 5.055   8.547   -6.596  1.00 30.22 ? 16  LEU A N   1 
ATOM   119  C  CA  . LEU A 1 16  ? 4.512   8.238   -5.270  1.00 30.02 ? 16  LEU A CA  1 
ATOM   120  C  C   . LEU A 1 16  ? 3.007   8.453   -5.331  1.00 30.54 ? 16  LEU A C   1 
ATOM   121  O  O   . LEU A 1 16  ? 2.222   7.648   -4.801  1.00 31.63 ? 16  LEU A O   1 
ATOM   122  C  CB  . LEU A 1 16  ? 5.087   9.187   -4.180  1.00 29.12 ? 16  LEU A CB  1 
ATOM   123  C  CG  . LEU A 1 16  ? 4.551   9.012   -2.737  1.00 28.90 ? 16  LEU A CG  1 
ATOM   124  C  CD1 . LEU A 1 16  ? 4.662   7.541   -2.222  1.00 26.30 ? 16  LEU A CD1 1 
ATOM   125  C  CD2 . LEU A 1 16  ? 5.301   9.961   -1.780  1.00 29.79 ? 16  LEU A CD2 1 
ATOM   126  N  N   . GLU A 1 17  ? 2.581   9.510   -6.018  1.00 30.74 ? 17  GLU A N   1 
ATOM   127  C  CA  . GLU A 1 17  ? 1.112   9.712   -6.157  1.00 30.51 ? 17  GLU A CA  1 
ATOM   128  C  C   . GLU A 1 17  ? 0.449   8.517   -6.819  1.00 29.88 ? 17  GLU A C   1 
ATOM   129  O  O   . GLU A 1 17  ? -0.584  7.996   -6.348  1.00 30.22 ? 17  GLU A O   1 
ATOM   130  C  CB  . GLU A 1 17  ? 0.797   11.004  -6.872  1.00 29.86 ? 17  GLU A CB  1 
ATOM   131  C  CG  . GLU A 1 17  ? 1.039   12.258  -5.982  1.00 28.29 ? 17  GLU A CG  1 
ATOM   132  C  CD  . GLU A 1 17  ? 0.723   13.501  -6.761  1.00 34.53 ? 17  GLU A CD  1 
ATOM   133  O  OE1 . GLU A 1 17  ? 0.335   13.373  -7.935  1.00 35.06 ? 17  GLU A OE1 1 
ATOM   134  O  OE2 . GLU A 1 17  ? 0.831   14.593  -6.233  1.00 34.75 ? 17  GLU A OE2 1 
ATOM   135  N  N   . THR A 1 18  ? 1.039   8.058   -7.900  1.00 30.19 ? 18  THR A N   1 
ATOM   136  C  CA  . THR A 1 18  ? 0.509   6.903   -8.639  1.00 28.84 ? 18  THR A CA  1 
ATOM   137  C  C   . THR A 1 18  ? 0.470   5.622   -7.742  1.00 30.39 ? 18  THR A C   1 
ATOM   138  O  O   . THR A 1 18  ? -0.508  4.911   -7.695  1.00 29.62 ? 18  THR A O   1 
ATOM   139  C  CB  . THR A 1 18  ? 1.306   6.722   -9.916  1.00 29.70 ? 18  THR A CB  1 
ATOM   140  O  OG1 . THR A 1 18  ? 1.148   7.911   -10.727 1.00 31.25 ? 18  THR A OG1 1 
ATOM   141  C  CG2 . THR A 1 18  ? 0.829   5.461   -10.716 1.00 29.36 ? 18  THR A CG2 1 
ATOM   142  N  N   . TYR A 1 19  ? 1.565   5.379   -7.048  1.00 31.09 ? 19  TYR A N   1 
ATOM   143  C  CA  . TYR A 1 19  ? 1.718   4.212   -6.209  1.00 31.32 ? 19  TYR A CA  1 
ATOM   144  C  C   . TYR A 1 19  ? 0.668   4.222   -5.095  1.00 29.97 ? 19  TYR A C   1 
ATOM   145  O  O   . TYR A 1 19  ? 0.046   3.201   -4.838  1.00 30.41 ? 19  TYR A O   1 
ATOM   146  C  CB  . TYR A 1 19  ? 3.144   4.194   -5.612  1.00 31.09 ? 19  TYR A CB  1 
ATOM   147  C  CG  . TYR A 1 19  ? 3.414   2.905   -4.847  1.00 35.70 ? 19  TYR A CG  1 
ATOM   148  C  CD1 . TYR A 1 19  ? 3.789   1.783   -5.530  1.00 34.89 ? 19  TYR A CD1 1 
ATOM   149  C  CD2 . TYR A 1 19  ? 3.315   2.835   -3.423  1.00 36.37 ? 19  TYR A CD2 1 
ATOM   150  C  CE1 . TYR A 1 19  ? 4.033   0.584   -4.892  1.00 39.90 ? 19  TYR A CE1 1 
ATOM   151  C  CE2 . TYR A 1 19  ? 3.604   1.614   -2.745  1.00 38.54 ? 19  TYR A CE2 1 
ATOM   152  C  CZ  . TYR A 1 19  ? 3.927   0.487   -3.512  1.00 38.51 ? 19  TYR A CZ  1 
ATOM   153  O  OH  . TYR A 1 19  ? 4.243   -0.755  -2.975  1.00 40.93 ? 19  TYR A OH  1 
ATOM   154  N  N   . LEU A 1 20  ? 0.491   5.361   -4.435  1.00 28.92 ? 20  LEU A N   1 
ATOM   155  C  CA  . LEU A 1 20  ? -0.557  5.483   -3.412  1.00 30.16 ? 20  LEU A CA  1 
ATOM   156  C  C   . LEU A 1 20  ? -1.978  5.360   -3.994  1.00 30.53 ? 20  LEU A C   1 
ATOM   157  O  O   . LEU A 1 20  ? -2.825  4.655   -3.434  1.00 29.47 ? 20  LEU A O   1 
ATOM   158  C  CB  . LEU A 1 20  ? -0.409  6.793   -2.632  1.00 30.91 ? 20  LEU A CB  1 
ATOM   159  C  CG  . LEU A 1 20  ? 0.907   6.944   -1.833  1.00 29.14 ? 20  LEU A CG  1 
ATOM   160  C  CD1 . LEU A 1 20  ? 0.964   8.348   -1.242  1.00 27.02 ? 20  LEU A CD1 1 
ATOM   161  C  CD2 . LEU A 1 20  ? 1.013   5.939   -0.672  1.00 29.41 ? 20  LEU A CD2 1 
ATOM   162  N  N   . ASN A 1 21  ? -2.210  5.991   -5.148  1.00 29.92 ? 21  ASN A N   1 
ATOM   163  C  CA  . ASN A 1 21  ? -3.485  5.896   -5.804  1.00 30.28 ? 21  ASN A CA  1 
ATOM   164  C  C   . ASN A 1 21  ? -3.826  4.434   -6.016  1.00 31.53 ? 21  ASN A C   1 
ATOM   165  O  O   . ASN A 1 21  ? -5.002  4.026   -5.812  1.00 29.98 ? 21  ASN A O   1 
ATOM   166  C  CB  . ASN A 1 21  ? -3.517  6.574   -7.173  1.00 29.21 ? 21  ASN A CB  1 
ATOM   167  C  CG  . ASN A 1 21  ? -3.569  8.068   -7.096  1.00 32.18 ? 21  ASN A CG  1 
ATOM   168  O  OD1 . ASN A 1 21  ? -3.777  8.687   -6.009  1.00 29.90 ? 21  ASN A OD1 1 
ATOM   169  N  ND2 . ASN A 1 21  ? -3.272  8.708   -8.259  1.00 30.82 ? 21  ASN A ND2 1 
ATOM   170  N  N   . GLU A 1 22  ? -2.818  3.624   -6.356  1.00 31.43 ? 22  GLU A N   1 
ATOM   171  C  CA  . GLU A 1 22  ? -3.138  2.214   -6.674  1.00 34.73 ? 22  GLU A CA  1 
ATOM   172  C  C   . GLU A 1 22  ? -3.245  1.311   -5.438  1.00 32.37 ? 22  GLU A C   1 
ATOM   173  O  O   . GLU A 1 22  ? -4.056  0.416   -5.410  1.00 33.13 ? 22  GLU A O   1 
ATOM   174  C  CB  . GLU A 1 22  ? -2.081  1.618   -7.625  1.00 34.73 ? 22  GLU A CB  1 
ATOM   175  C  CG  . GLU A 1 22  ? -2.031  2.310   -9.005  1.00 39.83 ? 22  GLU A CG  1 
ATOM   176  C  CD  . GLU A 1 22  ? -0.797  1.900   -9.856  1.00 42.34 ? 22  GLU A CD  1 
ATOM   177  O  OE1 . GLU A 1 22  ? 0.290   1.622   -9.268  1.00 48.46 ? 22  GLU A OE1 1 
ATOM   178  O  OE2 . GLU A 1 22  ? -0.917  1.881   -11.115 1.00 48.77 ? 22  GLU A OE2 1 
ATOM   179  N  N   . HIS A 1 23  ? -2.413  1.560   -4.436  1.00 30.92 ? 23  HIS A N   1 
ATOM   180  C  CA  . HIS A 1 23  ? -2.112  0.562   -3.404  1.00 30.75 ? 23  HIS A CA  1 
ATOM   181  C  C   . HIS A 1 23  ? -2.536  1.027   -2.000  1.00 29.03 ? 23  HIS A C   1 
ATOM   182  O  O   . HIS A 1 23  ? -2.676  0.217   -1.083  1.00 27.29 ? 23  HIS A O   1 
ATOM   183  C  CB  . HIS A 1 23  ? -0.593  0.273   -3.376  1.00 31.16 ? 23  HIS A CB  1 
ATOM   184  C  CG  . HIS A 1 23  ? -0.078  -0.376  -4.626  1.00 33.98 ? 23  HIS A CG  1 
ATOM   185  N  ND1 . HIS A 1 23  ? -0.422  -1.662  -4.996  1.00 37.98 ? 23  HIS A ND1 1 
ATOM   186  C  CD2 . HIS A 1 23  ? 0.709   0.104   -5.624  1.00 37.30 ? 23  HIS A CD2 1 
ATOM   187  C  CE1 . HIS A 1 23  ? 0.158   -1.955  -6.148  1.00 41.91 ? 23  HIS A CE1 1 
ATOM   188  N  NE2 . HIS A 1 23  ? 0.842   -0.901  -6.553  1.00 39.11 ? 23  HIS A NE2 1 
ATOM   189  N  N   . PHE A 1 24  ? -2.645  2.348   -1.830  1.00 28.86 ? 24  PHE A N   1 
ATOM   190  C  CA  . PHE A 1 24  ? -3.045  2.949   -0.546  1.00 29.64 ? 24  PHE A CA  1 
ATOM   191  C  C   . PHE A 1 24  ? -4.015  4.098   -0.802  1.00 30.44 ? 24  PHE A C   1 
ATOM   192  O  O   . PHE A 1 24  ? -3.717  5.261   -0.442  1.00 30.42 ? 24  PHE A O   1 
ATOM   193  C  CB  . PHE A 1 24  ? -1.818  3.466   0.189   1.00 30.84 ? 24  PHE A CB  1 
ATOM   194  C  CG  . PHE A 1 24  ? -0.828  2.404   0.531   1.00 30.55 ? 24  PHE A CG  1 
ATOM   195  C  CD1 . PHE A 1 24  ? -0.852  1.780   1.791   1.00 30.06 ? 24  PHE A CD1 1 
ATOM   196  C  CD2 . PHE A 1 24  ? 0.158   2.043   -0.381  1.00 29.32 ? 24  PHE A CD2 1 
ATOM   197  C  CE1 . PHE A 1 24  ? 0.072   0.808   2.126   1.00 31.06 ? 24  PHE A CE1 1 
ATOM   198  C  CE2 . PHE A 1 24  ? 1.133   1.062   -0.017  1.00 29.51 ? 24  PHE A CE2 1 
ATOM   199  C  CZ  . PHE A 1 24  ? 1.089   0.459   1.224   1.00 30.07 ? 24  PHE A CZ  1 
ATOM   200  N  N   . PRO A 1 25  ? -5.159  3.795   -1.479  1.00 30.70 ? 25  PRO A N   1 
ATOM   201  C  CA  . PRO A 1 25  ? -6.045  4.889   -1.888  1.00 31.39 ? 25  PRO A CA  1 
ATOM   202  C  C   . PRO A 1 25  ? -6.427  5.746   -0.690  1.00 31.27 ? 25  PRO A C   1 
ATOM   203  O  O   . PRO A 1 25  ? -6.621  6.936   -0.848  1.00 31.41 ? 25  PRO A O   1 
ATOM   204  C  CB  . PRO A 1 25  ? -7.257  4.187   -2.510  1.00 31.19 ? 25  PRO A CB  1 
ATOM   205  C  CG  . PRO A 1 25  ? -7.153  2.713   -2.067  1.00 30.23 ? 25  PRO A CG  1 
ATOM   206  C  CD  . PRO A 1 25  ? -5.669  2.478   -1.921  1.00 29.89 ? 25  PRO A CD  1 
ATOM   207  N  N   . GLU A 1 26  ? -6.483  5.148   0.486   1.00 30.51 ? 26  GLU A N   1 
ATOM   208  C  CA  . GLU A 1 26  ? -6.834  5.872   1.703   1.00 30.76 ? 26  GLU A CA  1 
ATOM   209  C  C   . GLU A 1 26  ? -5.828  6.933   2.126   1.00 30.10 ? 26  GLU A C   1 
ATOM   210  O  O   . GLU A 1 26  ? -6.192  7.894   2.840   1.00 28.65 ? 26  GLU A O   1 
ATOM   211  C  CB  . GLU A 1 26  ? -7.104  4.891   2.884   1.00 30.73 ? 26  GLU A CB  1 
ATOM   212  C  CG  . GLU A 1 26  ? -5.871  4.089   3.398   1.00 31.37 ? 26  GLU A CG  1 
ATOM   213  C  CD  . GLU A 1 26  ? -5.467  2.888   2.491   1.00 33.32 ? 26  GLU A CD  1 
ATOM   214  O  OE1 . GLU A 1 26  ? -6.196  2.580   1.501   1.00 29.56 ? 26  GLU A OE1 1 
ATOM   215  O  OE2 . GLU A 1 26  ? -4.402  2.274   2.774   1.00 32.79 ? 26  GLU A OE2 1 
HETATM 216  N  N   . MSE A 1 27  ? -4.571  6.751   1.704   1.00 30.12 ? 27  MSE A N   1 
HETATM 217  C  CA  . MSE A 1 27  ? -3.484  7.721   1.928   1.00 33.13 ? 27  MSE A CA  1 
HETATM 218  C  C   . MSE A 1 27  ? -3.217  8.636   0.749   1.00 30.96 ? 27  MSE A C   1 
HETATM 219  O  O   . MSE A 1 27  ? -2.483  9.598   0.882   1.00 29.44 ? 27  MSE A O   1 
HETATM 220  C  CB  . MSE A 1 27  ? -2.174  6.970   2.240   1.00 31.80 ? 27  MSE A CB  1 
HETATM 221  C  CG  . MSE A 1 27  ? -2.295  6.022   3.461   1.00 35.51 ? 27  MSE A CG  1 
HETATM 222  SE SE  . MSE A 1 27  ? -0.538  5.073   3.568   1.00 44.54 ? 27  MSE A SE  1 
HETATM 223  C  CE  . MSE A 1 27  ? -0.678  4.691   5.398   1.00 35.20 ? 27  MSE A CE  1 
ATOM   224  N  N   . SER A 1 28  ? -3.847  8.357   -0.400  1.00 31.49 ? 28  SER A N   1 
ATOM   225  C  CA  . SER A 1 28  ? -3.486  9.008   -1.652  1.00 32.53 ? 28  SER A CA  1 
ATOM   226  C  C   . SER A 1 28  ? -3.831  10.506  -1.746  1.00 33.88 ? 28  SER A C   1 
ATOM   227  O  O   . SER A 1 28  ? -3.389  11.198  -2.684  1.00 34.81 ? 28  SER A O   1 
ATOM   228  C  CB  . SER A 1 28  ? -4.076  8.257   -2.861  1.00 30.77 ? 28  SER A CB  1 
ATOM   229  O  OG  . SER A 1 28  ? -5.492  8.347   -2.877  1.00 32.64 ? 28  SER A OG  1 
ATOM   230  N  N   . GLY A 1 29  ? -4.616  11.011  -0.810  1.00 34.16 ? 29  GLY A N   1 
ATOM   231  C  CA  . GLY A 1 29  ? -4.848  12.450  -0.774  1.00 34.09 ? 29  GLY A CA  1 
ATOM   232  C  C   . GLY A 1 29  ? -4.094  13.125  0.337   1.00 33.19 ? 29  GLY A C   1 
ATOM   233  O  O   . GLY A 1 29  ? -4.328  14.323  0.609   1.00 33.15 ? 29  GLY A O   1 
ATOM   234  N  N   . ASN A 1 30  ? -3.131  12.410  0.960   1.00 33.56 ? 30  ASN A N   1 
ATOM   235  C  CA  . ASN A 1 30  ? -2.379  13.003  2.071   1.00 31.87 ? 30  ASN A CA  1 
ATOM   236  C  C   . ASN A 1 30  ? -1.235  13.874  1.549   1.00 32.40 ? 30  ASN A C   1 
ATOM   237  O  O   . ASN A 1 30  ? -0.097  13.407  1.346   1.00 30.65 ? 30  ASN A O   1 
ATOM   238  C  CB  . ASN A 1 30  ? -1.851  11.918  3.051   1.00 31.98 ? 30  ASN A CB  1 
ATOM   239  C  CG  . ASN A 1 30  ? -1.454  12.492  4.389   1.00 32.14 ? 30  ASN A CG  1 
ATOM   240  O  OD1 . ASN A 1 30  ? -0.717  13.467  4.472   1.00 29.07 ? 30  ASN A OD1 1 
ATOM   241  N  ND2 . ASN A 1 30  ? -1.981  11.917  5.450   1.00 35.00 ? 30  ASN A ND2 1 
ATOM   242  N  N   . ASN A 1 31  ? -1.530  15.146  1.320   1.00 32.39 ? 31  ASN A N   1 
ATOM   243  C  CA  . ASN A 1 31  ? -0.507  16.070  0.843   1.00 34.37 ? 31  ASN A CA  1 
ATOM   244  C  C   . ASN A 1 31  ? 0.723   16.197  1.791   1.00 32.61 ? 31  ASN A C   1 
ATOM   245  O  O   . ASN A 1 31  ? 1.856   16.101  1.325   1.00 32.40 ? 31  ASN A O   1 
ATOM   246  C  CB  . ASN A 1 31  ? -1.129  17.439  0.472   1.00 36.19 ? 31  ASN A CB  1 
ATOM   247  C  CG  . ASN A 1 31  ? -0.154  18.338  -0.258  1.00 41.37 ? 31  ASN A CG  1 
ATOM   248  O  OD1 . ASN A 1 31  ? 0.627   17.860  -1.089  1.00 47.20 ? 31  ASN A OD1 1 
ATOM   249  N  ND2 . ASN A 1 31  ? -0.137  19.638  0.090   1.00 47.53 ? 31  ASN A ND2 1 
ATOM   250  N  N   . PRO A 1 32  ? 0.518   16.331  3.132   1.00 31.70 ? 32  PRO A N   1 
ATOM   251  C  CA  . PRO A 1 32  ? 1.705   16.336  3.991   1.00 31.34 ? 32  PRO A CA  1 
ATOM   252  C  C   . PRO A 1 32  ? 2.631   15.144  3.786   1.00 31.40 ? 32  PRO A C   1 
ATOM   253  O  O   . PRO A 1 32  ? 3.819   15.331  3.742   1.00 31.40 ? 32  PRO A O   1 
ATOM   254  C  CB  . PRO A 1 32  ? 1.112   16.337  5.415   1.00 32.19 ? 32  PRO A CB  1 
ATOM   255  C  CG  . PRO A 1 32  ? -0.244  16.982  5.252   1.00 30.01 ? 32  PRO A CG  1 
ATOM   256  C  CD  . PRO A 1 32  ? -0.723  16.496  3.916   1.00 30.64 ? 32  PRO A CD  1 
ATOM   257  N  N   . PHE A 1 33  ? 2.099   13.925  3.615   1.00 31.42 ? 33  PHE A N   1 
ATOM   258  C  CA  . PHE A 1 33  ? 2.998   12.812  3.496   1.00 31.62 ? 33  PHE A CA  1 
ATOM   259  C  C   . PHE A 1 33  ? 3.695   12.841  2.133   1.00 32.06 ? 33  PHE A C   1 
ATOM   260  O  O   . PHE A 1 33  ? 4.899   12.635  2.041   1.00 30.99 ? 33  PHE A O   1 
ATOM   261  C  CB  . PHE A 1 33  ? 2.228   11.503  3.604   1.00 31.93 ? 33  PHE A CB  1 
ATOM   262  C  CG  . PHE A 1 33  ? 3.086   10.291  3.324   1.00 32.10 ? 33  PHE A CG  1 
ATOM   263  C  CD1 . PHE A 1 33  ? 4.120   9.944   4.228   1.00 30.25 ? 33  PHE A CD1 1 
ATOM   264  C  CD2 . PHE A 1 33  ? 2.853   9.500   2.157   1.00 32.79 ? 33  PHE A CD2 1 
ATOM   265  C  CE1 . PHE A 1 33  ? 4.925   8.827   3.980   1.00 31.30 ? 33  PHE A CE1 1 
ATOM   266  C  CE2 . PHE A 1 33  ? 3.658   8.372   1.888   1.00 30.40 ? 33  PHE A CE2 1 
ATOM   267  C  CZ  . PHE A 1 33  ? 4.682   8.023   2.810   1.00 28.23 ? 33  PHE A CZ  1 
ATOM   268  N  N   . ILE A 1 34  ? 2.899   13.031  1.081   1.00 31.02 ? 34  ILE A N   1 
ATOM   269  C  CA  . ILE A 1 34  ? 3.433   13.062  -0.287  1.00 31.93 ? 34  ILE A CA  1 
ATOM   270  C  C   . ILE A 1 34  ? 4.530   14.102  -0.465  1.00 31.80 ? 34  ILE A C   1 
ATOM   271  O  O   . ILE A 1 34  ? 5.636   13.798  -0.984  1.00 32.04 ? 34  ILE A O   1 
ATOM   272  C  CB  . ILE A 1 34  ? 2.274   13.239  -1.303  1.00 31.06 ? 34  ILE A CB  1 
ATOM   273  C  CG1 . ILE A 1 34  ? 1.438   11.946  -1.356  1.00 32.80 ? 34  ILE A CG1 1 
ATOM   274  C  CG2 . ILE A 1 34  ? 2.803   13.577  -2.741  1.00 32.29 ? 34  ILE A CG2 1 
ATOM   275  C  CD1 . ILE A 1 34  ? -0.041  12.172  -1.851  1.00 31.38 ? 34  ILE A CD1 1 
ATOM   276  N  N   . THR A 1 35  ? 4.274   15.310  0.039   1.00 32.08 ? 35  THR A N   1 
ATOM   277  C  CA  . THR A 1 35  ? 5.305   16.392  0.018   1.00 32.52 ? 35  THR A CA  1 
ATOM   278  C  C   . THR A 1 35  ? 6.563   15.940  0.770   1.00 33.52 ? 35  THR A C   1 
ATOM   279  O  O   . THR A 1 35  ? 7.701   16.002  0.245   1.00 33.22 ? 35  THR A O   1 
ATOM   280  C  CB  . THR A 1 35  ? 4.728   17.658  0.650   1.00 31.98 ? 35  THR A CB  1 
ATOM   281  O  OG1 . THR A 1 35  ? 3.539   18.013  -0.072  1.00 32.95 ? 35  THR A OG1 1 
ATOM   282  C  CG2 . THR A 1 35  ? 5.734   18.827  0.614   1.00 35.01 ? 35  THR A CG2 1 
ATOM   283  N  N   . ALA A 1 36  ? 6.357   15.467  1.991   1.00 33.98 ? 36  ALA A N   1 
ATOM   284  C  CA  . ALA A 1 36  ? 7.493   15.133  2.838   1.00 34.62 ? 36  ALA A CA  1 
ATOM   285  C  C   . ALA A 1 36  ? 8.286   13.942  2.294   1.00 33.96 ? 36  ALA A C   1 
ATOM   286  O  O   . ALA A 1 36  ? 9.507   13.976  2.282   1.00 34.75 ? 36  ALA A O   1 
ATOM   287  C  CB  . ALA A 1 36  ? 7.040   14.887  4.192   1.00 36.07 ? 36  ALA A CB  1 
ATOM   288  N  N   . ARG A 1 37  ? 7.595   12.899  1.840   1.00 33.24 ? 37  ARG A N   1 
ATOM   289  C  CA  . ARG A 1 37  ? 8.269   11.741  1.293   1.00 33.37 ? 37  ARG A CA  1 
ATOM   290  C  C   . ARG A 1 37  ? 8.965   12.030  -0.085  1.00 33.43 ? 37  ARG A C   1 
ATOM   291  O  O   . ARG A 1 37  ? 10.100  11.588  -0.322  1.00 34.10 ? 37  ARG A O   1 
ATOM   292  C  CB  . ARG A 1 37  ? 7.277   10.570  1.184   1.00 33.24 ? 37  ARG A CB  1 
ATOM   293  C  CG  . ARG A 1 37  ? 7.870   9.269   0.659   1.00 32.59 ? 37  ARG A CG  1 
ATOM   294  C  CD  . ARG A 1 37  ? 9.020   8.813   1.571   1.00 31.94 ? 37  ARG A CD  1 
ATOM   295  N  NE  . ARG A 1 37  ? 8.628   8.381   2.904   1.00 30.60 ? 37  ARG A NE  1 
ATOM   296  C  CZ  . ARG A 1 37  ? 8.256   7.145   3.220   1.00 33.56 ? 37  ARG A CZ  1 
ATOM   297  N  NH1 . ARG A 1 37  ? 8.126   6.203   2.280   1.00 30.68 ? 37  ARG A NH1 1 
ATOM   298  N  NH2 . ARG A 1 37  ? 7.997   6.859   4.490   1.00 32.20 ? 37  ARG A NH2 1 
ATOM   299  N  N   . SER A 1 38  ? 8.322   12.800  -0.942  1.00 32.31 ? 38  SER A N   1 
ATOM   300  C  CA  . SER A 1 38  ? 8.955   13.233  -2.185  1.00 34.92 ? 38  SER A CA  1 
ATOM   301  C  C   . SER A 1 38  ? 10.257  14.063  -1.949  1.00 35.78 ? 38  SER A C   1 
ATOM   302  O  O   . SER A 1 38  ? 11.239  13.872  -2.666  1.00 36.38 ? 38  SER A O   1 
ATOM   303  C  CB  . SER A 1 38  ? 7.947   13.986  -3.055  1.00 32.25 ? 38  SER A CB  1 
ATOM   304  O  OG  . SER A 1 38  ? 6.848   13.099  -3.346  1.00 38.97 ? 38  SER A OG  1 
ATOM   305  N  N   . ASP A 1 39  ? 10.208  15.000  -0.989  1.00 36.41 ? 39  ASP A N   1 
ATOM   306  C  CA  . ASP A 1 39  ? 11.362  15.759  -0.515  1.00 37.69 ? 39  ASP A CA  1 
ATOM   307  C  C   . ASP A 1 39  ? 12.492  14.841  -0.014  1.00 37.44 ? 39  ASP A C   1 
ATOM   308  O  O   . ASP A 1 39  ? 13.660  15.051  -0.374  1.00 36.00 ? 39  ASP A O   1 
ATOM   309  C  CB  . ASP A 1 39  ? 10.965  16.692  0.650   1.00 39.30 ? 39  ASP A CB  1 
ATOM   310  C  CG  . ASP A 1 39  ? 10.275  17.981  0.192   1.00 43.31 ? 39  ASP A CG  1 
ATOM   311  O  OD1 . ASP A 1 39  ? 10.106  18.161  -1.031  1.00 46.81 ? 39  ASP A OD1 1 
ATOM   312  O  OD2 . ASP A 1 39  ? 9.910   18.841  1.069   1.00 49.18 ? 39  ASP A OD2 1 
ATOM   313  N  N   . GLU A 1 40  ? 12.151  13.829  0.802   1.00 36.29 ? 40  GLU A N   1 
ATOM   314  C  CA  . GLU A 1 40  ? 13.145  12.851  1.226   1.00 37.62 ? 40  GLU A CA  1 
ATOM   315  C  C   . GLU A 1 40  ? 13.824  12.099  0.085   1.00 34.85 ? 40  GLU A C   1 
ATOM   316  O  O   . GLU A 1 40  ? 15.048  11.823  0.171   1.00 32.00 ? 40  GLU A O   1 
ATOM   317  C  CB  . GLU A 1 40  ? 12.572  11.776  2.185   1.00 37.58 ? 40  GLU A CB  1 
ATOM   318  C  CG  . GLU A 1 40  ? 12.006  12.276  3.443   1.00 43.73 ? 40  GLU A CG  1 
ATOM   319  C  CD  . GLU A 1 40  ? 11.343  11.167  4.254   1.00 46.04 ? 40  GLU A CD  1 
ATOM   320  O  OE1 . GLU A 1 40  ? 11.805  9.958   4.246   1.00 52.57 ? 40  GLU A OE1 1 
ATOM   321  O  OE2 . GLU A 1 40  ? 10.358  11.541  4.934   1.00 57.52 ? 40  GLU A OE2 1 
ATOM   322  N  N   . ALA A 1 41  ? 13.026  11.632  -0.893  1.00 32.71 ? 41  ALA A N   1 
ATOM   323  C  CA  . ALA A 1 41  ? 13.579  10.934  -2.047  1.00 33.09 ? 41  ALA A CA  1 
ATOM   324  C  C   . ALA A 1 41  ? 14.541  11.840  -2.852  1.00 34.14 ? 41  ALA A C   1 
ATOM   325  O  O   . ALA A 1 41  ? 15.639  11.426  -3.245  1.00 34.33 ? 41  ALA A O   1 
ATOM   326  C  CB  . ALA A 1 41  ? 12.444  10.420  -2.980  1.00 32.64 ? 41  ALA A CB  1 
ATOM   327  N  N   . LEU A 1 42  ? 14.122  13.075  -3.086  1.00 34.11 ? 42  LEU A N   1 
ATOM   328  C  CA  . LEU A 1 42  ? 15.011  14.060  -3.680  1.00 34.93 ? 42  LEU A CA  1 
ATOM   329  C  C   . LEU A 1 42  ? 16.353  14.262  -2.973  1.00 34.43 ? 42  LEU A C   1 
ATOM   330  O  O   . LEU A 1 42  ? 17.393  14.261  -3.629  1.00 34.68 ? 42  LEU A O   1 
ATOM   331  C  CB  . LEU A 1 42  ? 14.312  15.394  -3.907  1.00 34.65 ? 42  LEU A CB  1 
ATOM   332  C  CG  . LEU A 1 42  ? 15.245  16.421  -4.561  1.00 36.93 ? 42  LEU A CG  1 
ATOM   333  C  CD1 . LEU A 1 42  ? 15.405  16.192  -6.064  1.00 32.30 ? 42  LEU A CD1 1 
ATOM   334  C  CD2 . LEU A 1 42  ? 14.736  17.820  -4.226  1.00 39.74 ? 42  LEU A CD2 1 
ATOM   335  N  N   . THR A 1 43  ? 16.346  14.433  -1.659  1.00 33.83 ? 43  THR A N   1 
ATOM   336  C  CA  . THR A 1 43  ? 17.574  14.508  -0.879  1.00 34.58 ? 43  THR A CA  1 
ATOM   337  C  C   . THR A 1 43  ? 18.455  13.285  -1.083  1.00 34.06 ? 43  THR A C   1 
ATOM   338  O  O   . THR A 1 43  ? 19.695  13.429  -1.170  1.00 35.61 ? 43  THR A O   1 
ATOM   339  C  CB  . THR A 1 43  ? 17.236  14.681  0.655   1.00 34.80 ? 43  THR A CB  1 
ATOM   340  O  OG1 . THR A 1 43  ? 16.477  15.887  0.796   1.00 37.56 ? 43  THR A OG1 1 
ATOM   341  C  CG2 . THR A 1 43  ? 18.477  14.732  1.550   1.00 36.17 ? 43  THR A CG2 1 
ATOM   342  N  N   . ALA A 1 44  ? 17.849  12.085  -1.087  1.00 33.30 ? 44  ALA A N   1 
ATOM   343  C  CA  . ALA A 1 44  ? 18.603  10.847  -1.323  1.00 33.01 ? 44  ALA A CA  1 
ATOM   344  C  C   . ALA A 1 44  ? 19.263  10.858  -2.724  1.00 32.07 ? 44  ALA A C   1 
ATOM   345  O  O   . ALA A 1 44  ? 20.425  10.465  -2.886  1.00 32.35 ? 44  ALA A O   1 
ATOM   346  C  CB  . ALA A 1 44  ? 17.703  9.609   -1.169  1.00 32.43 ? 44  ALA A CB  1 
ATOM   347  N  N   . TYR A 1 45  ? 18.499  11.289  -3.704  1.00 31.54 ? 45  TYR A N   1 
ATOM   348  C  CA  . TYR A 1 45  ? 18.988  11.436  -5.077  1.00 33.80 ? 45  TYR A CA  1 
ATOM   349  C  C   . TYR A 1 45  ? 20.164  12.439  -5.171  1.00 33.46 ? 45  TYR A C   1 
ATOM   350  O  O   . TYR A 1 45  ? 21.246  12.114  -5.668  1.00 33.14 ? 45  TYR A O   1 
ATOM   351  C  CB  . TYR A 1 45  ? 17.850  11.864  -6.012  1.00 32.78 ? 45  TYR A CB  1 
ATOM   352  C  CG  . TYR A 1 45  ? 18.332  12.117  -7.438  1.00 34.07 ? 45  TYR A CG  1 
ATOM   353  C  CD1 . TYR A 1 45  ? 18.367  11.098  -8.372  1.00 34.86 ? 45  TYR A CD1 1 
ATOM   354  C  CD2 . TYR A 1 45  ? 18.795  13.356  -7.814  1.00 33.68 ? 45  TYR A CD2 1 
ATOM   355  C  CE1 . TYR A 1 45  ? 18.899  11.335  -9.671  1.00 34.15 ? 45  TYR A CE1 1 
ATOM   356  C  CE2 . TYR A 1 45  ? 19.327  13.591  -9.086  1.00 36.50 ? 45  TYR A CE2 1 
ATOM   357  C  CZ  . TYR A 1 45  ? 19.347  12.571  -10.006 1.00 35.07 ? 45  TYR A CZ  1 
ATOM   358  O  OH  . TYR A 1 45  ? 19.818  12.804  -11.289 1.00 35.33 ? 45  TYR A OH  1 
ATOM   359  N  N   . CYS A 1 46  ? 19.948  13.643  -4.651  1.00 34.60 ? 46  CYS A N   1 
ATOM   360  C  CA  . CYS A 1 46  ? 20.979  14.683  -4.683  1.00 35.59 ? 46  CYS A CA  1 
ATOM   361  C  C   . CYS A 1 46  ? 22.242  14.245  -3.891  1.00 34.53 ? 46  CYS A C   1 
ATOM   362  O  O   . CYS A 1 46  ? 23.384  14.424  -4.356  1.00 32.16 ? 46  CYS A O   1 
ATOM   363  C  CB  . CYS A 1 46  ? 20.405  15.989  -4.163  1.00 35.76 ? 46  CYS A CB  1 
ATOM   364  S  SG  . CYS A 1 46  ? 19.152  16.648  -5.184  1.00 41.24 ? 46  CYS A SG  1 
ATOM   365  N  N   . ASP A 1 47  ? 22.047  13.593  -2.740  1.00 34.49 ? 47  ASP A N   1 
ATOM   366  C  CA  . ASP A 1 47  ? 23.179  13.034  -1.979  1.00 33.00 ? 47  ASP A CA  1 
ATOM   367  C  C   . ASP A 1 47  ? 23.964  12.028  -2.786  1.00 31.92 ? 47  ASP A C   1 
ATOM   368  O  O   . ASP A 1 47  ? 25.205  12.073  -2.829  1.00 31.41 ? 47  ASP A O   1 
ATOM   369  C  CB  . ASP A 1 47  ? 22.757  12.363  -0.649  1.00 35.07 ? 47  ASP A CB  1 
ATOM   370  C  CG  . ASP A 1 47  ? 22.364  13.367  0.445   1.00 38.61 ? 47  ASP A CG  1 
ATOM   371  O  OD1 . ASP A 1 47  ? 22.539  14.597  0.245   1.00 40.13 ? 47  ASP A OD1 1 
ATOM   372  O  OD2 . ASP A 1 47  ? 21.868  12.898  1.510   1.00 42.43 ? 47  ASP A OD2 1 
ATOM   373  N  N   . ALA A 1 48  ? 23.255  11.084  -3.400  1.00 31.42 ? 48  ALA A N   1 
ATOM   374  C  CA  . ALA A 1 48  ? 23.911  10.035  -4.176  1.00 30.21 ? 48  ALA A CA  1 
ATOM   375  C  C   . ALA A 1 48  ? 24.748  10.629  -5.319  1.00 30.50 ? 48  ALA A C   1 
ATOM   376  O  O   . ALA A 1 48  ? 25.941  10.300  -5.468  1.00 29.75 ? 48  ALA A O   1 
ATOM   377  C  CB  . ALA A 1 48  ? 22.902  9.043   -4.715  1.00 29.40 ? 48  ALA A CB  1 
ATOM   378  N  N   . VAL A 1 49  ? 24.129  11.503  -6.121  1.00 30.71 ? 49  VAL A N   1 
ATOM   379  C  CA  . VAL A 1 49  ? 24.888  12.219  -7.165  1.00 32.56 ? 49  VAL A CA  1 
ATOM   380  C  C   . VAL A 1 49  ? 26.148  12.893  -6.639  1.00 32.06 ? 49  VAL A C   1 
ATOM   381  O  O   . VAL A 1 49  ? 27.236  12.709  -7.217  1.00 32.91 ? 49  VAL A O   1 
ATOM   382  C  CB  . VAL A 1 49  ? 23.998  13.188  -7.960  1.00 32.19 ? 49  VAL A CB  1 
ATOM   383  C  CG1 . VAL A 1 49  ? 24.864  14.040  -8.955  1.00 37.43 ? 49  VAL A CG1 1 
ATOM   384  C  CG2 . VAL A 1 49  ? 22.939  12.398  -8.648  1.00 32.88 ? 49  VAL A CG2 1 
ATOM   385  N  N   . ALA A 1 50  ? 26.021  13.646  -5.539  1.00 33.08 ? 50  ALA A N   1 
ATOM   386  C  CA  . ALA A 1 50  ? 27.143  14.328  -4.901  1.00 33.57 ? 50  ALA A CA  1 
ATOM   387  C  C   . ALA A 1 50  ? 28.263  13.380  -4.451  1.00 34.59 ? 50  ALA A C   1 
ATOM   388  O  O   . ALA A 1 50  ? 29.407  13.784  -4.343  1.00 33.57 ? 50  ALA A O   1 
ATOM   389  C  CB  . ALA A 1 50  ? 26.657  15.136  -3.675  1.00 33.20 ? 50  ALA A CB  1 
ATOM   390  N  N   . GLN A 1 51  ? 27.904  12.141  -4.096  1.00 34.56 ? 51  GLN A N   1 
ATOM   391  C  CA  . GLN A 1 51  ? 28.868  11.220  -3.538  1.00 33.93 ? 51  GLN A CA  1 
ATOM   392  C  C   . GLN A 1 51  ? 29.522  10.349  -4.580  1.00 34.45 ? 51  GLN A C   1 
ATOM   393  O  O   . GLN A 1 51  ? 30.417  9.568   -4.230  1.00 35.10 ? 51  GLN A O   1 
ATOM   394  C  CB  . GLN A 1 51  ? 28.232  10.311  -2.505  1.00 33.38 ? 51  GLN A CB  1 
ATOM   395  C  CG  . GLN A 1 51  ? 27.906  11.037  -1.241  1.00 34.02 ? 51  GLN A CG  1 
ATOM   396  C  CD  . GLN A 1 51  ? 26.944  10.261  -0.398  1.00 36.25 ? 51  GLN A CD  1 
ATOM   397  O  OE1 . GLN A 1 51  ? 26.714  9.061   -0.637  1.00 35.94 ? 51  GLN A OE1 1 
ATOM   398  N  NE2 . GLN A 1 51  ? 26.360  10.923  0.585   1.00 37.44 ? 51  GLN A NE2 1 
ATOM   399  N  N   . GLY A 1 52  ? 29.087  10.491  -5.837  1.00 34.11 ? 52  GLY A N   1 
ATOM   400  C  CA  . GLY A 1 52  ? 29.696  9.789   -6.959  1.00 34.30 ? 52  GLY A CA  1 
ATOM   401  C  C   . GLY A 1 52  ? 28.854  8.754   -7.678  1.00 34.16 ? 52  GLY A C   1 
ATOM   402  O  O   . GLY A 1 52  ? 29.335  8.096   -8.596  1.00 35.03 ? 52  GLY A O   1 
ATOM   403  N  N   . PHE A 1 53  ? 27.616  8.559   -7.249  1.00 33.58 ? 53  PHE A N   1 
ATOM   404  C  CA  . PHE A 1 53  ? 26.757  7.548   -7.884  1.00 32.84 ? 53  PHE A CA  1 
ATOM   405  C  C   . PHE A 1 53  ? 26.254  8.090   -9.228  1.00 34.07 ? 53  PHE A C   1 
ATOM   406  O  O   . PHE A 1 53  ? 26.153  9.308   -9.416  1.00 32.99 ? 53  PHE A O   1 
ATOM   407  C  CB  . PHE A 1 53  ? 25.592  7.148   -6.943  1.00 32.24 ? 53  PHE A CB  1 
ATOM   408  C  CG  . PHE A 1 53  ? 26.034  6.404   -5.703  1.00 29.26 ? 53  PHE A CG  1 
ATOM   409  C  CD1 . PHE A 1 53  ? 26.237  5.012   -5.733  1.00 29.55 ? 53  PHE A CD1 1 
ATOM   410  C  CD2 . PHE A 1 53  ? 26.189  7.078   -4.503  1.00 28.46 ? 53  PHE A CD2 1 
ATOM   411  C  CE1 . PHE A 1 53  ? 26.628  4.314   -4.606  1.00 27.71 ? 53  PHE A CE1 1 
ATOM   412  C  CE2 . PHE A 1 53  ? 26.592  6.385   -3.336  1.00 28.81 ? 53  PHE A CE2 1 
ATOM   413  C  CZ  . PHE A 1 53  ? 26.799  4.993   -3.391  1.00 31.63 ? 53  PHE A CZ  1 
ATOM   414  N  N   . SER A 1 54  ? 25.930  7.208   -10.164 1.00 33.06 ? 54  SER A N   1 
ATOM   415  C  CA  . SER A 1 54  ? 25.408  7.682   -11.428 1.00 33.20 ? 54  SER A CA  1 
ATOM   416  C  C   . SER A 1 54  ? 23.948  8.147   -11.258 1.00 33.74 ? 54  SER A C   1 
ATOM   417  O  O   . SER A 1 54  ? 23.284  7.862   -10.223 1.00 31.74 ? 54  SER A O   1 
ATOM   418  C  CB  . SER A 1 54  ? 25.454  6.540   -12.446 1.00 33.96 ? 54  SER A CB  1 
ATOM   419  O  OG  . SER A 1 54  ? 24.460  5.572   -12.114 1.00 34.84 ? 54  SER A OG  1 
ATOM   420  N  N   . HIS A 1 55  ? 23.422  8.821   -12.274 1.00 34.18 ? 55  HIS A N   1 
ATOM   421  C  CA  . HIS A 1 55  ? 21.964  9.187   -12.290 1.00 34.76 ? 55  HIS A CA  1 
ATOM   422  C  C   . HIS A 1 55  ? 20.968  8.013   -12.078 1.00 34.71 ? 55  HIS A C   1 
ATOM   423  O  O   . HIS A 1 55  ? 20.037  8.117   -11.257 1.00 34.63 ? 55  HIS A O   1 
ATOM   424  C  CB  . HIS A 1 55  ? 21.651  10.042  -13.546 1.00 35.40 ? 55  HIS A CB  1 
ATOM   425  C  CG  . HIS A 1 55  ? 20.183  10.212  -13.827 1.00 37.55 ? 55  HIS A CG  1 
ATOM   426  N  ND1 . HIS A 1 55  ? 19.355  10.985  -13.031 1.00 38.85 ? 55  HIS A ND1 1 
ATOM   427  C  CD2 . HIS A 1 55  ? 19.402  9.713   -14.822 1.00 38.97 ? 55  HIS A CD2 1 
ATOM   428  C  CE1 . HIS A 1 55  ? 18.122  10.922  -13.511 1.00 43.22 ? 55  HIS A CE1 1 
ATOM   429  N  NE2 . HIS A 1 55  ? 18.123  10.151  -14.591 1.00 40.99 ? 55  HIS A NE2 1 
ATOM   430  N  N   . PRO A 1 56  ? 21.132  6.901   -12.831 1.00 34.81 ? 56  PRO A N   1 
ATOM   431  C  CA  . PRO A 1 56  ? 20.285  5.736   -12.612 1.00 33.61 ? 56  PRO A CA  1 
ATOM   432  C  C   . PRO A 1 56  ? 20.448  5.114   -11.228 1.00 33.17 ? 56  PRO A C   1 
ATOM   433  O  O   . PRO A 1 56  ? 19.457  4.656   -10.629 1.00 33.94 ? 56  PRO A O   1 
ATOM   434  C  CB  . PRO A 1 56  ? 20.753  4.732   -13.667 1.00 34.00 ? 56  PRO A CB  1 
ATOM   435  C  CG  . PRO A 1 56  ? 21.687  5.464   -14.584 1.00 34.07 ? 56  PRO A CG  1 
ATOM   436  C  CD  . PRO A 1 56  ? 22.108  6.711   -13.933 1.00 35.39 ? 56  PRO A CD  1 
ATOM   437  N  N   . GLU A 1 57  ? 21.679  5.043   -10.731 1.00 32.35 ? 57  GLU A N   1 
ATOM   438  C  CA  . GLU A 1 57  ? 21.896  4.528   -9.384  1.00 32.03 ? 57  GLU A CA  1 
ATOM   439  C  C   . GLU A 1 57  ? 21.193  5.417   -8.385  1.00 31.70 ? 57  GLU A C   1 
ATOM   440  O  O   . GLU A 1 57  ? 20.536  4.900   -7.489  1.00 30.87 ? 57  GLU A O   1 
ATOM   441  C  CB  . GLU A 1 57  ? 23.384  4.432   -9.042  1.00 32.39 ? 57  GLU A CB  1 
ATOM   442  C  CG  . GLU A 1 57  ? 24.098  3.448   -9.930  1.00 35.29 ? 57  GLU A CG  1 
ATOM   443  C  CD  . GLU A 1 57  ? 25.610  3.438   -9.705  1.00 38.81 ? 57  GLU A CD  1 
ATOM   444  O  OE1 . GLU A 1 57  ? 26.270  4.499   -9.589  1.00 38.92 ? 57  GLU A OE1 1 
ATOM   445  O  OE2 . GLU A 1 57  ? 26.138  2.326   -9.626  1.00 41.52 ? 57  GLU A OE2 1 
ATOM   446  N  N   . ALA A 1 58  ? 21.324  6.738   -8.542  1.00 30.67 ? 58  ALA A N   1 
ATOM   447  C  CA  . ALA A 1 58  ? 20.765  7.699   -7.594  1.00 32.16 ? 58  ALA A CA  1 
ATOM   448  C  C   . ALA A 1 58  ? 19.210  7.596   -7.593  1.00 33.27 ? 58  ALA A C   1 
ATOM   449  O  O   . ALA A 1 58  ? 18.559  7.589   -6.525  1.00 33.28 ? 58  ALA A O   1 
ATOM   450  C  CB  . ALA A 1 58  ? 21.257  9.176   -7.925  1.00 30.38 ? 58  ALA A CB  1 
ATOM   451  N  N   . GLU A 1 59  ? 18.630  7.483   -8.795  1.00 32.41 ? 59  GLU A N   1 
ATOM   452  C  CA  . GLU A 1 59  ? 17.196  7.362   -8.936  1.00 33.85 ? 59  GLU A CA  1 
ATOM   453  C  C   . GLU A 1 59  ? 16.644  6.073   -8.316  1.00 33.67 ? 59  GLU A C   1 
ATOM   454  O  O   . GLU A 1 59  ? 15.547  6.069   -7.736  1.00 32.85 ? 59  GLU A O   1 
ATOM   455  C  CB  . GLU A 1 59  ? 16.805  7.438   -10.410 1.00 34.58 ? 59  GLU A CB  1 
ATOM   456  C  CG  . GLU A 1 59  ? 15.642  8.380   -10.597 1.00 41.33 ? 59  GLU A CG  1 
ATOM   457  C  CD  . GLU A 1 59  ? 15.406  8.842   -12.042 1.00 45.25 ? 59  GLU A CD  1 
ATOM   458  O  OE1 . GLU A 1 59  ? 15.337  7.962   -12.948 1.00 44.09 ? 59  GLU A OE1 1 
ATOM   459  O  OE2 . GLU A 1 59  ? 15.250  10.082  -12.238 1.00 44.18 ? 59  GLU A OE2 1 
ATOM   460  N  N   . SER A 1 60  ? 17.398  4.998   -8.488  1.00 33.11 ? 60  SER A N   1 
ATOM   461  C  CA  . SER A 1 60  ? 17.051  3.683   -7.957  1.00 35.23 ? 60  SER A CA  1 
ATOM   462  C  C   . SER A 1 60  ? 17.026  3.724   -6.431  1.00 35.08 ? 60  SER A C   1 
ATOM   463  O  O   . SER A 1 60  ? 16.050  3.334   -5.802  1.00 34.01 ? 60  SER A O   1 
ATOM   464  C  CB  . SER A 1 60  ? 18.081  2.664   -8.438  1.00 34.09 ? 60  SER A CB  1 
ATOM   465  O  OG  . SER A 1 60  ? 17.783  1.361   -7.962  1.00 39.89 ? 60  SER A OG  1 
HETATM 466  N  N   . MSE A 1 61  ? 18.095  4.223   -5.829  1.00 35.52 ? 61  MSE A N   1 
HETATM 467  C  CA  . MSE A 1 61  ? 18.091  4.278   -4.380  1.00 37.93 ? 61  MSE A CA  1 
HETATM 468  C  C   . MSE A 1 61  ? 17.099  5.326   -3.807  1.00 36.08 ? 61  MSE A C   1 
HETATM 469  O  O   . MSE A 1 61  ? 16.540  5.103   -2.757  1.00 35.59 ? 61  MSE A O   1 
HETATM 470  C  CB  . MSE A 1 61  ? 19.522  4.394   -3.821  1.00 36.96 ? 61  MSE A CB  1 
HETATM 471  C  CG  . MSE A 1 61  ? 20.093  5.780   -3.854  1.00 36.71 ? 61  MSE A CG  1 
HETATM 472  SE SE  . MSE A 1 61  ? 22.031  5.684   -3.284  1.00 45.77 ? 61  MSE A SE  1 
HETATM 473  C  CE  . MSE A 1 61  ? 22.822  4.959   -5.022  1.00 30.43 ? 61  MSE A CE  1 
ATOM   474  N  N   . ALA A 1 62  ? 16.898  6.452   -4.488  1.00 35.71 ? 62  ALA A N   1 
ATOM   475  C  CA  . ALA A 1 62  ? 15.823  7.404   -4.144  1.00 35.51 ? 62  ALA A CA  1 
ATOM   476  C  C   . ALA A 1 62  ? 14.395  6.787   -4.207  1.00 35.39 ? 62  ALA A C   1 
ATOM   477  O  O   . ALA A 1 62  ? 13.528  7.118   -3.386  1.00 34.33 ? 62  ALA A O   1 
ATOM   478  C  CB  . ALA A 1 62  ? 15.884  8.617   -5.024  1.00 34.76 ? 62  ALA A CB  1 
ATOM   479  N  N   . SER A 1 63  ? 14.161  5.925   -5.202  1.00 34.29 ? 63  SER A N   1 
ATOM   480  C  CA  . SER A 1 63  ? 12.914  5.198   -5.305  1.00 35.00 ? 63  SER A CA  1 
ATOM   481  C  C   . SER A 1 63  ? 12.717  4.230   -4.144  1.00 34.03 ? 63  SER A C   1 
ATOM   482  O  O   . SER A 1 63  ? 11.590  4.111   -3.663  1.00 33.74 ? 63  SER A O   1 
ATOM   483  C  CB  . SER A 1 63  ? 12.822  4.497   -6.652  1.00 36.25 ? 63  SER A CB  1 
ATOM   484  O  OG  . SER A 1 63  ? 12.773  5.527   -7.636  1.00 38.10 ? 63  SER A OG  1 
ATOM   485  N  N   . GLU A 1 64  ? 13.802  3.593   -3.659  1.00 33.07 ? 64  GLU A N   1 
ATOM   486  C  CA  . GLU A 1 64  ? 13.701  2.697   -2.478  1.00 34.21 ? 64  GLU A CA  1 
ATOM   487  C  C   . GLU A 1 64  ? 13.274  3.522   -1.259  1.00 33.45 ? 64  GLU A C   1 
ATOM   488  O  O   . GLU A 1 64  ? 12.434  3.059   -0.462  1.00 34.03 ? 64  GLU A O   1 
ATOM   489  C  CB  . GLU A 1 64  ? 15.033  1.981   -2.178  1.00 35.40 ? 64  GLU A CB  1 
ATOM   490  C  CG  . GLU A 1 64  ? 15.652  1.336   -3.415  1.00 41.84 ? 64  GLU A CG  1 
ATOM   491  C  CD  . GLU A 1 64  ? 15.572  -0.173  -3.434  1.00 50.94 ? 64  GLU A CD  1 
ATOM   492  O  OE1 . GLU A 1 64  ? 14.450  -0.710  -3.180  1.00 55.99 ? 64  GLU A OE1 1 
ATOM   493  O  OE2 . GLU A 1 64  ? 16.633  -0.821  -3.711  1.00 51.48 ? 64  GLU A OE2 1 
ATOM   494  N  N   . VAL A 1 65  ? 13.822  4.754   -1.155  1.00 31.79 ? 65  VAL A N   1 
ATOM   495  C  CA  . VAL A 1 65  ? 13.437  5.743   -0.128  1.00 31.05 ? 65  VAL A CA  1 
ATOM   496  C  C   . VAL A 1 65  ? 11.948  6.147   -0.252  1.00 31.81 ? 65  VAL A C   1 
ATOM   497  O  O   . VAL A 1 65  ? 11.163  6.157   0.737   1.00 29.89 ? 65  VAL A O   1 
ATOM   498  C  CB  . VAL A 1 65  ? 14.380  7.007   -0.184  1.00 30.12 ? 65  VAL A CB  1 
ATOM   499  C  CG1 . VAL A 1 65  ? 13.920  8.102   0.778   1.00 29.88 ? 65  VAL A CG1 1 
ATOM   500  C  CG2 . VAL A 1 65  ? 15.844  6.561   0.295   1.00 29.30 ? 65  VAL A CG2 1 
ATOM   501  N  N   . LEU A 1 66  ? 11.581  6.456   -1.480  1.00 30.77 ? 66  LEU A N   1 
ATOM   502  C  CA  . LEU A 1 66  ? 10.197  6.832   -1.775  1.00 32.09 ? 66  LEU A CA  1 
ATOM   503  C  C   . LEU A 1 66  ? 9.169   5.806   -1.247  1.00 31.85 ? 66  LEU A C   1 
ATOM   504  O  O   . LEU A 1 66  ? 8.162   6.168   -0.637  1.00 33.27 ? 66  LEU A O   1 
ATOM   505  C  CB  . LEU A 1 66  ? 10.073  6.998   -3.289  1.00 30.98 ? 66  LEU A CB  1 
ATOM   506  C  CG  . LEU A 1 66  ? 8.903   7.814   -3.815  1.00 31.94 ? 66  LEU A CG  1 
ATOM   507  C  CD1 . LEU A 1 66  ? 9.153   9.300   -3.417  1.00 27.22 ? 66  LEU A CD1 1 
ATOM   508  C  CD2 . LEU A 1 66  ? 8.779   7.623   -5.351  1.00 30.82 ? 66  LEU A CD2 1 
ATOM   509  N  N   . TYR A 1 67  ? 9.459   4.526   -1.474  1.00 32.57 ? 67  TYR A N   1 
ATOM   510  C  CA  . TYR A 1 67  ? 8.547   3.408   -1.220  1.00 33.23 ? 67  TYR A CA  1 
ATOM   511  C  C   . TYR A 1 67  ? 8.719   2.704   0.109   1.00 33.19 ? 67  TYR A C   1 
ATOM   512  O  O   . TYR A 1 67  ? 7.927   1.804   0.457   1.00 33.82 ? 67  TYR A O   1 
ATOM   513  C  CB  . TYR A 1 67  ? 8.674   2.380   -2.352  1.00 34.87 ? 67  TYR A CB  1 
ATOM   514  C  CG  . TYR A 1 67  ? 8.247   2.883   -3.736  1.00 36.90 ? 67  TYR A CG  1 
ATOM   515  C  CD1 . TYR A 1 67  ? 7.079   3.635   -3.913  1.00 38.76 ? 67  TYR A CD1 1 
ATOM   516  C  CD2 . TYR A 1 67  ? 9.021   2.604   -4.865  1.00 37.94 ? 67  TYR A CD2 1 
ATOM   517  C  CE1 . TYR A 1 67  ? 6.692   4.107   -5.195  1.00 37.61 ? 67  TYR A CE1 1 
ATOM   518  C  CE2 . TYR A 1 67  ? 8.646   3.074   -6.145  1.00 38.57 ? 67  TYR A CE2 1 
ATOM   519  C  CZ  . TYR A 1 67  ? 7.461   3.784   -6.295  1.00 39.26 ? 67  TYR A CZ  1 
ATOM   520  O  OH  . TYR A 1 67  ? 7.092   4.206   -7.557  1.00 40.40 ? 67  TYR A OH  1 
ATOM   521  N  N   . GLN A 1 68  ? 9.745   3.117   0.849   1.00 31.79 ? 68  GLN A N   1 
ATOM   522  C  CA  . GLN A 1 68  ? 10.078  2.553   2.141   1.00 33.32 ? 68  GLN A CA  1 
ATOM   523  C  C   . GLN A 1 68  ? 8.854   2.452   3.088   1.00 31.67 ? 68  GLN A C   1 
ATOM   524  O  O   . GLN A 1 68  ? 8.177   3.447   3.316   1.00 30.77 ? 68  GLN A O   1 
ATOM   525  C  CB  . GLN A 1 68  ? 11.157  3.455   2.763   1.00 33.87 ? 68  GLN A CB  1 
ATOM   526  C  CG  . GLN A 1 68  ? 11.070  3.566   4.234   1.00 41.62 ? 68  GLN A CG  1 
ATOM   527  C  CD  . GLN A 1 68  ? 11.628  2.371   4.804   1.00 48.36 ? 68  GLN A CD  1 
ATOM   528  O  OE1 . GLN A 1 68  ? 12.626  1.866   4.267   1.00 53.62 ? 68  GLN A OE1 1 
ATOM   529  N  NE2 . GLN A 1 68  ? 11.000  1.835   5.878   1.00 53.71 ? 68  GLN A NE2 1 
ATOM   530  N  N   . GLY A 1 69  ? 8.624   1.255   3.644   1.00 31.59 ? 69  GLY A N   1 
ATOM   531  C  CA  . GLY A 1 69  ? 7.507   0.995   4.600   1.00 30.76 ? 69  GLY A CA  1 
ATOM   532  C  C   . GLY A 1 69  ? 6.153   0.992   3.913   1.00 30.50 ? 69  GLY A C   1 
ATOM   533  O  O   . GLY A 1 69  ? 5.134   0.864   4.563   1.00 30.84 ? 69  GLY A O   1 
ATOM   534  N  N   . LEU A 1 70  ? 6.122   1.136   2.591   1.00 30.27 ? 70  LEU A N   1 
ATOM   535  C  CA  . LEU A 1 70  ? 4.874   1.089   1.854   1.00 30.93 ? 70  LEU A CA  1 
ATOM   536  C  C   . LEU A 1 70  ? 4.774   -0.157  0.960   1.00 31.75 ? 70  LEU A C   1 
ATOM   537  O  O   . LEU A 1 70  ? 3.953   -0.208  0.079   1.00 30.91 ? 70  LEU A O   1 
ATOM   538  C  CB  . LEU A 1 70  ? 4.708   2.338   0.988   1.00 31.56 ? 70  LEU A CB  1 
ATOM   539  C  CG  . LEU A 1 70  ? 4.607   3.683   1.728   1.00 31.40 ? 70  LEU A CG  1 
ATOM   540  C  CD1 . LEU A 1 70  ? 4.700   4.756   0.648   1.00 31.23 ? 70  LEU A CD1 1 
ATOM   541  C  CD2 . LEU A 1 70  ? 3.271   3.775   2.554   1.00 34.24 ? 70  LEU A CD2 1 
ATOM   542  N  N   . HIS A 1 71  ? 5.599   -1.170  1.209   1.00 32.00 ? 71  HIS A N   1 
ATOM   543  C  CA  . HIS A 1 71  ? 5.511   -2.416  0.434   1.00 32.65 ? 71  HIS A CA  1 
ATOM   544  C  C   . HIS A 1 71  ? 4.355   -3.313  0.775   1.00 33.79 ? 71  HIS A C   1 
ATOM   545  O  O   . HIS A 1 71  ? 3.864   -4.022  -0.122  1.00 33.50 ? 71  HIS A O   1 
ATOM   546  C  CB  . HIS A 1 71  ? 6.831   -3.189  0.497   1.00 33.59 ? 71  HIS A CB  1 
ATOM   547  C  CG  . HIS A 1 71  ? 7.983   -2.448  -0.112  1.00 35.09 ? 71  HIS A CG  1 
ATOM   548  N  ND1 . HIS A 1 71  ? 8.843   -3.028  -1.017  1.00 40.36 ? 71  HIS A ND1 1 
ATOM   549  C  CD2 . HIS A 1 71  ? 8.402   -1.169  0.040   1.00 36.68 ? 71  HIS A CD2 1 
ATOM   550  C  CE1 . HIS A 1 71  ? 9.738   -2.131  -1.408  1.00 42.45 ? 71  HIS A CE1 1 
ATOM   551  N  NE2 . HIS A 1 71  ? 9.494   -0.996  -0.776  1.00 39.16 ? 71  HIS A NE2 1 
ATOM   552  N  N   . PHE A 1 72  ? 3.925   -3.317  2.050   1.00 32.94 ? 72  PHE A N   1 
ATOM   553  C  CA  . PHE A 1 72  ? 2.751   -4.102  2.418   1.00 35.45 ? 72  PHE A CA  1 
ATOM   554  C  C   . PHE A 1 72  ? 1.494   -3.224  2.442   1.00 34.86 ? 72  PHE A C   1 
ATOM   555  O  O   . PHE A 1 72  ? 1.467   -2.140  3.063   1.00 34.15 ? 72  PHE A O   1 
ATOM   556  C  CB  . PHE A 1 72  ? 2.902   -4.907  3.739   1.00 34.71 ? 72  PHE A CB  1 
ATOM   557  C  CG  . PHE A 1 72  ? 1.696   -5.795  4.036   1.00 37.25 ? 72  PHE A CG  1 
ATOM   558  C  CD1 . PHE A 1 72  ? 1.639   -7.103  3.530   1.00 35.84 ? 72  PHE A CD1 1 
ATOM   559  C  CD2 . PHE A 1 72  ? 0.603   -5.278  4.703   1.00 32.99 ? 72  PHE A CD2 1 
ATOM   560  C  CE1 . PHE A 1 72  ? 0.504   -7.897  3.740   1.00 40.22 ? 72  PHE A CE1 1 
ATOM   561  C  CE2 . PHE A 1 72  ? -0.547  -6.035  4.906   1.00 36.95 ? 72  PHE A CE2 1 
ATOM   562  C  CZ  . PHE A 1 72  ? -0.594  -7.365  4.456   1.00 37.31 ? 72  PHE A CZ  1 
ATOM   563  N  N   . SER A 1 73  ? 0.479   -3.705  1.730   1.00 34.16 ? 73  SER A N   1 
ATOM   564  C  CA  . SER A 1 73  ? -0.737  -2.947  1.536   1.00 34.39 ? 73  SER A CA  1 
ATOM   565  C  C   . SER A 1 73  ? -1.910  -3.766  2.081   1.00 34.17 ? 73  SER A C   1 
ATOM   566  O  O   . SER A 1 73  ? -2.255  -4.842  1.526   1.00 34.74 ? 73  SER A O   1 
ATOM   567  C  CB  . SER A 1 73  ? -0.934  -2.635  0.055   1.00 32.95 ? 73  SER A CB  1 
ATOM   568  O  OG  . SER A 1 73  ? -2.232  -2.098  -0.178  1.00 36.06 ? 73  SER A OG  1 
ATOM   569  N  N   . ARG A 1 74  ? -2.532  -3.247  3.133   1.00 33.58 ? 74  ARG A N   1 
ATOM   570  C  CA  . ARG A 1 74  ? -3.829  -3.823  3.620   1.00 36.21 ? 74  ARG A CA  1 
ATOM   571  C  C   . ARG A 1 74  ? -4.902  -3.818  2.540   1.00 35.65 ? 74  ARG A C   1 
ATOM   572  O  O   . ARG A 1 74  ? -5.581  -4.810  2.370   1.00 36.47 ? 74  ARG A O   1 
ATOM   573  C  CB  . ARG A 1 74  ? -4.310  -3.117  4.882   1.00 35.44 ? 74  ARG A CB  1 
ATOM   574  C  CG  . ARG A 1 74  ? -3.277  -3.290  6.037   1.00 36.48 ? 74  ARG A CG  1 
ATOM   575  C  CD  . ARG A 1 74  ? -3.708  -2.562  7.306   1.00 42.10 ? 74  ARG A CD  1 
ATOM   576  N  NE  . ARG A 1 74  ? -3.868  -1.133  7.018   1.00 45.87 ? 74  ARG A NE  1 
ATOM   577  C  CZ  . ARG A 1 74  ? -4.571  -0.273  7.762   1.00 49.77 ? 74  ARG A CZ  1 
ATOM   578  N  NH1 . ARG A 1 74  ? -5.182  -0.672  8.903   1.00 51.15 ? 74  ARG A NH1 1 
ATOM   579  N  NH2 . ARG A 1 74  ? -4.668  0.988   7.364   1.00 50.18 ? 74  ARG A NH2 1 
ATOM   580  N  N   . TYR A 1 75  ? -5.027  -2.697  1.817   1.00 35.88 ? 75  TYR A N   1 
ATOM   581  C  CA  . TYR A 1 75  ? -5.966  -2.599  0.701   1.00 35.45 ? 75  TYR A CA  1 
ATOM   582  C  C   . TYR A 1 75  ? -5.776  -3.711  -0.315  1.00 35.03 ? 75  TYR A C   1 
ATOM   583  O  O   . TYR A 1 75  ? -6.739  -4.432  -0.604  1.00 35.80 ? 75  TYR A O   1 
ATOM   584  C  CB  . TYR A 1 75  ? -5.910  -1.237  0.046   1.00 34.54 ? 75  TYR A CB  1 
ATOM   585  C  CG  . TYR A 1 75  ? -6.671  -1.160  -1.267  1.00 35.80 ? 75  TYR A CG  1 
ATOM   586  C  CD1 . TYR A 1 75  ? -8.046  -0.889  -1.276  1.00 34.13 ? 75  TYR A CD1 1 
ATOM   587  C  CD2 . TYR A 1 75  ? -6.027  -1.406  -2.498  1.00 33.65 ? 75  TYR A CD2 1 
ATOM   588  C  CE1 . TYR A 1 75  ? -8.778  -0.862  -2.492  1.00 33.36 ? 75  TYR A CE1 1 
ATOM   589  C  CE2 . TYR A 1 75  ? -6.740  -1.349  -3.724  1.00 33.15 ? 75  TYR A CE2 1 
ATOM   590  C  CZ  . TYR A 1 75  ? -8.092  -1.060  -3.700  1.00 36.12 ? 75  TYR A CZ  1 
ATOM   591  O  OH  . TYR A 1 75  ? -8.798  -1.007  -4.860  1.00 37.76 ? 75  TYR A OH  1 
ATOM   592  N  N   . ASP A 1 76  ? -4.550  -3.872  -0.821  1.00 34.07 ? 76  ASP A N   1 
ATOM   593  C  CA  . ASP A 1 76  ? -4.231  -4.939  -1.771  1.00 34.95 ? 76  ASP A CA  1 
ATOM   594  C  C   . ASP A 1 76  ? -4.536  -6.338  -1.210  1.00 34.81 ? 76  ASP A C   1 
ATOM   595  O  O   . ASP A 1 76  ? -4.985  -7.226  -1.944  1.00 34.89 ? 76  ASP A O   1 
ATOM   596  C  CB  . ASP A 1 76  ? -2.739  -4.878  -2.194  1.00 34.45 ? 76  ASP A CB  1 
ATOM   597  C  CG  . ASP A 1 76  ? -2.422  -3.726  -3.189  1.00 36.73 ? 76  ASP A CG  1 
ATOM   598  O  OD1 . ASP A 1 76  ? -3.351  -3.005  -3.639  1.00 34.87 ? 76  ASP A OD1 1 
ATOM   599  O  OD2 . ASP A 1 76  ? -1.208  -3.539  -3.517  1.00 38.79 ? 76  ASP A OD2 1 
ATOM   600  N  N   . THR A 1 77  ? -4.243  -6.552  0.076   1.00 34.90 ? 77  THR A N   1 
ATOM   601  C  CA  . THR A 1 77  ? -4.455  -7.851  0.718   1.00 34.64 ? 77  THR A CA  1 
ATOM   602  C  C   . THR A 1 77  ? -5.982  -8.208  0.747   1.00 35.58 ? 77  THR A C   1 
ATOM   603  O  O   . THR A 1 77  ? -6.393  -9.346  0.417   1.00 33.83 ? 77  THR A O   1 
ATOM   604  C  CB  . THR A 1 77  ? -3.872  -7.856  2.154   1.00 34.80 ? 77  THR A CB  1 
ATOM   605  O  OG1 . THR A 1 77  ? -2.475  -7.653  2.082   1.00 37.96 ? 77  THR A OG1 1 
ATOM   606  C  CG2 . THR A 1 77  ? -4.102  -9.233  2.868   1.00 33.77 ? 77  THR A CG2 1 
ATOM   607  N  N   . LEU A 1 78  ? -6.806  -7.213  1.084   1.00 34.72 ? 78  LEU A N   1 
ATOM   608  C  CA  . LEU A 1 78  ? -8.273  -7.418  1.105   1.00 35.88 ? 78  LEU A CA  1 
ATOM   609  C  C   . LEU A 1 78  ? -8.801  -7.700  -0.301  1.00 36.26 ? 78  LEU A C   1 
ATOM   610  O  O   . LEU A 1 78  ? -9.619  -8.609  -0.483  1.00 37.63 ? 78  LEU A O   1 
ATOM   611  C  CB  . LEU A 1 78  ? -8.971  -6.184  1.701   1.00 35.49 ? 78  LEU A CB  1 
ATOM   612  C  CG  . LEU A 1 78  ? -8.728  -6.036  3.201   1.00 34.51 ? 78  LEU A CG  1 
ATOM   613  C  CD1 . LEU A 1 78  ? -9.141  -4.640  3.637   1.00 34.88 ? 78  LEU A CD1 1 
ATOM   614  C  CD2 . LEU A 1 78  ? -9.496  -7.101  4.007   1.00 35.42 ? 78  LEU A CD2 1 
ATOM   615  N  N   . VAL A 1 79  ? -8.308  -6.941  -1.280  1.00 35.91 ? 79  VAL A N   1 
ATOM   616  C  CA  . VAL A 1 79  ? -8.736  -7.121  -2.689  1.00 36.33 ? 79  VAL A CA  1 
ATOM   617  C  C   . VAL A 1 79  ? -8.425  -8.544  -3.148  1.00 36.92 ? 79  VAL A C   1 
ATOM   618  O  O   . VAL A 1 79  ? -9.253  -9.208  -3.738  1.00 37.06 ? 79  VAL A O   1 
ATOM   619  C  CB  . VAL A 1 79  ? -8.086  -6.052  -3.627  1.00 36.43 ? 79  VAL A CB  1 
ATOM   620  C  CG1 . VAL A 1 79  ? -8.197  -6.444  -5.064  1.00 35.99 ? 79  VAL A CG1 1 
ATOM   621  C  CG2 . VAL A 1 79  ? -8.735  -4.695  -3.410  1.00 34.61 ? 79  VAL A CG2 1 
ATOM   622  N  N   . SER A 1 80  ? -7.213  -9.004  -2.854  1.00 38.42 ? 80  SER A N   1 
ATOM   623  C  CA  . SER A 1 80  ? -6.770  -10.356 -3.213  1.00 38.75 ? 80  SER A CA  1 
ATOM   624  C  C   . SER A 1 80  ? -7.581  -11.467 -2.507  1.00 38.08 ? 80  SER A C   1 
ATOM   625  O  O   . SER A 1 80  ? -8.015  -12.446 -3.142  1.00 37.25 ? 80  SER A O   1 
ATOM   626  C  CB  . SER A 1 80  ? -5.264  -10.500 -2.914  1.00 39.70 ? 80  SER A CB  1 
ATOM   627  O  OG  . SER A 1 80  ? -4.836  -11.849 -3.072  1.00 43.64 ? 80  SER A OG  1 
ATOM   628  N  N   . VAL A 1 81  ? -7.785  -11.319 -1.208  1.00 37.30 ? 81  VAL A N   1 
ATOM   629  C  CA  . VAL A 1 81  ? -8.635  -12.248 -0.474  1.00 37.33 ? 81  VAL A CA  1 
ATOM   630  C  C   . VAL A 1 81  ? -9.992  -12.335 -1.137  1.00 37.75 ? 81  VAL A C   1 
ATOM   631  O  O   . VAL A 1 81  ? -10.486 -13.444 -1.391  1.00 38.11 ? 81  VAL A O   1 
ATOM   632  C  CB  . VAL A 1 81  ? -8.773  -11.928 1.024   1.00 36.62 ? 81  VAL A CB  1 
ATOM   633  C  CG1 . VAL A 1 81  ? -9.951  -12.751 1.671   1.00 36.17 ? 81  VAL A CG1 1 
ATOM   634  C  CG2 . VAL A 1 81  ? -7.516  -12.253 1.719   1.00 39.04 ? 81  VAL A CG2 1 
ATOM   635  N  N   . LEU A 1 82  ? -10.596 -11.181 -1.401  1.00 37.90 ? 82  LEU A N   1 
ATOM   636  C  CA  . LEU A 1 82  ? -11.935 -11.111 -2.059  1.00 37.70 ? 82  LEU A CA  1 
ATOM   637  C  C   . LEU A 1 82  ? -11.985 -11.696 -3.461  1.00 38.29 ? 82  LEU A C   1 
ATOM   638  O  O   . LEU A 1 82  ? -12.973 -12.396 -3.803  1.00 38.49 ? 82  LEU A O   1 
ATOM   639  C  CB  . LEU A 1 82  ? -12.523 -9.676  -2.034  1.00 37.53 ? 82  LEU A CB  1 
ATOM   640  C  CG  . LEU A 1 82  ? -12.837 -9.034  -0.642  1.00 37.56 ? 82  LEU A CG  1 
ATOM   641  C  CD1 . LEU A 1 82  ? -12.941 -7.520  -0.830  1.00 39.18 ? 82  LEU A CD1 1 
ATOM   642  C  CD2 . LEU A 1 82  ? -14.105 -9.617  0.000   1.00 39.99 ? 82  LEU A CD2 1 
ATOM   643  N  N   . GLU A 1 83  ? -10.931 -11.462 -4.259  1.00 38.19 ? 83  GLU A N   1 
ATOM   644  C  CA  . GLU A 1 83  ? -10.825 -12.050 -5.594  1.00 38.65 ? 83  GLU A CA  1 
ATOM   645  C  C   . GLU A 1 83  ? -10.533 -13.544 -5.568  1.00 39.38 ? 83  GLU A C   1 
ATOM   646  O  O   . GLU A 1 83  ? -11.080 -14.298 -6.382  1.00 39.34 ? 83  GLU A O   1 
ATOM   647  C  CB  . GLU A 1 83  ? -9.748  -11.343 -6.421  1.00 39.14 ? 83  GLU A CB  1 
ATOM   648  C  CG  . GLU A 1 83  ? -9.962  -9.844  -6.572  1.00 39.31 ? 83  GLU A CG  1 
ATOM   649  C  CD  . GLU A 1 83  ? -8.982  -9.184  -7.497  1.00 39.94 ? 83  GLU A CD  1 
ATOM   650  O  OE1 . GLU A 1 83  ? -9.425  -8.257  -8.206  1.00 44.27 ? 83  GLU A OE1 1 
ATOM   651  O  OE2 . GLU A 1 83  ? -7.796  -9.592  -7.536  1.00 41.67 ? 83  GLU A OE2 1 
ATOM   652  N  N   . ARG A 1 84  ? -9.676  -13.997 -4.653  1.00 40.05 ? 84  ARG A N   1 
ATOM   653  C  CA  . ARG A 1 84  ? -9.267  -15.410 -4.654  1.00 41.00 ? 84  ARG A CA  1 
ATOM   654  C  C   . ARG A 1 84  ? -10.265 -16.331 -3.980  1.00 40.18 ? 84  ARG A C   1 
ATOM   655  O  O   . ARG A 1 84  ? -10.431 -17.486 -4.388  1.00 39.50 ? 84  ARG A O   1 
ATOM   656  C  CB  . ARG A 1 84  ? -7.899  -15.586 -3.998  1.00 42.08 ? 84  ARG A CB  1 
ATOM   657  C  CG  . ARG A 1 84  ? -6.686  -15.183 -4.858  1.00 45.95 ? 84  ARG A CG  1 
ATOM   658  C  CD  . ARG A 1 84  ? -5.454  -15.271 -3.976  1.00 53.54 ? 84  ARG A CD  1 
ATOM   659  N  NE  . ARG A 1 84  ? -4.198  -15.331 -4.715  1.00 61.83 ? 84  ARG A NE  1 
ATOM   660  C  CZ  . ARG A 1 84  ? -2.990  -15.204 -4.160  1.00 64.42 ? 84  ARG A CZ  1 
ATOM   661  N  NH1 . ARG A 1 84  ? -2.872  -15.007 -2.839  1.00 64.95 ? 84  ARG A NH1 1 
ATOM   662  N  NH2 . ARG A 1 84  ? -1.897  -15.270 -4.927  1.00 64.40 ? 84  ARG A NH2 1 
ATOM   663  N  N   . GLU A 1 85  ? -10.935 -15.807 -2.959  1.00 39.04 ? 85  GLU A N   1 
ATOM   664  C  CA  . GLU A 1 85  ? -11.713 -16.630 -2.064  1.00 39.44 ? 85  GLU A CA  1 
ATOM   665  C  C   . GLU A 1 85  ? -13.218 -16.385 -2.172  1.00 38.97 ? 85  GLU A C   1 
ATOM   666  O  O   . GLU A 1 85  ? -14.007 -17.214 -1.745  1.00 38.99 ? 85  GLU A O   1 
ATOM   667  C  CB  . GLU A 1 85  ? -11.235 -16.431 -0.601  1.00 39.68 ? 85  GLU A CB  1 
ATOM   668  C  CG  . GLU A 1 85  ? -9.703  -16.533 -0.394  1.00 40.61 ? 85  GLU A CG  1 
ATOM   669  C  CD  . GLU A 1 85  ? -9.099  -17.862 -0.854  1.00 43.94 ? 85  GLU A CD  1 
ATOM   670  O  OE1 . GLU A 1 85  ? -9.750  -18.898 -0.692  1.00 46.48 ? 85  GLU A OE1 1 
ATOM   671  O  OE2 . GLU A 1 85  ? -7.968  -17.873 -1.390  1.00 46.51 ? 85  GLU A OE2 1 
ATOM   672  N  N   . PHE A 1 86  ? -13.620 -15.245 -2.705  1.00 37.70 ? 86  PHE A N   1 
ATOM   673  C  CA  . PHE A 1 86  ? -15.046 -14.883 -2.701  1.00 38.83 ? 86  PHE A CA  1 
ATOM   674  C  C   . PHE A 1 86  ? -15.548 -14.509 -4.108  1.00 40.48 ? 86  PHE A C   1 
ATOM   675  O  O   . PHE A 1 86  ? -16.525 -13.777 -4.271  1.00 40.94 ? 86  PHE A O   1 
ATOM   676  C  CB  . PHE A 1 86  ? -15.297 -13.759 -1.685  1.00 38.36 ? 86  PHE A CB  1 
ATOM   677  C  CG  . PHE A 1 86  ? -14.990 -14.167 -0.262  1.00 38.98 ? 86  PHE A CG  1 
ATOM   678  C  CD1 . PHE A 1 86  ? -15.919 -14.903 0.471   1.00 37.54 ? 86  PHE A CD1 1 
ATOM   679  C  CD2 . PHE A 1 86  ? -13.750 -13.849 0.321   1.00 37.26 ? 86  PHE A CD2 1 
ATOM   680  C  CE1 . PHE A 1 86  ? -15.639 -15.328 1.724   1.00 37.62 ? 86  PHE A CE1 1 
ATOM   681  C  CE2 . PHE A 1 86  ? -13.456 -14.289 1.611   1.00 34.35 ? 86  PHE A CE2 1 
ATOM   682  C  CZ  . PHE A 1 86  ? -14.410 -14.998 2.317   1.00 33.89 ? 86  PHE A CZ  1 
ATOM   683  N  N   . GLU A 1 87  ? -14.883 -15.060 -5.115  1.00 41.41 ? 87  GLU A N   1 
ATOM   684  C  CA  . GLU A 1 87  ? -15.141 -14.719 -6.501  1.00 43.60 ? 87  GLU A CA  1 
ATOM   685  C  C   . GLU A 1 87  ? -16.589 -15.042 -6.909  1.00 44.13 ? 87  GLU A C   1 
ATOM   686  O  O   . GLU A 1 87  ? -17.231 -14.252 -7.597  1.00 44.01 ? 87  GLU A O   1 
ATOM   687  C  CB  . GLU A 1 87  ? -14.112 -15.423 -7.388  1.00 43.42 ? 87  GLU A CB  1 
ATOM   688  C  CG  . GLU A 1 87  ? -13.856 -14.772 -8.697  1.00 45.57 ? 87  GLU A CG  1 
ATOM   689  C  CD  . GLU A 1 87  ? -14.644 -15.384 -9.806  1.00 46.62 ? 87  GLU A CD  1 
ATOM   690  O  OE1 . GLU A 1 87  ? -14.812 -16.618 -9.795  1.00 49.86 ? 87  GLU A OE1 1 
ATOM   691  O  OE2 . GLU A 1 87  ? -15.070 -14.641 -10.715 1.00 48.01 ? 87  GLU A OE2 1 
ATOM   692  N  N   . GLN A 1 88  ? -17.094 -16.185 -6.449  1.00 45.39 ? 88  GLN A N   1 
ATOM   693  C  CA  . GLN A 1 88  ? -18.483 -16.586 -6.658  1.00 46.24 ? 88  GLN A CA  1 
ATOM   694  C  C   . GLN A 1 88  ? -19.540 -15.702 -5.951  1.00 46.83 ? 88  GLN A C   1 
ATOM   695  O  O   . GLN A 1 88  ? -20.575 -15.378 -6.537  1.00 47.66 ? 88  GLN A O   1 
ATOM   696  C  CB  . GLN A 1 88  ? -18.675 -18.071 -6.262  1.00 46.68 ? 88  GLN A CB  1 
ATOM   697  C  CG  . GLN A 1 88  ? -18.321 -19.053 -7.395  1.00 45.62 ? 88  GLN A CG  1 
ATOM   698  C  CD  . GLN A 1 88  ? -18.669 -20.516 -7.087  1.00 46.21 ? 88  GLN A CD  1 
ATOM   699  O  OE1 . GLN A 1 88  ? -19.465 -20.815 -6.197  1.00 49.73 ? 88  GLN A OE1 1 
ATOM   700  N  NE2 . GLN A 1 88  ? -18.074 -21.426 -7.837  1.00 43.06 ? 88  GLN A NE2 1 
ATOM   701  N  N   . GLU A 1 89  ? -19.285 -15.315 -4.710  1.00 46.12 ? 89  GLU A N   1 
ATOM   702  C  CA  . GLU A 1 89  ? -20.238 -14.501 -3.927  1.00 47.27 ? 89  GLU A CA  1 
ATOM   703  C  C   . GLU A 1 89  ? -20.099 -12.987 -4.102  1.00 45.89 ? 89  GLU A C   1 
ATOM   704  O  O   . GLU A 1 89  ? -21.035 -12.232 -3.835  1.00 45.71 ? 89  GLU A O   1 
ATOM   705  C  CB  . GLU A 1 89  ? -20.081 -14.782 -2.435  1.00 47.03 ? 89  GLU A CB  1 
ATOM   706  C  CG  . GLU A 1 89  ? -20.013 -16.268 -2.073  1.00 54.43 ? 89  GLU A CG  1 
ATOM   707  C  CD  . GLU A 1 89  ? -18.556 -16.765 -1.840  1.00 58.36 ? 89  GLU A CD  1 
ATOM   708  O  OE1 . GLU A 1 89  ? -17.677 -16.502 -2.715  1.00 50.69 ? 89  GLU A OE1 1 
ATOM   709  O  OE2 . GLU A 1 89  ? -18.334 -17.444 -0.791  1.00 56.48 ? 89  GLU A OE2 1 
ATOM   710  N  N   . LEU A 1 90  ? -18.910 -12.551 -4.491  1.00 45.30 ? 90  LEU A N   1 
ATOM   711  C  CA  . LEU A 1 90  ? -18.603 -11.117 -4.567  1.00 44.52 ? 90  LEU A CA  1 
ATOM   712  C  C   . LEU A 1 90  ? -17.716 -10.875 -5.802  1.00 43.61 ? 90  LEU A C   1 
ATOM   713  O  O   . LEU A 1 90  ? -16.510 -10.587 -5.687  1.00 41.63 ? 90  LEU A O   1 
ATOM   714  C  CB  . LEU A 1 90  ? -17.938 -10.617 -3.239  1.00 43.94 ? 90  LEU A CB  1 
ATOM   715  C  CG  . LEU A 1 90  ? -18.452 -11.008 -1.833  1.00 44.69 ? 90  LEU A CG  1 
ATOM   716  C  CD1 . LEU A 1 90  ? -17.417 -10.701 -0.747  1.00 40.95 ? 90  LEU A CD1 1 
ATOM   717  C  CD2 . LEU A 1 90  ? -19.800 -10.371 -1.443  1.00 43.46 ? 90  LEU A CD2 1 
ATOM   718  N  N   . PRO A 1 91  ? -18.299 -11.059 -7.019  1.00 44.26 ? 91  PRO A N   1 
ATOM   719  C  CA  . PRO A 1 91  ? -17.452 -10.898 -8.192  1.00 44.07 ? 91  PRO A CA  1 
ATOM   720  C  C   . PRO A 1 91  ? -17.195 -9.429  -8.475  1.00 44.37 ? 91  PRO A C   1 
ATOM   721  O  O   . PRO A 1 91  ? -17.915 -8.571  -7.968  1.00 44.33 ? 91  PRO A O   1 
ATOM   722  C  CB  . PRO A 1 91  ? -18.260 -11.531 -9.330  1.00 43.85 ? 91  PRO A CB  1 
ATOM   723  C  CG  . PRO A 1 91  ? -19.651 -11.637 -8.814  1.00 43.87 ? 91  PRO A CG  1 
ATOM   724  C  CD  . PRO A 1 91  ? -19.692 -11.405 -7.364  1.00 43.56 ? 91  PRO A CD  1 
ATOM   725  N  N   . SER A 1 92  ? -16.145 -9.176  -9.246  1.00 44.68 ? 92  SER A N   1 
ATOM   726  C  CA  . SER A 1 92  ? -15.775 -7.867  -9.736  1.00 45.95 ? 92  SER A CA  1 
ATOM   727  C  C   . SER A 1 92  ? -17.003 -7.102  -10.298 1.00 46.60 ? 92  SER A C   1 
ATOM   728  O  O   . SER A 1 92  ? -17.843 -7.692  -10.964 1.00 46.80 ? 92  SER A O   1 
ATOM   729  C  CB  . SER A 1 92  ? -14.668 -8.037  -10.787 1.00 45.70 ? 92  SER A CB  1 
ATOM   730  O  OG  . SER A 1 92  ? -14.313 -6.820  -11.415 1.00 46.27 ? 92  SER A OG  1 
ATOM   731  N  N   . PRO A 1 93  ? -17.106 -5.779  -10.024 1.00 47.21 ? 93  PRO A N   1 
ATOM   732  C  CA  . PRO A 1 93  ? -16.128 -4.923  -9.365  1.00 47.23 ? 93  PRO A CA  1 
ATOM   733  C  C   . PRO A 1 93  ? -16.180 -4.878  -7.827  1.00 47.18 ? 93  PRO A C   1 
ATOM   734  O  O   . PRO A 1 93  ? -15.499 -4.019  -7.254  1.00 46.86 ? 93  PRO A O   1 
ATOM   735  C  CB  . PRO A 1 93  ? -16.447 -3.523  -9.944  1.00 47.50 ? 93  PRO A CB  1 
ATOM   736  C  CG  . PRO A 1 93  ? -17.659 -3.712  -10.851 1.00 48.50 ? 93  PRO A CG  1 
ATOM   737  C  CD  . PRO A 1 93  ? -18.284 -4.988  -10.400 1.00 47.87 ? 93  PRO A CD  1 
ATOM   738  N  N   . LEU A 1 94  ? -16.941 -5.769  -7.173  1.00 46.68 ? 94  LEU A N   1 
ATOM   739  C  CA  . LEU A 1 94  ? -17.033 -5.755  -5.687  1.00 47.62 ? 94  LEU A CA  1 
ATOM   740  C  C   . LEU A 1 94  ? -15.721 -5.761  -4.860  1.00 46.58 ? 94  LEU A C   1 
ATOM   741  O  O   . LEU A 1 94  ? -15.654 -5.091  -3.839  1.00 46.79 ? 94  LEU A O   1 
ATOM   742  C  CB  . LEU A 1 94  ? -17.998 -6.817  -5.131  1.00 47.80 ? 94  LEU A CB  1 
ATOM   743  C  CG  . LEU A 1 94  ? -19.495 -6.579  -5.386  1.00 50.44 ? 94  LEU A CG  1 
ATOM   744  C  CD1 . LEU A 1 94  ? -20.267 -7.820  -5.044  1.00 50.87 ? 94  LEU A CD1 1 
ATOM   745  C  CD2 . LEU A 1 94  ? -20.059 -5.392  -4.622  1.00 52.65 ? 94  LEU A CD2 1 
ATOM   746  N  N   . PRO A 1 95  ? -14.709 -6.563  -5.236  1.00 45.91 ? 95  PRO A N   1 
ATOM   747  C  CA  . PRO A 1 95  ? -13.477 -6.442  -4.430  1.00 44.69 ? 95  PRO A CA  1 
ATOM   748  C  C   . PRO A 1 95  ? -12.921 -5.002  -4.289  1.00 44.87 ? 95  PRO A C   1 
ATOM   749  O  O   . PRO A 1 95  ? -12.612 -4.569  -3.154  1.00 43.17 ? 95  PRO A O   1 
ATOM   750  C  CB  . PRO A 1 95  ? -12.496 -7.354  -5.159  1.00 44.58 ? 95  PRO A CB  1 
ATOM   751  C  CG  . PRO A 1 95  ? -13.413 -8.431  -5.786  1.00 45.65 ? 95  PRO A CG  1 
ATOM   752  C  CD  . PRO A 1 95  ? -14.615 -7.647  -6.235  1.00 45.51 ? 95  PRO A CD  1 
ATOM   753  N  N   . GLU A 1 96  ? -12.804 -4.279  -5.415  1.00 44.51 ? 96  GLU A N   1 
ATOM   754  C  CA  . GLU A 1 96  ? -12.340 -2.900  -5.406  1.00 46.03 ? 96  GLU A CA  1 
ATOM   755  C  C   . GLU A 1 96  ? -13.295 -1.946  -4.660  1.00 44.80 ? 96  GLU A C   1 
ATOM   756  O  O   . GLU A 1 96  ? -12.838 -0.991  -4.058  1.00 45.05 ? 96  GLU A O   1 
ATOM   757  C  CB  . GLU A 1 96  ? -12.040 -2.368  -6.813  1.00 45.73 ? 96  GLU A CB  1 
ATOM   758  C  CG  . GLU A 1 96  ? -11.842 -3.402  -7.905  1.00 49.26 ? 96  GLU A CG  1 
ATOM   759  C  CD  . GLU A 1 96  ? -12.111 -2.817  -9.300  1.00 49.88 ? 96  GLU A CD  1 
ATOM   760  O  OE1 . GLU A 1 96  ? -13.043 -3.279  -10.020 1.00 51.67 ? 96  GLU A OE1 1 
ATOM   761  O  OE2 . GLU A 1 96  ? -11.393 -1.856  -9.674  1.00 55.66 ? 96  GLU A OE2 1 
ATOM   762  N  N   . ARG A 1 97  ? -14.604 -2.194  -4.695  1.00 44.20 ? 97  ARG A N   1 
ATOM   763  C  CA  . ARG A 1 97  ? -15.533 -1.345  -3.948  1.00 44.08 ? 97  ARG A CA  1 
ATOM   764  C  C   . ARG A 1 97  ? -15.659 -1.645  -2.450  1.00 42.50 ? 97  ARG A C   1 
ATOM   765  O  O   . ARG A 1 97  ? -15.815 -0.735  -1.634  1.00 42.11 ? 97  ARG A O   1 
ATOM   766  C  CB  . ARG A 1 97  ? -16.896 -1.247  -4.634  1.00 44.62 ? 97  ARG A CB  1 
ATOM   767  C  CG  . ARG A 1 97  ? -16.837 -0.159  -5.702  1.00 50.33 ? 97  ARG A CG  1 
ATOM   768  C  CD  . ARG A 1 97  ? -18.195 0.272   -6.262  1.00 58.49 ? 97  ARG A CD  1 
ATOM   769  N  NE  . ARG A 1 97  ? -18.765 -0.735  -7.148  1.00 61.15 ? 97  ARG A NE  1 
ATOM   770  C  CZ  . ARG A 1 97  ? -19.582 -0.469  -8.158  1.00 64.40 ? 97  ARG A CZ  1 
ATOM   771  N  NH1 . ARG A 1 97  ? -19.914 0.790   -8.440  1.00 65.94 ? 97  ARG A NH1 1 
ATOM   772  N  NH2 . ARG A 1 97  ? -20.062 -1.466  -8.898  1.00 64.62 ? 97  ARG A NH2 1 
ATOM   773  N  N   . LEU A 1 98  ? -15.563 -2.907  -2.082  1.00 41.08 ? 98  LEU A N   1 
ATOM   774  C  CA  . LEU A 1 98  ? -15.663 -3.277  -0.689  1.00 41.27 ? 98  LEU A CA  1 
ATOM   775  C  C   . LEU A 1 98  ? -14.388 -3.134  0.126   1.00 40.06 ? 98  LEU A C   1 
ATOM   776  O  O   . LEU A 1 98  ? -14.469 -2.949  1.336   1.00 39.44 ? 98  LEU A O   1 
ATOM   777  C  CB  . LEU A 1 98  ? -16.148 -4.730  -0.556  1.00 42.49 ? 98  LEU A CB  1 
ATOM   778  C  CG  . LEU A 1 98  ? -17.663 -4.921  -0.436  1.00 46.66 ? 98  LEU A CG  1 
ATOM   779  C  CD1 . LEU A 1 98  ? -17.965 -6.390  -0.628  1.00 46.80 ? 98  LEU A CD1 1 
ATOM   780  C  CD2 . LEU A 1 98  ? -18.106 -4.447  0.965   1.00 49.79 ? 98  LEU A CD2 1 
ATOM   781  N  N   . ALA A 1 99  ? -13.226 -3.302  -0.500  1.00 38.17 ? 99  ALA A N   1 
ATOM   782  C  CA  . ALA A 1 99  ? -11.974 -3.321  0.248   1.00 37.63 ? 99  ALA A CA  1 
ATOM   783  C  C   . ALA A 1 99  ? -11.786 -2.051  1.110   1.00 38.07 ? 99  ALA A C   1 
ATOM   784  O  O   . ALA A 1 99  ? -11.427 -2.171  2.262   1.00 38.31 ? 99  ALA A O   1 
ATOM   785  C  CB  . ALA A 1 99  ? -10.773 -3.508  -0.712  1.00 37.61 ? 99  ALA A CB  1 
ATOM   786  N  N   . PRO A 1 100 ? -12.013 -0.831  0.537   1.00 37.39 ? 100 PRO A N   1 
ATOM   787  C  CA  . PRO A 1 100 ? -11.871 0.392   1.363   1.00 37.49 ? 100 PRO A CA  1 
ATOM   788  C  C   . PRO A 1 100 ? -12.817 0.443   2.565   1.00 37.08 ? 100 PRO A C   1 
ATOM   789  O  O   . PRO A 1 100 ? -12.445 0.974   3.599   1.00 36.74 ? 100 PRO A O   1 
ATOM   790  C  CB  . PRO A 1 100 ? -12.210 1.555   0.391   1.00 37.20 ? 100 PRO A CB  1 
ATOM   791  C  CG  . PRO A 1 100 ? -12.106 0.970   -0.961  1.00 38.36 ? 100 PRO A CG  1 
ATOM   792  C  CD  . PRO A 1 100 ? -12.385 -0.512  -0.855  1.00 36.01 ? 100 PRO A CD  1 
ATOM   793  N  N   . ILE A 1 101 ? -14.013 -0.123  2.434   1.00 36.92 ? 101 ILE A N   1 
ATOM   794  C  CA  . ILE A 1 101 ? -14.991 -0.147  3.527   1.00 36.94 ? 101 ILE A CA  1 
ATOM   795  C  C   . ILE A 1 101 ? -14.615 -1.158  4.586   1.00 36.38 ? 101 ILE A C   1 
ATOM   796  O  O   . ILE A 1 101 ? -14.718 -0.878  5.785   1.00 36.15 ? 101 ILE A O   1 
ATOM   797  C  CB  . ILE A 1 101 ? -16.431 -0.487  3.002   1.00 37.34 ? 101 ILE A CB  1 
ATOM   798  C  CG1 . ILE A 1 101 ? -16.941 0.575   2.042   1.00 40.65 ? 101 ILE A CG1 1 
ATOM   799  C  CG2 . ILE A 1 101 ? -17.423 -0.511  4.139   1.00 39.25 ? 101 ILE A CG2 1 
ATOM   800  C  CD1 . ILE A 1 101 ? -16.078 0.843   0.897   1.00 46.13 ? 101 ILE A CD1 1 
ATOM   801  N  N   . LEU A 1 102 ? -14.209 -2.337  4.144   1.00 35.45 ? 102 LEU A N   1 
ATOM   802  C  CA  . LEU A 1 102 ? -13.671 -3.372  5.045   1.00 36.62 ? 102 LEU A CA  1 
ATOM   803  C  C   . LEU A 1 102 ? -12.456 -2.867  5.802   1.00 36.98 ? 102 LEU A C   1 
ATOM   804  O  O   . LEU A 1 102 ? -12.291 -3.184  6.985   1.00 36.91 ? 102 LEU A O   1 
ATOM   805  C  CB  . LEU A 1 102 ? -13.307 -4.635  4.280   1.00 35.86 ? 102 LEU A CB  1 
ATOM   806  C  CG  . LEU A 1 102 ? -14.488 -5.477  3.817   1.00 38.86 ? 102 LEU A CG  1 
ATOM   807  C  CD1 . LEU A 1 102 ? -14.016 -6.529  2.871   1.00 41.01 ? 102 LEU A CD1 1 
ATOM   808  C  CD2 . LEU A 1 102 ? -15.201 -6.129  5.073   1.00 39.01 ? 102 LEU A CD2 1 
ATOM   809  N  N   . LEU A 1 103 ? -11.607 -2.066  5.131   1.00 36.89 ? 103 LEU A N   1 
ATOM   810  C  CA  . LEU A 1 103 ? -10.445 -1.456  5.807   1.00 38.62 ? 103 LEU A CA  1 
ATOM   811  C  C   . LEU A 1 103 ? -10.842 -0.590  7.022   1.00 37.89 ? 103 LEU A C   1 
ATOM   812  O  O   . LEU A 1 103 ? -10.085 -0.497  7.984   1.00 37.48 ? 103 LEU A O   1 
ATOM   813  C  CB  . LEU A 1 103 ? -9.570  -0.657  4.817   1.00 37.89 ? 103 LEU A CB  1 
ATOM   814  C  CG  . LEU A 1 103 ? -8.091  -0.508  5.180   1.00 40.22 ? 103 LEU A CG  1 
ATOM   815  C  CD1 . LEU A 1 103 ? -7.474  -1.797  5.686   1.00 42.65 ? 103 LEU A CD1 1 
ATOM   816  C  CD2 . LEU A 1 103 ? -7.317  0.089   3.922   1.00 40.71 ? 103 LEU A CD2 1 
ATOM   817  N  N   . LYS A 1 104 ? -12.070 -0.058  7.017   1.00 36.50 ? 104 LYS A N   1 
ATOM   818  C  CA  . LYS A 1 104 ? -12.602 0.691   8.140   1.00 37.80 ? 104 LYS A CA  1 
ATOM   819  C  C   . LYS A 1 104 ? -13.430 -0.143  9.131   1.00 36.73 ? 104 LYS A C   1 
ATOM   820  O  O   . LYS A 1 104 ? -13.915 0.377   10.113  1.00 35.65 ? 104 LYS A O   1 
ATOM   821  C  CB  . LYS A 1 104 ? -13.456 1.851   7.619   1.00 38.38 ? 104 LYS A CB  1 
ATOM   822  C  CG  . LYS A 1 104 ? -12.681 2.872   6.748   1.00 41.27 ? 104 LYS A CG  1 
ATOM   823  C  CD  . LYS A 1 104 ? -13.672 3.697   5.862   1.00 43.83 ? 104 LYS A CD  1 
ATOM   824  C  CE  . LYS A 1 104 ? -15.012 4.103   6.598   1.00 53.38 ? 104 LYS A CE  1 
ATOM   825  N  NZ  . LYS A 1 104 ? -16.308 3.335   6.309   1.00 56.82 ? 104 LYS A NZ  1 
ATOM   826  N  N   . ASN A 1 105 ? -13.567 -1.447  8.881   1.00 35.88 ? 105 ASN A N   1 
ATOM   827  C  CA  . ASN A 1 105 ? -14.411 -2.288  9.691   1.00 36.08 ? 105 ASN A CA  1 
ATOM   828  C  C   . ASN A 1 105 ? -13.625 -2.706  10.933  1.00 35.02 ? 105 ASN A C   1 
ATOM   829  O  O   . ASN A 1 105 ? -12.435 -3.138  10.822  1.00 33.71 ? 105 ASN A O   1 
ATOM   830  C  CB  . ASN A 1 105 ? -14.831 -3.495  8.829   1.00 36.56 ? 105 ASN A CB  1 
ATOM   831  C  CG  . ASN A 1 105 ? -15.563 -4.534  9.610   1.00 37.20 ? 105 ASN A CG  1 
ATOM   832  O  OD1 . ASN A 1 105 ? -14.947 -5.418  10.189  1.00 37.24 ? 105 ASN A OD1 1 
ATOM   833  N  ND2 . ASN A 1 105 ? -16.884 -4.437  9.642   1.00 34.72 ? 105 ASN A ND2 1 
ATOM   834  N  N   . LYS A 1 106 ? -14.237 -2.579  12.097  1.00 34.98 ? 106 LYS A N   1 
ATOM   835  C  CA  . LYS A 1 106 ? -13.523 -2.938  13.352  1.00 36.17 ? 106 LYS A CA  1 
ATOM   836  C  C   . LYS A 1 106 ? -13.103 -4.420  13.416  1.00 35.89 ? 106 LYS A C   1 
ATOM   837  O  O   . LYS A 1 106 ? -11.984 -4.729  13.839  1.00 35.49 ? 106 LYS A O   1 
ATOM   838  C  CB  . LYS A 1 106 ? -14.326 -2.571  14.586  1.00 37.95 ? 106 LYS A CB  1 
ATOM   839  C  CG  . LYS A 1 106 ? -14.486 -1.046  14.806  1.00 44.99 ? 106 LYS A CG  1 
ATOM   840  C  CD  . LYS A 1 106 ? -13.378 -0.381  15.686  1.00 53.49 ? 106 LYS A CD  1 
ATOM   841  C  CE  . LYS A 1 106 ? -12.187 0.189   14.851  1.00 57.49 ? 106 LYS A CE  1 
ATOM   842  N  NZ  . LYS A 1 106 ? -10.799 -0.095  15.469  1.00 56.80 ? 106 LYS A NZ  1 
ATOM   843  N  N   . ALA A 1 107 ? -13.961 -5.335  12.954  1.00 33.39 ? 107 ALA A N   1 
ATOM   844  C  CA  . ALA A 1 107 ? -13.540 -6.727  12.897  1.00 33.87 ? 107 ALA A CA  1 
ATOM   845  C  C   . ALA A 1 107 ? -12.267 -6.929  12.057  1.00 35.00 ? 107 ALA A C   1 
ATOM   846  O  O   . ALA A 1 107 ? -11.331 -7.614  12.517  1.00 34.63 ? 107 ALA A O   1 
ATOM   847  C  CB  . ALA A 1 107 ? -14.647 -7.626  12.377  1.00 33.49 ? 107 ALA A CB  1 
ATOM   848  N  N   . ILE A 1 108 ? -12.252 -6.349  10.835  1.00 33.95 ? 108 ILE A N   1 
ATOM   849  C  CA  . ILE A 1 108 ? -11.084 -6.464  9.915   1.00 33.79 ? 108 ILE A CA  1 
ATOM   850  C  C   . ILE A 1 108 ? -9.828  -5.762  10.507  1.00 33.78 ? 108 ILE A C   1 
ATOM   851  O  O   . ILE A 1 108 ? -8.723  -6.340  10.543  1.00 34.59 ? 108 ILE A O   1 
ATOM   852  C  CB  . ILE A 1 108 ? -11.452 -5.919  8.514   1.00 33.86 ? 108 ILE A CB  1 
ATOM   853  C  CG1 . ILE A 1 108 ? -12.543 -6.795  7.851   1.00 31.50 ? 108 ILE A CG1 1 
ATOM   854  C  CG2 . ILE A 1 108 ? -10.164 -5.752  7.602   1.00 33.36 ? 108 ILE A CG2 1 
ATOM   855  C  CD1 . ILE A 1 108 ? -12.080 -8.187  7.249   1.00 32.77 ? 108 ILE A CD1 1 
ATOM   856  N  N   . GLN A 1 109 ? -9.963  -4.513  10.955  1.00 33.33 ? 109 GLN A N   1 
ATOM   857  C  CA  . GLN A 1 109 ? -8.844  -3.852  11.598  1.00 34.54 ? 109 GLN A CA  1 
ATOM   858  C  C   . GLN A 1 109 ? -8.193  -4.652  12.738  1.00 33.86 ? 109 GLN A C   1 
ATOM   859  O  O   . GLN A 1 109 ? -6.954  -4.716  12.844  1.00 33.74 ? 109 GLN A O   1 
ATOM   860  C  CB  . GLN A 1 109 ? -9.301  -2.489  12.139  1.00 36.49 ? 109 GLN A CB  1 
ATOM   861  C  CG  . GLN A 1 109 ? -9.736  -1.512  11.050  1.00 38.37 ? 109 GLN A CG  1 
ATOM   862  C  CD  . GLN A 1 109 ? -10.160 -0.191  11.620  1.00 45.09 ? 109 GLN A CD  1 
ATOM   863  O  OE1 . GLN A 1 109 ? -10.821 -0.136  12.622  1.00 49.65 ? 109 GLN A OE1 1 
ATOM   864  N  NE2 . GLN A 1 109 ? -9.826  0.874   10.949  1.00 43.16 ? 109 GLN A NE2 1 
ATOM   865  N  N   . SER A 1 110 ? -9.026  -5.225  13.600  1.00 33.06 ? 110 SER A N   1 
ATOM   866  C  CA  . SER A 1 110 ? -8.564  -5.976  14.791  1.00 34.18 ? 110 SER A CA  1 
ATOM   867  C  C   . SER A 1 110 ? -7.739  -7.189  14.374  1.00 35.71 ? 110 SER A C   1 
ATOM   868  O  O   . SER A 1 110 ? -6.855  -7.648  15.136  1.00 35.37 ? 110 SER A O   1 
ATOM   869  C  CB  . SER A 1 110 ? -9.740  -6.424  15.670  1.00 32.99 ? 110 SER A CB  1 
ATOM   870  O  OG  . SER A 1 110 ? -10.304 -7.637  15.186  1.00 32.82 ? 110 SER A OG  1 
ATOM   871  N  N   . VAL A 1 111 ? -8.042  -7.733  13.184  1.00 35.12 ? 111 VAL A N   1 
ATOM   872  C  CA  . VAL A 1 111 ? -7.209  -8.795  12.631  1.00 35.49 ? 111 VAL A CA  1 
ATOM   873  C  C   . VAL A 1 111 ? -5.837  -8.250  12.171  1.00 36.03 ? 111 VAL A C   1 
ATOM   874  O  O   . VAL A 1 111 ? -4.777  -8.765  12.615  1.00 35.28 ? 111 VAL A O   1 
ATOM   875  C  CB  . VAL A 1 111 ? -7.945  -9.564  11.460  1.00 36.02 ? 111 VAL A CB  1 
ATOM   876  C  CG1 . VAL A 1 111 ? -6.960  -10.446 10.692  1.00 36.76 ? 111 VAL A CG1 1 
ATOM   877  C  CG2 . VAL A 1 111 ? -9.131  -10.368 11.989  1.00 33.56 ? 111 VAL A CG2 1 
ATOM   878  N  N   . PHE A 1 112 ? -5.813  -7.225  11.284  1.00 35.36 ? 112 PHE A N   1 
ATOM   879  C  CA  . PHE A 1 112 ? -4.536  -6.689  10.795  1.00 35.50 ? 112 PHE A CA  1 
ATOM   880  C  C   . PHE A 1 112 ? -3.616  -6.213  11.980  1.00 36.18 ? 112 PHE A C   1 
ATOM   881  O  O   . PHE A 1 112 ? -2.368  -6.318  11.922  1.00 34.92 ? 112 PHE A O   1 
ATOM   882  C  CB  . PHE A 1 112 ? -4.781  -5.497  9.838   1.00 34.81 ? 112 PHE A CB  1 
ATOM   883  C  CG  . PHE A 1 112 ? -5.150  -5.860  8.428   1.00 34.84 ? 112 PHE A CG  1 
ATOM   884  C  CD1 . PHE A 1 112 ? -4.224  -6.449  7.578   1.00 33.88 ? 112 PHE A CD1 1 
ATOM   885  C  CD2 . PHE A 1 112 ? -6.391  -5.497  7.905   1.00 31.02 ? 112 PHE A CD2 1 
ATOM   886  C  CE1 . PHE A 1 112 ? -4.529  -6.693  6.205   1.00 31.72 ? 112 PHE A CE1 1 
ATOM   887  C  CE2 . PHE A 1 112 ? -6.699  -5.748  6.572   1.00 33.42 ? 112 PHE A CE2 1 
ATOM   888  C  CZ  . PHE A 1 112 ? -5.763  -6.352  5.719   1.00 31.72 ? 112 PHE A CZ  1 
ATOM   889  N  N   . ALA A 1 113 ? -4.249  -5.690  13.041  1.00 36.61 ? 113 ALA A N   1 
ATOM   890  C  CA  . ALA A 1 113 ? -3.521  -5.067  14.158  1.00 38.01 ? 113 ALA A CA  1 
ATOM   891  C  C   . ALA A 1 113 ? -2.655  -6.036  14.978  1.00 38.97 ? 113 ALA A C   1 
ATOM   892  O  O   . ALA A 1 113 ? -1.747  -5.600  15.712  1.00 38.19 ? 113 ALA A O   1 
ATOM   893  C  CB  . ALA A 1 113 ? -4.487  -4.322  15.081  1.00 38.84 ? 113 ALA A CB  1 
ATOM   894  N  N   . LYS A 1 114 ? -2.949  -7.335  14.853  1.00 38.32 ? 114 LYS A N   1 
ATOM   895  C  CA  . LYS A 1 114 ? -2.205  -8.382  15.539  1.00 38.79 ? 114 LYS A CA  1 
ATOM   896  C  C   . LYS A 1 114 ? -0.865  -8.653  14.874  1.00 39.39 ? 114 LYS A C   1 
ATOM   897  O  O   . LYS A 1 114 ? -0.037  -9.309  15.457  1.00 38.06 ? 114 LYS A O   1 
ATOM   898  C  CB  . LYS A 1 114 ? -2.999  -9.682  15.590  1.00 38.05 ? 114 LYS A CB  1 
ATOM   899  C  CG  . LYS A 1 114 ? -4.228  -9.587  16.492  1.00 38.07 ? 114 LYS A CG  1 
ATOM   900  C  CD  . LYS A 1 114 ? -4.759  -10.954 16.905  1.00 38.10 ? 114 LYS A CD  1 
ATOM   901  C  CE  . LYS A 1 114 ? -5.343  -11.725 15.730  1.00 35.99 ? 114 LYS A CE  1 
ATOM   902  N  NZ  . LYS A 1 114 ? -6.001  -12.963 16.221  1.00 29.93 ? 114 LYS A NZ  1 
ATOM   903  N  N   . TYR A 1 115 ? -0.670  -8.154  13.651  1.00 39.84 ? 115 TYR A N   1 
ATOM   904  C  CA  . TYR A 1 115 ? 0.566   -8.420  12.879  1.00 40.04 ? 115 TYR A CA  1 
ATOM   905  C  C   . TYR A 1 115 ? 1.440   -7.193  12.721  1.00 40.91 ? 115 TYR A C   1 
ATOM   906  O  O   . TYR A 1 115 ? 0.964   -6.061  12.740  1.00 41.45 ? 115 TYR A O   1 
ATOM   907  C  CB  . TYR A 1 115 ? 0.201   -9.003  11.505  1.00 40.20 ? 115 TYR A CB  1 
ATOM   908  C  CG  . TYR A 1 115 ? -0.596  -10.273 11.599  1.00 40.87 ? 115 TYR A CG  1 
ATOM   909  C  CD1 . TYR A 1 115 ? 0.058   -11.509 11.614  1.00 40.98 ? 115 TYR A CD1 1 
ATOM   910  C  CD2 . TYR A 1 115 ? -2.007  -10.256 11.694  1.00 40.02 ? 115 TYR A CD2 1 
ATOM   911  C  CE1 . TYR A 1 115 ? -0.655  -12.715 11.714  1.00 39.92 ? 115 TYR A CE1 1 
ATOM   912  C  CE2 . TYR A 1 115 ? -2.739  -11.464 11.809  1.00 39.68 ? 115 TYR A CE2 1 
ATOM   913  C  CZ  . TYR A 1 115 ? -2.048  -12.684 11.812  1.00 40.79 ? 115 TYR A CZ  1 
ATOM   914  O  OH  . TYR A 1 115 ? -2.719  -13.887 11.912  1.00 39.45 ? 115 TYR A OH  1 
ATOM   915  N  N   . ASP A 1 116 ? 2.749   -7.443  12.598  1.00 41.50 ? 116 ASP A N   1 
ATOM   916  C  CA  . ASP A 1 116 ? 3.728   -6.440  12.330  1.00 41.46 ? 116 ASP A CA  1 
ATOM   917  C  C   . ASP A 1 116 ? 3.914   -6.374  10.809  1.00 40.50 ? 116 ASP A C   1 
ATOM   918  O  O   . ASP A 1 116 ? 4.676   -7.150  10.211  1.00 40.73 ? 116 ASP A O   1 
ATOM   919  C  CB  . ASP A 1 116 ? 5.051   -6.786  13.077  1.00 43.00 ? 116 ASP A CB  1 
ATOM   920  C  CG  . ASP A 1 116 ? 6.057   -5.641  13.056  1.00 44.57 ? 116 ASP A CG  1 
ATOM   921  O  OD1 . ASP A 1 116 ? 5.703   -4.492  12.659  1.00 45.74 ? 116 ASP A OD1 1 
ATOM   922  O  OD2 . ASP A 1 116 ? 7.225   -5.902  13.442  1.00 47.86 ? 116 ASP A OD2 1 
ATOM   923  N  N   . LEU A 1 117 ? 3.195   -5.447  10.185  1.00 38.87 ? 117 LEU A N   1 
ATOM   924  C  CA  . LEU A 1 117 ? 3.137   -5.382  8.713   1.00 37.30 ? 117 LEU A CA  1 
ATOM   925  C  C   . LEU A 1 117 ? 4.338   -4.688  8.050   1.00 37.02 ? 117 LEU A C   1 
ATOM   926  O  O   . LEU A 1 117 ? 4.210   -3.666  7.348   1.00 36.64 ? 117 LEU A O   1 
ATOM   927  C  CB  . LEU A 1 117 ? 1.791   -4.803  8.251   1.00 36.46 ? 117 LEU A CB  1 
ATOM   928  C  CG  . LEU A 1 117 ? 0.570   -5.474  8.877   1.00 33.91 ? 117 LEU A CG  1 
ATOM   929  C  CD1 . LEU A 1 117 ? -0.749  -4.703  8.501   1.00 32.46 ? 117 LEU A CD1 1 
ATOM   930  C  CD2 . LEU A 1 117 ? 0.471   -7.000  8.554   1.00 31.07 ? 117 LEU A CD2 1 
ATOM   931  N  N   . THR A 1 118 ? 5.514   -5.269  8.253   1.00 36.72 ? 118 THR A N   1 
ATOM   932  C  CA  . THR A 1 118 ? 6.760   -4.731  7.665   1.00 36.65 ? 118 THR A CA  1 
ATOM   933  C  C   . THR A 1 118 ? 6.833   -4.914  6.129   1.00 35.91 ? 118 THR A C   1 
ATOM   934  O  O   . THR A 1 118 ? 6.028   -5.638  5.530   1.00 36.03 ? 118 THR A O   1 
ATOM   935  C  CB  . THR A 1 118 ? 7.960   -5.425  8.325   1.00 36.93 ? 118 THR A CB  1 
ATOM   936  O  OG1 . THR A 1 118 ? 7.835   -6.834  8.112   1.00 38.63 ? 118 THR A OG1 1 
ATOM   937  C  CG2 . THR A 1 118 ? 7.992   -5.177  9.856   1.00 37.91 ? 118 THR A CG2 1 
ATOM   938  N  N   . ASP A 1 119 ? 7.805   -4.282  5.478   1.00 35.48 ? 119 ASP A N   1 
ATOM   939  C  CA  . ASP A 1 119 ? 7.959   -4.424  4.020   1.00 35.66 ? 119 ASP A CA  1 
ATOM   940  C  C   . ASP A 1 119 ? 8.088   -5.877  3.529   1.00 37.04 ? 119 ASP A C   1 
ATOM   941  O  O   . ASP A 1 119 ? 7.634   -6.217  2.450   1.00 37.17 ? 119 ASP A O   1 
ATOM   942  C  CB  . ASP A 1 119 ? 9.118   -3.558  3.536   1.00 35.54 ? 119 ASP A CB  1 
ATOM   943  C  CG  . ASP A 1 119 ? 8.722   -2.109  3.449   1.00 34.53 ? 119 ASP A CG  1 
ATOM   944  O  OD1 . ASP A 1 119 ? 7.498   -1.819  3.386   1.00 30.74 ? 119 ASP A OD1 1 
ATOM   945  O  OD2 . ASP A 1 119 ? 9.600   -1.256  3.431   1.00 34.66 ? 119 ASP A OD2 1 
ATOM   946  N  N   . ASP A 1 120 ? 8.709   -6.719  4.334   1.00 37.73 ? 120 ASP A N   1 
ATOM   947  C  CA  . ASP A 1 120 ? 8.946   -8.110  3.990   1.00 40.45 ? 120 ASP A CA  1 
ATOM   948  C  C   . ASP A 1 120 ? 7.880   -9.046  4.546   1.00 39.52 ? 120 ASP A C   1 
ATOM   949  O  O   . ASP A 1 120 ? 8.069   -10.269 4.522   1.00 39.38 ? 120 ASP A O   1 
ATOM   950  C  CB  . ASP A 1 120 ? 10.260  -8.520  4.632   1.00 42.45 ? 120 ASP A CB  1 
ATOM   951  C  CG  . ASP A 1 120 ? 10.543  -7.703  5.888   1.00 47.92 ? 120 ASP A CG  1 
ATOM   952  O  OD1 . ASP A 1 120 ? 10.254  -8.224  6.998   1.00 50.33 ? 120 ASP A OD1 1 
ATOM   953  O  OD2 . ASP A 1 120 ? 10.967  -6.509  5.724   1.00 51.44 ? 120 ASP A OD2 1 
ATOM   954  N  N   . PHE A 1 121 ? 6.777   -8.480  5.039   1.00 38.50 ? 121 PHE A N   1 
ATOM   955  C  CA  . PHE A 1 121 ? 5.715   -9.279  5.686   1.00 38.63 ? 121 PHE A CA  1 
ATOM   956  C  C   . PHE A 1 121 ? 5.111   -10.343 4.784   1.00 38.50 ? 121 PHE A C   1 
ATOM   957  O  O   . PHE A 1 121 ? 4.887   -11.476 5.208   1.00 37.60 ? 121 PHE A O   1 
ATOM   958  C  CB  . PHE A 1 121 ? 4.608   -8.416  6.271   1.00 37.98 ? 121 PHE A CB  1 
ATOM   959  C  CG  . PHE A 1 121 ? 3.561   -9.229  7.003   1.00 39.91 ? 121 PHE A CG  1 
ATOM   960  C  CD1 . PHE A 1 121 ? 3.810   -9.710  8.302   1.00 37.92 ? 121 PHE A CD1 1 
ATOM   961  C  CD2 . PHE A 1 121 ? 2.358   -9.551  6.379   1.00 39.34 ? 121 PHE A CD2 1 
ATOM   962  C  CE1 . PHE A 1 121 ? 2.854   -10.479 8.987   1.00 37.73 ? 121 PHE A CE1 1 
ATOM   963  C  CE2 . PHE A 1 121 ? 1.385   -10.328 7.061   1.00 37.07 ? 121 PHE A CE2 1 
ATOM   964  C  CZ  . PHE A 1 121 ? 1.655   -10.799 8.365   1.00 38.67 ? 121 PHE A CZ  1 
ATOM   965  N  N   . GLU A 1 122 ? 4.853   -9.982  3.533   1.00 39.28 ? 122 GLU A N   1 
ATOM   966  C  CA  . GLU A 1 122 ? 4.203   -10.913 2.643   1.00 41.07 ? 122 GLU A CA  1 
ATOM   967  C  C   . GLU A 1 122 ? 5.002   -12.189 2.350   1.00 41.73 ? 122 GLU A C   1 
ATOM   968  O  O   . GLU A 1 122 ? 4.399   -13.271 2.180   1.00 42.54 ? 122 GLU A O   1 
ATOM   969  C  CB  . GLU A 1 122 ? 3.715   -10.231 1.372   1.00 40.68 ? 122 GLU A CB  1 
ATOM   970  C  CG  . GLU A 1 122 ? 2.655   -11.063 0.688   1.00 45.43 ? 122 GLU A CG  1 
ATOM   971  C  CD  . GLU A 1 122 ? 2.394   -10.682 -0.737  1.00 48.66 ? 122 GLU A CD  1 
ATOM   972  O  OE1 . GLU A 1 122 ? 2.562   -9.497  -1.089  1.00 53.67 ? 122 GLU A OE1 1 
ATOM   973  O  OE2 . GLU A 1 122 ? 1.996   -11.578 -1.504  1.00 49.41 ? 122 GLU A OE2 1 
ATOM   974  N  N   . ALA A 1 123 ? 6.335   -12.070 2.333   1.00 41.99 ? 123 ALA A N   1 
ATOM   975  C  CA  . ALA A 1 123 ? 7.250   -13.223 2.345   1.00 43.26 ? 123 ALA A CA  1 
ATOM   976  C  C   . ALA A 1 123 ? 7.292   -14.010 3.684   1.00 43.55 ? 123 ALA A C   1 
ATOM   977  O  O   . ALA A 1 123 ? 7.664   -15.181 3.698   1.00 44.49 ? 123 ALA A O   1 
ATOM   978  C  CB  . ALA A 1 123 ? 8.682   -12.782 1.909   1.00 42.68 ? 123 ALA A CB  1 
ATOM   979  N  N   . SER A 1 124 ? 6.949   -13.345 4.787   1.00 43.52 ? 124 SER A N   1 
ATOM   980  C  CA  . SER A 1 124 ? 6.823   -13.885 6.165   1.00 43.72 ? 124 SER A CA  1 
ATOM   981  C  C   . SER A 1 124 ? 6.054   -15.227 6.259   1.00 44.01 ? 124 SER A C   1 
ATOM   982  O  O   . SER A 1 124 ? 5.041   -15.395 5.553   1.00 44.24 ? 124 SER A O   1 
ATOM   983  C  CB  . SER A 1 124 ? 5.972   -12.846 6.945   1.00 44.16 ? 124 SER A CB  1 
ATOM   984  O  OG  . SER A 1 124 ? 6.333   -12.643 8.298   1.00 46.82 ? 124 SER A OG  1 
ATOM   985  N  N   . PRO A 1 125 ? 6.481   -16.163 7.159   1.00 43.54 ? 125 PRO A N   1 
ATOM   986  C  CA  . PRO A 1 125 ? 5.540   -17.236 7.526   1.00 43.76 ? 125 PRO A CA  1 
ATOM   987  C  C   . PRO A 1 125 ? 4.179   -16.697 7.962   1.00 43.83 ? 125 PRO A C   1 
ATOM   988  O  O   . PRO A 1 125 ? 3.144   -17.287 7.633   1.00 43.52 ? 125 PRO A O   1 
ATOM   989  C  CB  . PRO A 1 125 ? 6.236   -17.950 8.703   1.00 44.09 ? 125 PRO A CB  1 
ATOM   990  C  CG  . PRO A 1 125 ? 7.701   -17.718 8.475   1.00 43.54 ? 125 PRO A CG  1 
ATOM   991  C  CD  . PRO A 1 125 ? 7.793   -16.335 7.829   1.00 43.43 ? 125 PRO A CD  1 
ATOM   992  N  N   . GLU A 1 126 ? 4.166   -15.555 8.651   1.00 43.69 ? 126 GLU A N   1 
ATOM   993  C  CA  . GLU A 1 126 ? 2.918   -15.084 9.227   1.00 43.47 ? 126 GLU A CA  1 
ATOM   994  C  C   . GLU A 1 126 ? 1.899   -14.528 8.225   1.00 42.62 ? 126 GLU A C   1 
ATOM   995  O  O   . GLU A 1 126 ? 0.713   -14.414 8.555   1.00 41.77 ? 126 GLU A O   1 
ATOM   996  C  CB  . GLU A 1 126 ? 3.094   -14.236 10.507  1.00 44.07 ? 126 GLU A CB  1 
ATOM   997  C  CG  . GLU A 1 126 ? 4.411   -13.527 10.716  1.00 50.18 ? 126 GLU A CG  1 
ATOM   998  C  CD  . GLU A 1 126 ? 5.580   -14.409 11.191  1.00 54.87 ? 126 GLU A CD  1 
ATOM   999  O  OE1 . GLU A 1 126 ? 5.402   -15.394 11.959  1.00 58.86 ? 126 GLU A OE1 1 
ATOM   1000 O  OE2 . GLU A 1 126 ? 6.714   -14.083 10.798  1.00 59.36 ? 126 GLU A OE2 1 
ATOM   1001 N  N   . TYR A 1 127 ? 2.330   -14.270 6.986   1.00 41.12 ? 127 TYR A N   1 
ATOM   1002 C  CA  . TYR A 1 127 ? 1.387   -13.899 5.921   1.00 40.56 ? 127 TYR A CA  1 
ATOM   1003 C  C   . TYR A 1 127 ? 0.215   -14.880 5.758   1.00 40.57 ? 127 TYR A C   1 
ATOM   1004 O  O   . TYR A 1 127 ? -0.928  -14.474 5.663   1.00 38.47 ? 127 TYR A O   1 
ATOM   1005 C  CB  . TYR A 1 127 ? 2.067   -13.661 4.550   1.00 40.68 ? 127 TYR A CB  1 
ATOM   1006 C  CG  . TYR A 1 127 ? 1.074   -13.106 3.532   1.00 40.55 ? 127 TYR A CG  1 
ATOM   1007 C  CD1 . TYR A 1 127 ? 0.539   -11.808 3.688   1.00 42.34 ? 127 TYR A CD1 1 
ATOM   1008 C  CD2 . TYR A 1 127 ? 0.628   -13.873 2.449   1.00 39.59 ? 127 TYR A CD2 1 
ATOM   1009 C  CE1 . TYR A 1 127 ? -0.404  -11.288 2.786   1.00 40.02 ? 127 TYR A CE1 1 
ATOM   1010 C  CE2 . TYR A 1 127 ? -0.331  -13.356 1.537   1.00 38.67 ? 127 TYR A CE2 1 
ATOM   1011 C  CZ  . TYR A 1 127 ? -0.830  -12.066 1.721   1.00 40.01 ? 127 TYR A CZ  1 
ATOM   1012 O  OH  . TYR A 1 127 ? -1.755  -11.527 0.855   1.00 41.10 ? 127 TYR A OH  1 
ATOM   1013 N  N   . GLU A 1 128 ? 0.513   -16.175 5.711   1.00 41.42 ? 128 GLU A N   1 
ATOM   1014 C  CA  . GLU A 1 128 ? -0.521  -17.165 5.461   1.00 42.41 ? 128 GLU A CA  1 
ATOM   1015 C  C   . GLU A 1 128 ? -1.542  -17.127 6.598   1.00 41.36 ? 128 GLU A C   1 
ATOM   1016 O  O   . GLU A 1 128 ? -2.739  -17.254 6.359   1.00 41.26 ? 128 GLU A O   1 
ATOM   1017 C  CB  . GLU A 1 128 ? 0.063   -18.581 5.263   1.00 42.75 ? 128 GLU A CB  1 
ATOM   1018 C  CG  . GLU A 1 128 ? 1.591   -18.674 5.047   1.00 49.43 ? 128 GLU A CG  1 
ATOM   1019 C  CD  . GLU A 1 128 ? 2.199   -17.762 3.928   1.00 54.26 ? 128 GLU A CD  1 
ATOM   1020 O  OE1 . GLU A 1 128 ? 1.574   -17.572 2.847   1.00 58.51 ? 128 GLU A OE1 1 
ATOM   1021 O  OE2 . GLU A 1 128 ? 3.330   -17.248 4.131   1.00 53.95 ? 128 GLU A OE2 1 
ATOM   1022 N  N   . HIS A 1 129 ? -1.060  -16.904 7.823   1.00 41.06 ? 129 HIS A N   1 
ATOM   1023 C  CA  . HIS A 1 129 ? -1.914  -16.742 8.985   1.00 41.24 ? 129 HIS A CA  1 
ATOM   1024 C  C   . HIS A 1 129 ? -2.878  -15.563 8.862   1.00 40.22 ? 129 HIS A C   1 
ATOM   1025 O  O   . HIS A 1 129 ? -4.085  -15.699 9.120   1.00 39.29 ? 129 HIS A O   1 
ATOM   1026 C  CB  . HIS A 1 129 ? -1.094  -16.615 10.268  1.00 42.38 ? 129 HIS A CB  1 
ATOM   1027 C  CG  . HIS A 1 129 ? -0.344  -17.856 10.638  1.00 45.86 ? 129 HIS A CG  1 
ATOM   1028 N  ND1 . HIS A 1 129 ? 1.031   -17.893 10.719  1.00 49.29 ? 129 HIS A ND1 1 
ATOM   1029 C  CD2 . HIS A 1 129 ? -0.775  -19.098 10.981  1.00 51.60 ? 129 HIS A CD2 1 
ATOM   1030 C  CE1 . HIS A 1 129 ? 1.422   -19.109 11.072  1.00 49.79 ? 129 HIS A CE1 1 
ATOM   1031 N  NE2 . HIS A 1 129 ? 0.344   -19.861 11.237  1.00 51.82 ? 129 HIS A NE2 1 
ATOM   1032 N  N   . LEU A 1 130 ? -2.327  -14.403 8.515   1.00 38.61 ? 130 LEU A N   1 
ATOM   1033 C  CA  . LEU A 1 130 ? -3.129  -13.231 8.221   1.00 37.80 ? 130 LEU A CA  1 
ATOM   1034 C  C   . LEU A 1 130 ? -4.213  -13.534 7.167   1.00 37.54 ? 130 LEU A C   1 
ATOM   1035 O  O   . LEU A 1 130 ? -5.391  -13.299 7.403   1.00 36.91 ? 130 LEU A O   1 
ATOM   1036 C  CB  . LEU A 1 130 ? -2.223  -12.053 7.751   1.00 36.63 ? 130 LEU A CB  1 
ATOM   1037 C  CG  . LEU A 1 130 ? -3.008  -10.815 7.339   1.00 38.13 ? 130 LEU A CG  1 
ATOM   1038 C  CD1 . LEU A 1 130 ? -3.895  -10.278 8.492   1.00 37.69 ? 130 LEU A CD1 1 
ATOM   1039 C  CD2 . LEU A 1 130 ? -2.053  -9.750  6.797   1.00 34.94 ? 130 LEU A CD2 1 
ATOM   1040 N  N   . TYR A 1 131 ? -3.798  -14.065 6.020   1.00 37.43 ? 131 TYR A N   1 
ATOM   1041 C  CA  . TYR A 1 131 ? -4.703  -14.317 4.901   1.00 38.06 ? 131 TYR A CA  1 
ATOM   1042 C  C   . TYR A 1 131 ? -5.884  -15.240 5.254   1.00 38.49 ? 131 TYR A C   1 
ATOM   1043 O  O   . TYR A 1 131 ? -7.042  -14.992 4.832   1.00 37.88 ? 131 TYR A O   1 
ATOM   1044 C  CB  . TYR A 1 131 ? -3.904  -14.915 3.756   1.00 38.66 ? 131 TYR A CB  1 
ATOM   1045 C  CG  . TYR A 1 131 ? -4.651  -15.124 2.461   1.00 39.79 ? 131 TYR A CG  1 
ATOM   1046 C  CD1 . TYR A 1 131 ? -4.537  -14.209 1.416   1.00 41.37 ? 131 TYR A CD1 1 
ATOM   1047 C  CD2 . TYR A 1 131 ? -5.433  -16.259 2.266   1.00 40.51 ? 131 TYR A CD2 1 
ATOM   1048 C  CE1 . TYR A 1 131 ? -5.212  -14.409 0.201   1.00 41.26 ? 131 TYR A CE1 1 
ATOM   1049 C  CE2 . TYR A 1 131 ? -6.114  -16.462 1.092   1.00 40.94 ? 131 TYR A CE2 1 
ATOM   1050 C  CZ  . TYR A 1 131 ? -5.992  -15.553 0.055   1.00 40.97 ? 131 TYR A CZ  1 
ATOM   1051 O  OH  . TYR A 1 131 ? -6.670  -15.779 -1.123  1.00 40.28 ? 131 TYR A OH  1 
ATOM   1052 N  N   . THR A 1 132 ? -5.565  -16.317 5.984   1.00 37.62 ? 132 THR A N   1 
ATOM   1053 C  CA  . THR A 1 132 ? -6.554  -17.260 6.434   1.00 39.06 ? 132 THR A CA  1 
ATOM   1054 C  C   . THR A 1 132 ? -7.457  -16.561 7.431   1.00 38.70 ? 132 THR A C   1 
ATOM   1055 O  O   . THR A 1 132 ? -8.686  -16.743 7.408   1.00 38.82 ? 132 THR A O   1 
ATOM   1056 C  CB  . THR A 1 132 ? -5.859  -18.470 7.085   1.00 38.92 ? 132 THR A CB  1 
ATOM   1057 O  OG1 . THR A 1 132 ? -5.054  -19.110 6.085   1.00 41.12 ? 132 THR A OG1 1 
ATOM   1058 C  CG2 . THR A 1 132 ? -6.858  -19.454 7.698   1.00 40.17 ? 132 THR A CG2 1 
ATOM   1059 N  N   . GLU A 1 133 ? -6.866  -15.719 8.285   1.00 38.33 ? 133 GLU A N   1 
ATOM   1060 C  CA  . GLU A 1 133 ? -7.686  -15.116 9.332   1.00 38.26 ? 133 GLU A CA  1 
ATOM   1061 C  C   . GLU A 1 133 ? -8.665  -14.127 8.679   1.00 36.97 ? 133 GLU A C   1 
ATOM   1062 O  O   . GLU A 1 133 ? -9.840  -14.059 9.065   1.00 35.52 ? 133 GLU A O   1 
ATOM   1063 C  CB  . GLU A 1 133 ? -6.801  -14.483 10.406  1.00 38.95 ? 133 GLU A CB  1 
ATOM   1064 C  CG  . GLU A 1 133 ? -7.503  -14.057 11.619  1.00 38.75 ? 133 GLU A CG  1 
ATOM   1065 C  CD  . GLU A 1 133 ? -6.571  -13.761 12.796  1.00 41.89 ? 133 GLU A CD  1 
ATOM   1066 O  OE1 . GLU A 1 133 ? -5.309  -13.746 12.652  1.00 39.50 ? 133 GLU A OE1 1 
ATOM   1067 O  OE2 . GLU A 1 133 ? -7.127  -13.571 13.905  1.00 43.29 ? 133 GLU A OE2 1 
ATOM   1068 N  N   . LEU A 1 134 ? -8.173  -13.337 7.720   1.00 35.24 ? 134 LEU A N   1 
ATOM   1069 C  CA  . LEU A 1 134 ? -9.043  -12.402 6.966   1.00 35.69 ? 134 LEU A CA  1 
ATOM   1070 C  C   . LEU A 1 134 ? -10.185 -13.105 6.198   1.00 35.60 ? 134 LEU A C   1 
ATOM   1071 O  O   . LEU A 1 134 ? -11.340 -12.638 6.206   1.00 36.64 ? 134 LEU A O   1 
ATOM   1072 C  CB  . LEU A 1 134 ? -8.202  -11.552 5.992   1.00 34.69 ? 134 LEU A CB  1 
ATOM   1073 C  CG  . LEU A 1 134 ? -7.281  -10.493 6.628   1.00 35.51 ? 134 LEU A CG  1 
ATOM   1074 C  CD1 . LEU A 1 134 ? -6.286  -9.977  5.500   1.00 35.63 ? 134 LEU A CD1 1 
ATOM   1075 C  CD2 . LEU A 1 134 ? -8.039  -9.332  7.336   1.00 33.82 ? 134 LEU A CD2 1 
ATOM   1076 N  N   . THR A 1 135 ? -9.862  -14.229 5.553   1.00 36.19 ? 135 THR A N   1 
ATOM   1077 C  CA  . THR A 1 135 ? -10.849 -15.051 4.852   1.00 36.24 ? 135 THR A CA  1 
ATOM   1078 C  C   . THR A 1 135 ? -11.969 -15.485 5.828   1.00 37.16 ? 135 THR A C   1 
ATOM   1079 O  O   . THR A 1 135 ? -13.168 -15.282 5.546   1.00 36.60 ? 135 THR A O   1 
ATOM   1080 C  CB  . THR A 1 135 ? -10.155 -16.260 4.158   1.00 37.01 ? 135 THR A CB  1 
ATOM   1081 O  OG1 . THR A 1 135 ? -9.105  -15.784 3.274   1.00 39.50 ? 135 THR A OG1 1 
ATOM   1082 C  CG2 . THR A 1 135 ? -11.167 -17.119 3.381   1.00 37.82 ? 135 THR A CG2 1 
ATOM   1083 N  N   . GLY A 1 136 ? -11.565 -16.009 6.994   1.00 36.32 ? 136 GLY A N   1 
ATOM   1084 C  CA  . GLY A 1 136 ? -12.492 -16.426 8.027   1.00 36.49 ? 136 GLY A CA  1 
ATOM   1085 C  C   . GLY A 1 136 ? -13.395 -15.338 8.570   1.00 36.32 ? 136 GLY A C   1 
ATOM   1086 O  O   . GLY A 1 136 ? -14.593 -15.565 8.826   1.00 36.90 ? 136 GLY A O   1 
ATOM   1087 N  N   . THR A 1 137 ? -12.826 -14.159 8.746   1.00 36.67 ? 137 THR A N   1 
ATOM   1088 C  CA  . THR A 1 137 ? -13.568 -12.985 9.149   1.00 36.21 ? 137 THR A CA  1 
ATOM   1089 C  C   . THR A 1 137 ? -14.641 -12.585 8.119   1.00 34.93 ? 137 THR A C   1 
ATOM   1090 O  O   . THR A 1 137 ? -15.798 -12.311 8.472   1.00 34.50 ? 137 THR A O   1 
ATOM   1091 C  CB  . THR A 1 137 ? -12.592 -11.799 9.408   1.00 35.87 ? 137 THR A CB  1 
ATOM   1092 O  OG1 . THR A 1 137 ? -11.683 -12.173 10.484  1.00 39.82 ? 137 THR A OG1 1 
ATOM   1093 C  CG2 . THR A 1 137 ? -13.352 -10.514 9.768   1.00 32.69 ? 137 THR A CG2 1 
ATOM   1094 N  N   . ILE A 1 138 ? -14.254 -12.511 6.862   1.00 33.99 ? 138 ILE A N   1 
ATOM   1095 C  CA  . ILE A 1 138 ? -15.229 -12.213 5.805   1.00 34.66 ? 138 ILE A CA  1 
ATOM   1096 C  C   . ILE A 1 138 ? -16.331 -13.269 5.694   1.00 35.13 ? 138 ILE A C   1 
ATOM   1097 O  O   . ILE A 1 138 ? -17.524 -12.927 5.563   1.00 35.77 ? 138 ILE A O   1 
ATOM   1098 C  CB  . ILE A 1 138 ? -14.513 -11.929 4.442   1.00 34.30 ? 138 ILE A CB  1 
ATOM   1099 C  CG1 . ILE A 1 138 ? -13.655 -10.658 4.615   1.00 34.58 ? 138 ILE A CG1 1 
ATOM   1100 C  CG2 . ILE A 1 138 ? -15.527 -11.721 3.262   1.00 33.21 ? 138 ILE A CG2 1 
ATOM   1101 C  CD1 . ILE A 1 138 ? -12.528 -10.508 3.471   1.00 35.35 ? 138 ILE A CD1 1 
ATOM   1102 N  N   . VAL A 1 139 ? -15.964 -14.545 5.795   1.00 35.12 ? 139 VAL A N   1 
ATOM   1103 C  CA  . VAL A 1 139 ? -16.999 -15.597 5.912   1.00 35.28 ? 139 VAL A CA  1 
ATOM   1104 C  C   . VAL A 1 139 ? -17.983 -15.267 7.049   1.00 35.05 ? 139 VAL A C   1 
ATOM   1105 O  O   . VAL A 1 139 ? -19.188 -15.406 6.885   1.00 34.51 ? 139 VAL A O   1 
ATOM   1106 C  CB  . VAL A 1 139 ? -16.375 -17.016 6.096   1.00 35.32 ? 139 VAL A CB  1 
ATOM   1107 C  CG1 . VAL A 1 139 ? -17.441 -18.049 6.467   1.00 36.67 ? 139 VAL A CG1 1 
ATOM   1108 C  CG2 . VAL A 1 139 ? -15.662 -17.430 4.813   1.00 37.33 ? 139 VAL A CG2 1 
ATOM   1109 N  N   . LEU A 1 140 ? -17.465 -14.810 8.190   1.00 34.71 ? 140 LEU A N   1 
ATOM   1110 C  CA  . LEU A 1 140 ? -18.332 -14.595 9.326   1.00 34.63 ? 140 LEU A CA  1 
ATOM   1111 C  C   . LEU A 1 140 ? -19.214 -13.399 9.044   1.00 34.74 ? 140 LEU A C   1 
ATOM   1112 O  O   . LEU A 1 140 ? -20.390 -13.422 9.433   1.00 33.77 ? 140 LEU A O   1 
ATOM   1113 C  CB  . LEU A 1 140 ? -17.553 -14.360 10.632  1.00 34.22 ? 140 LEU A CB  1 
ATOM   1114 C  CG  . LEU A 1 140 ? -16.993 -15.675 11.194  1.00 36.42 ? 140 LEU A CG  1 
ATOM   1115 C  CD1 . LEU A 1 140 ? -16.143 -15.420 12.468  1.00 34.92 ? 140 LEU A CD1 1 
ATOM   1116 C  CD2 . LEU A 1 140 ? -18.067 -16.705 11.449  1.00 37.37 ? 140 LEU A CD2 1 
ATOM   1117 N  N   . LEU A 1 141 ? -18.623 -12.357 8.449   1.00 33.76 ? 141 LEU A N   1 
ATOM   1118 C  CA  . LEU A 1 141 ? -19.356 -11.120 8.097   1.00 34.49 ? 141 LEU A CA  1 
ATOM   1119 C  C   . LEU A 1 141 ? -20.524 -11.441 7.176   1.00 34.48 ? 141 LEU A C   1 
ATOM   1120 O  O   . LEU A 1 141 ? -21.657 -11.008 7.425   1.00 36.43 ? 141 LEU A O   1 
ATOM   1121 C  CB  . LEU A 1 141 ? -18.416 -10.068 7.462   1.00 34.39 ? 141 LEU A CB  1 
ATOM   1122 C  CG  . LEU A 1 141 ? -17.547 -9.225  8.430   1.00 35.50 ? 141 LEU A CG  1 
ATOM   1123 C  CD1 . LEU A 1 141 ? -16.391 -8.509  7.646   1.00 32.83 ? 141 LEU A CD1 1 
ATOM   1124 C  CD2 . LEU A 1 141 ? -18.412 -8.218  9.246   1.00 33.65 ? 141 LEU A CD2 1 
ATOM   1125 N  N   . ILE A 1 142 ? -20.282 -12.247 6.155   1.00 35.00 ? 142 ILE A N   1 
ATOM   1126 C  CA  . ILE A 1 142 ? -21.354 -12.724 5.248   1.00 36.72 ? 142 ILE A CA  1 
ATOM   1127 C  C   . ILE A 1 142 ? -22.414 -13.608 5.956   1.00 36.72 ? 142 ILE A C   1 
ATOM   1128 O  O   . ILE A 1 142 ? -23.620 -13.365 5.809   1.00 35.58 ? 142 ILE A O   1 
ATOM   1129 C  CB  . ILE A 1 142 ? -20.759 -13.513 4.080   1.00 36.91 ? 142 ILE A CB  1 
ATOM   1130 C  CG1 . ILE A 1 142 ? -19.786 -12.617 3.266   1.00 40.09 ? 142 ILE A CG1 1 
ATOM   1131 C  CG2 . ILE A 1 142 ? -21.867 -14.113 3.153   1.00 38.41 ? 142 ILE A CG2 1 
ATOM   1132 C  CD1 . ILE A 1 142 ? -19.066 -13.377 2.118   1.00 38.61 ? 142 ILE A CD1 1 
ATOM   1133 N  N   . GLU A 1 143 ? -21.971 -14.617 6.720   1.00 35.69 ? 143 GLU A N   1 
ATOM   1134 C  CA  . GLU A 1 143 ? -22.906 -15.533 7.380   1.00 38.38 ? 143 GLU A CA  1 
ATOM   1135 C  C   . GLU A 1 143 ? -23.769 -14.816 8.424   1.00 37.51 ? 143 GLU A C   1 
ATOM   1136 O  O   . GLU A 1 143 ? -24.920 -15.162 8.634   1.00 35.71 ? 143 GLU A O   1 
ATOM   1137 C  CB  . GLU A 1 143 ? -22.150 -16.673 8.075   1.00 38.81 ? 143 GLU A CB  1 
ATOM   1138 C  CG  . GLU A 1 143 ? -21.461 -17.699 7.106   1.00 43.29 ? 143 GLU A CG  1 
ATOM   1139 C  CD  . GLU A 1 143 ? -20.710 -18.839 7.854   1.00 42.95 ? 143 GLU A CD  1 
ATOM   1140 O  OE1 . GLU A 1 143 ? -20.353 -18.677 9.072   1.00 48.61 ? 143 GLU A OE1 1 
ATOM   1141 O  OE2 . GLU A 1 143 ? -20.459 -19.886 7.204   1.00 45.65 ? 143 GLU A OE2 1 
ATOM   1142 N  N   . SER A 1 144 ? -23.204 -13.799 9.081   1.00 37.79 ? 144 SER A N   1 
ATOM   1143 C  CA  . SER A 1 144 ? -23.955 -13.080 10.122  1.00 38.76 ? 144 SER A CA  1 
ATOM   1144 C  C   . SER A 1 144 ? -24.801 -11.940 9.543   1.00 39.02 ? 144 SER A C   1 
ATOM   1145 O  O   . SER A 1 144 ? -25.478 -11.231 10.289  1.00 39.28 ? 144 SER A O   1 
ATOM   1146 C  CB  . SER A 1 144 ? -23.014 -12.520 11.183  1.00 35.65 ? 144 SER A CB  1 
ATOM   1147 O  OG  . SER A 1 144 ? -22.139 -11.587 10.616  1.00 40.16 ? 144 SER A OG  1 
ATOM   1148 N  N   . ASN A 1 145 ? -24.767 -11.798 8.223   1.00 39.25 ? 145 ASN A N   1 
ATOM   1149 C  CA  . ASN A 1 145 ? -25.402 -10.699 7.514   1.00 41.06 ? 145 ASN A CA  1 
ATOM   1150 C  C   . ASN A 1 145 ? -24.949 -9.296  7.997   1.00 41.70 ? 145 ASN A C   1 
ATOM   1151 O  O   . ASN A 1 145 ? -25.748 -8.359  8.088   1.00 42.62 ? 145 ASN A O   1 
ATOM   1152 C  CB  . ASN A 1 145 ? -26.952 -10.881 7.515   1.00 40.07 ? 145 ASN A CB  1 
ATOM   1153 C  CG  . ASN A 1 145 ? -27.630 -10.098 6.405   1.00 42.33 ? 145 ASN A CG  1 
ATOM   1154 O  OD1 . ASN A 1 145 ? -27.045 -9.864  5.338   1.00 43.50 ? 145 ASN A OD1 1 
ATOM   1155 N  ND2 . ASN A 1 145 ? -28.864 -9.668  6.652   1.00 37.89 ? 145 ASN A ND2 1 
ATOM   1156 N  N   . HIS A 1 146 ? -23.651 -9.146  8.242   1.00 42.78 ? 146 HIS A N   1 
ATOM   1157 C  CA  . HIS A 1 146 ? -23.084 -7.923  8.800   1.00 43.44 ? 146 HIS A CA  1 
ATOM   1158 C  C   . HIS A 1 146 ? -22.049 -7.339  7.827   1.00 44.64 ? 146 HIS A C   1 
ATOM   1159 O  O   . HIS A 1 146 ? -21.251 -6.478  8.190   1.00 43.92 ? 146 HIS A O   1 
ATOM   1160 C  CB  . HIS A 1 146 ? -22.487 -8.157  10.217  1.00 43.07 ? 146 HIS A CB  1 
ATOM   1161 C  CG  . HIS A 1 146 ? -23.495 -8.083  11.330  1.00 45.18 ? 146 HIS A CG  1 
ATOM   1162 N  ND1 . HIS A 1 146 ? -23.728 -6.933  12.060  1.00 48.05 ? 146 HIS A ND1 1 
ATOM   1163 C  CD2 . HIS A 1 146 ? -24.340 -9.017  11.832  1.00 49.13 ? 146 HIS A CD2 1 
ATOM   1164 C  CE1 . HIS A 1 146 ? -24.679 -7.157  12.954  1.00 49.39 ? 146 HIS A CE1 1 
ATOM   1165 N  NE2 . HIS A 1 146 ? -25.071 -8.415  12.837  1.00 49.58 ? 146 HIS A NE2 1 
ATOM   1166 N  N   . LEU A 1 147 ? -22.078 -7.797  6.575   1.00 45.61 ? 147 LEU A N   1 
ATOM   1167 C  CA  . LEU A 1 147 ? -21.161 -7.267  5.584   1.00 47.71 ? 147 LEU A CA  1 
ATOM   1168 C  C   . LEU A 1 147 ? -21.542 -5.787  5.271   1.00 49.50 ? 147 LEU A C   1 
ATOM   1169 O  O   . LEU A 1 147 ? -22.719 -5.467  5.064   1.00 48.87 ? 147 LEU A O   1 
ATOM   1170 C  CB  . LEU A 1 147 ? -21.096 -8.181  4.343   1.00 46.69 ? 147 LEU A CB  1 
ATOM   1171 C  CG  . LEU A 1 147 ? -19.978 -7.931  3.308   1.00 47.85 ? 147 LEU A CG  1 
ATOM   1172 C  CD1 . LEU A 1 147 ? -18.568 -8.287  3.839   1.00 46.84 ? 147 LEU A CD1 1 
ATOM   1173 C  CD2 . LEU A 1 147 ? -20.268 -8.673  2.007   1.00 48.08 ? 147 LEU A CD2 1 
ATOM   1174 N  N   . PRO A 1 148 ? -20.551 -4.878  5.321   1.00 52.14 ? 148 PRO A N   1 
ATOM   1175 C  CA  . PRO A 1 148 ? -20.824 -3.476  4.972   1.00 54.38 ? 148 PRO A CA  1 
ATOM   1176 C  C   . PRO A 1 148 ? -21.289 -3.374  3.527   1.00 56.22 ? 148 PRO A C   1 
ATOM   1177 O  O   . PRO A 1 148 ? -20.944 -4.213  2.690   1.00 56.64 ? 148 PRO A O   1 
ATOM   1178 C  CB  . PRO A 1 148 ? -19.480 -2.770  5.172   1.00 54.42 ? 148 PRO A CB  1 
ATOM   1179 C  CG  . PRO A 1 148 ? -18.578 -3.740  5.864   1.00 54.29 ? 148 PRO A CG  1 
ATOM   1180 C  CD  . PRO A 1 148 ? -19.134 -5.119  5.680   1.00 52.31 ? 148 PRO A CD  1 
ATOM   1181 N  N   . THR A 1 149 ? -22.125 -2.390  3.230   1.00 59.24 ? 149 THR A N   1 
ATOM   1182 C  CA  . THR A 1 149 ? -22.807 -2.406  1.924   1.00 60.81 ? 149 THR A CA  1 
ATOM   1183 C  C   . THR A 1 149 ? -22.486 -1.213  1.028   1.00 61.87 ? 149 THR A C   1 
ATOM   1184 O  O   . THR A 1 149 ? -21.646 -0.363  1.372   1.00 61.67 ? 149 THR A O   1 
ATOM   1185 C  CB  . THR A 1 149 ? -24.350 -2.566  2.062   1.00 60.91 ? 149 THR A CB  1 
ATOM   1186 O  OG1 . THR A 1 149 ? -24.851 -1.580  2.975   1.00 61.78 ? 149 THR A OG1 1 
ATOM   1187 C  CG2 . THR A 1 149 ? -24.723 -3.975  2.551   1.00 61.50 ? 149 THR A CG2 1 
ATOM   1188 N  N   . ILE A 1 150 ? -23.176 -1.196  -0.121  1.00 63.27 ? 150 ILE A N   1 
ATOM   1189 C  CA  . ILE A 1 150 ? -23.112 -0.148  -1.153  1.00 64.43 ? 150 ILE A CA  1 
ATOM   1190 C  C   . ILE A 1 150 ? -21.714 0.005   -1.778  1.00 65.30 ? 150 ILE A C   1 
ATOM   1191 O  O   . ILE A 1 150 ? -21.549 -0.162  -3.000  1.00 65.79 ? 150 ILE A O   1 
ATOM   1192 C  CB  . ILE A 1 150 ? -23.657 1.204   -0.627  1.00 64.32 ? 150 ILE A CB  1 
HETATM 1193 O  O   . HOH B 2 .   ? -1.060  9.554   -10.546 1.00 22.52 ? 158 HOH A O   1 
HETATM 1194 O  O   . HOH B 2 .   ? 2.611   -0.423  4.692   1.00 28.86 ? 159 HOH A O   1 
HETATM 1195 O  O   . HOH B 2 .   ? -9.634  -13.273 14.344  1.00 27.97 ? 160 HOH A O   1 
HETATM 1196 O  O   . HOH B 2 .   ? -5.988  10.369  1.657   1.00 26.26 ? 161 HOH A O   1 
HETATM 1197 O  O   . HOH B 2 .   ? 4.743   4.611   -8.930  1.00 28.56 ? 162 HOH A O   1 
HETATM 1198 O  O   . HOH B 2 .   ? 1.008   -4.546  -2.511  1.00 34.92 ? 163 HOH A O   1 
HETATM 1199 O  O   . HOH B 2 .   ? 32.789  8.412   -4.583  1.00 35.01 ? 164 HOH A O   1 
HETATM 1200 O  O   . HOH B 2 .   ? -8.882  2.284   1.111   1.00 24.21 ? 165 HOH A O   1 
HETATM 1201 O  O   . HOH B 2 .   ? -1.899  10.638  -4.924  1.00 29.24 ? 166 HOH A O   1 
HETATM 1202 O  O   . HOH B 2 .   ? 5.049   -2.309  4.654   1.00 31.28 ? 167 HOH A O   1 
HETATM 1203 O  O   . HOH B 2 .   ? -10.333 2.644   3.486   1.00 33.60 ? 168 HOH A O   1 
HETATM 1204 O  O   . HOH B 2 .   ? -12.004 -12.418 13.106  1.00 33.62 ? 169 HOH A O   1 
HETATM 1205 O  O   . HOH B 2 .   ? -3.587  -0.094  2.037   1.00 24.62 ? 170 HOH A O   1 
HETATM 1206 O  O   . HOH B 2 .   ? -16.745 -0.226  7.436   1.00 33.46 ? 171 HOH A O   1 
HETATM 1207 O  O   . HOH B 2 .   ? 3.655   -7.165  -0.275  1.00 45.33 ? 172 HOH A O   1 
HETATM 1208 O  O   . HOH B 2 .   ? 17.298  3.835   -12.094 1.00 36.11 ? 173 HOH A O   1 
HETATM 1209 O  O   . HOH B 2 .   ? 23.793  16.591  -6.026  1.00 32.63 ? 174 HOH A O   1 
HETATM 1210 O  O   . HOH B 2 .   ? -0.801  -3.878  12.110  1.00 34.04 ? 175 HOH A O   1 
HETATM 1211 O  O   . HOH B 2 .   ? 11.623  6.488   3.322   1.00 36.64 ? 176 HOH A O   1 
HETATM 1212 O  O   . HOH B 2 .   ? 1.750   -3.225  11.303  1.00 36.83 ? 177 HOH A O   1 
HETATM 1213 O  O   . HOH B 2 .   ? -2.242  -0.645  4.319   1.00 32.13 ? 178 HOH A O   1 
HETATM 1214 O  O   . HOH B 2 .   ? 2.690   -14.886 -0.608  1.00 53.24 ? 179 HOH A O   1 
HETATM 1215 O  O   . HOH B 2 .   ? -6.279  -6.257  17.577  1.00 32.78 ? 180 HOH A O   1 
HETATM 1216 O  O   . HOH B 2 .   ? 3.708   7.452   -12.255 1.00 36.83 ? 181 HOH A O   1 
HETATM 1217 O  O   . HOH B 2 .   ? -1.746  14.300  7.185   1.00 35.38 ? 182 HOH A O   1 
HETATM 1218 O  O   . HOH B 2 .   ? -17.566 -19.809 9.633   1.00 47.23 ? 183 HOH A O   1 
HETATM 1219 O  O   . HOH B 2 .   ? -14.971 -17.931 9.596   1.00 39.93 ? 184 HOH A O   1 
HETATM 1220 O  O   . HOH B 2 .   ? -5.915  -0.118  -7.538  1.00 38.09 ? 185 HOH A O   1 
HETATM 1221 O  O   . HOH B 2 .   ? -0.668  -8.107  -0.363  1.00 40.59 ? 186 HOH A O   1 
HETATM 1222 O  O   . HOH B 2 .   ? 2.452   -1.631  7.007   1.00 46.49 ? 187 HOH A O   1 
HETATM 1223 O  O   . HOH B 2 .   ? 7.990   17.579  -1.960  1.00 37.73 ? 188 HOH A O   1 
HETATM 1224 O  O   . HOH B 2 .   ? 16.733  5.914   -13.860 1.00 39.56 ? 189 HOH A O   1 
HETATM 1225 O  O   . HOH B 2 .   ? -4.582  -6.911  -4.656  1.00 38.28 ? 190 HOH A O   1 
HETATM 1226 O  O   . HOH B 2 .   ? -16.951 -1.351  12.094  1.00 35.83 ? 191 HOH A O   1 
HETATM 1227 O  O   . HOH B 2 .   ? 6.369   18.091  -3.947  1.00 47.75 ? 192 HOH A O   1 
HETATM 1228 O  O   . HOH B 2 .   ? -5.420  -2.421  11.899  1.00 34.26 ? 193 HOH A O   1 
HETATM 1229 O  O   . HOH B 2 .   ? 0.877   -5.877  -0.139  1.00 35.41 ? 194 HOH A O   1 
HETATM 1230 O  O   . HOH B 2 .   ? 21.084  10.182  1.497   1.00 34.85 ? 195 HOH A O   1 
HETATM 1231 O  O   . HOH B 2 .   ? 13.606  10.786  -14.597 1.00 37.12 ? 196 HOH A O   1 
HETATM 1232 O  O   . HOH B 2 .   ? 6.525   4.496   5.376   1.00 38.86 ? 197 HOH A O   1 
HETATM 1233 O  O   . HOH B 2 .   ? -13.117 -17.679 -5.235  1.00 46.39 ? 198 HOH A O   1 
HETATM 1234 O  O   . HOH B 2 .   ? 9.990   -11.909 5.454   1.00 57.85 ? 199 HOH A O   1 
HETATM 1235 O  O   . HOH B 2 .   ? -2.937  -2.661  11.102  1.00 28.56 ? 200 HOH A O   1 
HETATM 1236 O  O   . HOH B 2 .   ? 14.355  5.519   3.900   1.00 45.34 ? 201 HOH A O   1 
HETATM 1237 O  O   . HOH B 2 .   ? -5.321  -4.684  -5.484  1.00 46.09 ? 202 HOH A O   1 
HETATM 1238 O  O   . HOH B 2 .   ? 8.151   10.763  5.001   1.00 46.97 ? 203 HOH A O   1 
HETATM 1239 O  O   . HOH B 2 .   ? -0.932  1.187   5.669   1.00 36.61 ? 204 HOH A O   1 
HETATM 1240 O  O   . HOH B 2 .   ? 6.579   18.433  -6.809  1.00 54.51 ? 205 HOH A O   1 
HETATM 1241 O  O   . HOH B 2 .   ? -8.767  3.393   5.794   1.00 35.55 ? 206 HOH A O   1 
HETATM 1242 O  O   . HOH B 2 .   ? -6.792  -3.686  17.786  1.00 38.94 ? 207 HOH A O   1 
HETATM 1243 O  O   . HOH B 2 .   ? -24.434 -8.929  4.879   1.00 45.95 ? 208 HOH A O   1 
HETATM 1244 O  O   . HOH B 2 .   ? 14.476  1.040   -6.837  1.00 39.33 ? 209 HOH A O   1 
HETATM 1245 O  O   . HOH B 2 .   ? 22.770  9.474   3.478   1.00 53.03 ? 210 HOH A O   1 
HETATM 1246 O  O   . HOH B 2 .   ? -11.575 4.944   2.779   1.00 48.87 ? 211 HOH A O   1 
HETATM 1247 O  O   . HOH B 2 .   ? 1.536   -1.133  9.716   1.00 41.96 ? 212 HOH A O   1 
HETATM 1248 O  O   . HOH B 2 .   ? 16.338  11.543  2.474   1.00 43.50 ? 213 HOH A O   1 
HETATM 1249 O  O   . HOH B 2 .   ? 11.959  -2.087  2.431   1.00 47.25 ? 214 HOH A O   1 
HETATM 1250 O  O   . HOH B 2 .   ? 5.538   0.181   7.283   1.00 47.27 ? 215 HOH A O   1 
HETATM 1251 O  O   . HOH B 2 .   ? 5.811   8.844   -14.285 1.00 49.45 ? 216 HOH A O   1 
HETATM 1252 O  O   . HOH B 2 .   ? -9.921  -19.295 7.049   1.00 53.12 ? 217 HOH A O   1 
HETATM 1253 O  O   . HOH B 2 .   ? -8.637  8.406   3.725   1.00 37.56 ? 218 HOH A O   1 
HETATM 1254 O  O   . HOH B 2 .   ? -4.705  -17.736 10.671  1.00 46.67 ? 219 HOH A O   1 
HETATM 1255 O  O   . HOH B 2 .   ? 6.469   11.883  6.434   1.00 43.96 ? 220 HOH A O   1 
HETATM 1256 O  O   . HOH B 2 .   ? 11.973  1.346   -5.927  1.00 36.18 ? 221 HOH A O   1 
HETATM 1257 O  O   . HOH B 2 .   ? 15.548  -1.419  -6.992  1.00 50.28 ? 222 HOH A O   1 
HETATM 1258 O  O   . HOH B 2 .   ? 15.266  9.182   4.173   1.00 50.56 ? 223 HOH A O   1 
HETATM 1259 O  O   . HOH B 2 .   ? -6.424  15.860  -0.671  1.00 54.56 ? 224 HOH A O   1 
HETATM 1260 O  O   . HOH B 2 .   ? 17.326  -3.404  -2.958  1.00 45.85 ? 225 HOH A O   1 
HETATM 1261 O  O   . HOH B 2 .   ? 7.761   13.782  7.783   1.00 42.08 ? 226 HOH A O   1 
HETATM 1262 O  O   . HOH B 2 .   ? 11.655  0.606   -0.692  1.00 37.42 ? 227 HOH A O   1 
HETATM 1263 O  O   . HOH B 2 .   ? 12.625  4.448   -13.049 1.00 56.80 ? 228 HOH A O   1 
HETATM 1264 O  O   . HOH B 2 .   ? 14.522  4.239   -10.796 1.00 52.63 ? 229 HOH A O   1 
HETATM 1265 O  O   . HOH B 2 .   ? -2.239  16.204  -1.963  1.00 58.81 ? 230 HOH A O   1 
HETATM 1266 O  O   . HOH B 2 .   ? -2.731  14.170  -3.612  1.00 56.67 ? 231 HOH A O   1 
HETATM 1267 O  O   . HOH B 2 .   ? -9.836  4.027   -0.304  1.00 34.32 ? 232 HOH A O   1 
HETATM 1268 O  O   . HOH B 2 .   ? 29.591  4.188   -8.319  1.00 53.96 ? 233 HOH A O   1 
HETATM 1269 O  O   . HOH B 2 .   ? -6.337  2.888   8.754   1.00 52.00 ? 234 HOH A O   1 
HETATM 1270 O  O   . HOH B 2 .   ? -13.066 -11.053 -8.632  1.00 52.52 ? 235 HOH A O   1 
HETATM 1271 O  O   . HOH B 2 .   ? -14.405 -11.441 -6.039  1.00 42.13 ? 236 HOH A O   1 
HETATM 1272 O  O   . HOH B 2 .   ? -17.013 -4.759  13.369  1.00 37.00 ? 237 HOH A O   1 
# 
